data_7CHU
#
_entry.id   7CHU
#
_cell.length_a   63.842
_cell.length_b   150.808
_cell.length_c   84.707
_cell.angle_alpha   90.000
_cell.angle_beta   95.140
_cell.angle_gamma   90.000
#
_symmetry.space_group_name_H-M   'P 1 21 1'
#
loop_
_entity.id
_entity.type
_entity.pdbx_description
1 polymer 'Putative pectin lyase'
2 water water
#
_entity_poly.entity_id   1
_entity_poly.type   'polypeptide(L)'
_entity_poly.pdbx_seq_one_letter_code
;ENKTRWLNPVATFADIATTYPNPQHGDTVMVTDDGENSGSVYRYENGQWNLTQKHNDLAIADVQNKIGILKTIAVNVKEF
GTKGDGVTDDTVAIQNAINSIVSSLNNASGQGGIVYFPTGTYKVTSKITINKSNIRLVGAGMSATCIKSTITNGNPVFEF
VPSDTAQRLCFVGIEKMCIDGQNNDCIGVSLKKISLGRFLDFGVRYCANHGLYIEEVWDTNIIGLYNTDNGDLARNKHGV
YIYNGTSDNSNRLLFIACHFEANNGSHVYFDSTGNRRRNGNNQFIGCKFHGKDPSALPGNNPNTPHMYLDGDVTYVMNCY
FYQCNNDFIKVKGDRNKIIGCDFYNCTGYFVNLTGTSMLNVIDGCSGQYFGSGLAPFNNPTNENFFCSDFIGENRKLGWN
RSYILDQGGRLALFQNVYRSGANFIQPKGTNASFGIQIADNTVDGVAFVGANASGTDNSNVTLTTLLNVTLDGIKPKVPI
TFTPVTASSTLNNSLFVDSADNKLKFKDNTGTVKIVTLT
;
_entity_poly.pdbx_strand_id   A,B,C
#
# COMPACT_ATOMS: atom_id res chain seq x y z
N LYS A 3 45.46 2.79 42.87
CA LYS A 3 45.69 4.16 42.41
C LYS A 3 44.84 5.15 43.20
N THR A 4 43.66 4.71 43.62
CA THR A 4 42.76 5.53 44.41
C THR A 4 42.17 4.71 45.54
N ARG A 5 42.12 5.30 46.74
CA ARG A 5 41.53 4.66 47.92
C ARG A 5 40.71 5.70 48.68
N TRP A 6 39.40 5.61 48.56
CA TRP A 6 38.51 6.57 49.20
C TRP A 6 38.45 6.33 50.70
N LEU A 7 38.73 7.36 51.48
CA LEU A 7 38.59 7.26 52.92
C LEU A 7 37.30 7.94 53.37
N ASN A 8 36.94 7.73 54.64
CA ASN A 8 35.76 8.37 55.19
C ASN A 8 35.95 9.88 55.18
N PRO A 9 34.91 10.65 54.83
CA PRO A 9 35.06 12.10 54.78
C PRO A 9 35.37 12.66 56.16
N VAL A 10 35.85 13.90 56.17
CA VAL A 10 36.08 14.67 57.39
C VAL A 10 35.39 16.02 57.20
N ALA A 11 35.33 16.78 58.30
CA ALA A 11 34.58 18.04 58.28
C ALA A 11 35.37 19.18 57.64
N THR A 12 36.65 19.32 58.00
CA THR A 12 37.46 20.45 57.59
C THR A 12 38.79 19.96 57.04
N PHE A 13 39.44 20.84 56.28
CA PHE A 13 40.75 20.52 55.74
C PHE A 13 41.72 20.16 56.87
N ALA A 14 41.67 20.93 57.96
CA ALA A 14 42.56 20.67 59.10
C ALA A 14 42.34 19.28 59.69
N ASP A 15 41.12 18.73 59.61
CA ASP A 15 40.86 17.40 60.16
C ASP A 15 41.48 16.28 59.34
N ILE A 16 42.01 16.58 58.15
CA ILE A 16 42.62 15.53 57.32
C ILE A 16 43.86 14.98 58.01
N ALA A 17 44.73 15.87 58.50
CA ALA A 17 45.98 15.44 59.12
C ALA A 17 45.74 14.70 60.44
N THR A 18 44.79 15.20 61.24
CA THR A 18 44.51 14.58 62.53
C THR A 18 43.79 13.24 62.41
N THR A 19 43.01 13.03 61.34
CA THR A 19 42.27 11.78 61.22
C THR A 19 43.10 10.70 60.53
N TYR A 20 43.95 11.08 59.59
CA TYR A 20 44.81 10.12 58.89
C TYR A 20 46.24 10.64 58.93
N PRO A 21 46.99 10.30 59.98
CA PRO A 21 48.39 10.73 60.05
C PRO A 21 49.29 9.92 59.13
N ASN A 22 48.78 8.83 58.59
CA ASN A 22 49.57 7.83 57.87
C ASN A 22 49.08 7.68 56.44
N PRO A 23 48.96 8.78 55.68
CA PRO A 23 48.31 8.68 54.37
C PRO A 23 49.22 7.99 53.36
N GLN A 24 48.62 7.09 52.58
CA GLN A 24 49.31 6.37 51.52
C GLN A 24 49.08 7.06 50.17
N HIS A 25 49.84 6.62 49.17
CA HIS A 25 49.66 7.17 47.83
C HIS A 25 48.31 6.73 47.28
N GLY A 26 47.54 7.69 46.79
CA GLY A 26 46.24 7.42 46.22
C GLY A 26 45.08 7.60 47.18
N ASP A 27 45.36 7.79 48.47
CA ASP A 27 44.30 8.05 49.44
C ASP A 27 43.53 9.31 49.04
N THR A 28 42.21 9.22 49.10
CA THR A 28 41.33 10.28 48.63
C THR A 28 40.25 10.50 49.68
N VAL A 29 40.08 11.77 50.07
CA VAL A 29 39.11 12.15 51.10
C VAL A 29 38.43 13.44 50.68
N MET A 30 37.14 13.55 50.98
CA MET A 30 36.39 14.77 50.81
C MET A 30 36.22 15.43 52.18
N VAL A 31 36.30 16.76 52.21
CA VAL A 31 35.91 17.49 53.39
C VAL A 31 34.57 18.16 53.11
N THR A 32 33.67 18.08 54.10
CA THR A 32 32.25 18.24 53.87
C THR A 32 31.59 19.41 54.59
N ASP A 33 32.19 19.93 55.66
CA ASP A 33 31.65 21.06 56.41
C ASP A 33 32.75 22.07 56.70
N ASP A 34 33.42 22.52 55.64
CA ASP A 34 34.49 23.51 55.71
C ASP A 34 34.05 24.86 55.16
N GLY A 35 32.73 25.12 55.14
CA GLY A 35 32.21 26.40 54.68
C GLY A 35 32.21 26.55 53.17
N GLU A 36 32.92 27.57 52.68
CA GLU A 36 33.17 27.71 51.25
C GLU A 36 33.85 26.48 50.67
N ASN A 37 34.76 25.89 51.41
CA ASN A 37 35.55 24.79 50.89
C ASN A 37 34.83 23.45 50.98
N SER A 38 33.57 23.40 51.40
CA SER A 38 32.87 22.13 51.45
C SER A 38 32.79 21.52 50.05
N GLY A 39 32.93 20.21 49.98
CA GLY A 39 32.93 19.49 48.72
C GLY A 39 34.29 19.30 48.09
N SER A 40 35.33 19.95 48.63
CA SER A 40 36.67 19.76 48.11
C SER A 40 37.15 18.34 48.37
N VAL A 41 37.83 17.78 47.37
CA VAL A 41 38.33 16.41 47.40
C VAL A 41 39.85 16.49 47.27
N TYR A 42 40.55 15.85 48.20
CA TYR A 42 42.01 15.92 48.25
C TYR A 42 42.58 14.53 48.03
N ARG A 43 43.67 14.47 47.28
CA ARG A 43 44.35 13.22 46.99
C ARG A 43 45.79 13.31 47.46
N TYR A 44 46.23 12.31 48.21
CA TYR A 44 47.59 12.31 48.72
C TYR A 44 48.51 11.83 47.62
N GLU A 45 49.16 12.77 46.95
CA GLU A 45 50.10 12.49 45.86
C GLU A 45 51.51 12.80 46.34
N ASN A 46 52.45 11.90 46.00
CA ASN A 46 53.85 12.01 46.41
C ASN A 46 53.96 12.18 47.92
N GLY A 47 53.89 13.43 48.40
CA GLY A 47 54.01 13.68 49.83
C GLY A 47 53.14 14.78 50.40
N GLN A 48 52.20 15.30 49.62
CA GLN A 48 51.24 16.31 50.08
C GLN A 48 49.82 15.80 49.86
N TRP A 49 48.88 16.46 50.52
CA TRP A 49 47.48 16.37 50.15
C TRP A 49 47.21 17.42 49.08
N ASN A 50 46.75 16.99 47.91
CA ASN A 50 46.54 17.88 46.77
C ASN A 50 45.06 17.97 46.46
N LEU A 51 44.55 19.19 46.35
CA LEU A 51 43.18 19.39 45.89
C LEU A 51 43.06 18.94 44.44
N THR A 52 42.20 17.96 44.18
CA THR A 52 42.01 17.46 42.82
C THR A 52 40.60 17.66 42.29
N GLN A 53 39.57 17.58 43.15
CA GLN A 53 38.20 17.67 42.67
C GLN A 53 37.38 18.50 43.63
N LYS A 54 36.22 18.97 43.16
CA LYS A 54 35.38 19.84 43.97
C LYS A 54 33.94 19.76 43.50
N HIS A 55 33.02 19.56 44.43
CA HIS A 55 31.60 19.67 44.16
C HIS A 55 31.10 21.04 44.58
N ASN A 56 30.59 21.83 43.62
CA ASN A 56 30.05 23.16 43.89
C ASN A 56 28.53 23.07 43.97
N ASP A 57 27.99 23.35 45.16
CA ASP A 57 26.53 23.36 45.38
C ASP A 57 25.84 24.42 44.52
N LEU A 58 26.51 25.56 44.29
CA LEU A 58 25.86 26.63 43.54
C LEU A 58 25.87 26.40 42.02
N ALA A 59 26.63 25.42 41.53
CA ALA A 59 26.59 25.07 40.10
C ALA A 59 25.43 24.15 39.73
N ILE A 60 24.84 23.46 40.70
CA ILE A 60 23.84 22.45 40.36
C ILE A 60 22.59 23.08 39.75
N ALA A 61 22.27 24.32 40.12
CA ALA A 61 21.15 25.02 39.51
C ALA A 61 21.30 25.12 38.00
N ASP A 62 22.50 25.47 37.53
CA ASP A 62 22.72 25.61 36.10
C ASP A 62 22.64 24.27 35.39
N VAL A 63 23.22 23.23 35.98
CA VAL A 63 23.12 21.89 35.42
C VAL A 63 21.66 21.48 35.29
N GLN A 64 20.81 21.93 36.22
CA GLN A 64 19.40 21.59 36.20
C GLN A 64 18.68 22.13 34.97
N ASN A 65 19.15 23.26 34.43
CA ASN A 65 18.53 23.79 33.21
C ASN A 65 18.70 22.83 32.04
N LYS A 66 19.83 22.16 31.94
CA LYS A 66 19.99 21.15 30.90
C LYS A 66 18.99 20.02 31.09
N ILE A 67 18.82 19.57 32.33
CA ILE A 67 17.86 18.51 32.61
C ILE A 67 16.47 18.92 32.15
N GLY A 68 16.05 20.12 32.53
CA GLY A 68 14.71 20.56 32.18
C GLY A 68 14.46 20.56 30.69
N ILE A 69 15.50 20.86 29.91
CA ILE A 69 15.39 20.80 28.45
C ILE A 69 15.18 19.36 28.01
N LEU A 70 15.98 18.42 28.53
CA LEU A 70 15.84 17.02 28.17
C LEU A 70 14.43 16.51 28.46
N LYS A 71 13.82 16.99 29.54
CA LYS A 71 12.50 16.54 29.94
C LYS A 71 11.38 17.04 29.04
N THR A 72 11.65 17.95 28.10
CA THR A 72 10.59 18.41 27.20
C THR A 72 10.23 17.39 26.12
N ILE A 73 10.95 16.27 26.05
CA ILE A 73 10.70 15.27 25.02
C ILE A 73 9.39 14.53 25.30
N ALA A 74 9.04 14.34 26.57
CA ALA A 74 7.86 13.54 26.91
C ALA A 74 7.66 13.58 28.42
N VAL A 75 6.41 13.39 28.82
CA VAL A 75 6.07 13.10 30.20
C VAL A 75 6.23 11.60 30.40
N ASN A 76 7.15 11.21 31.27
CA ASN A 76 7.39 9.81 31.61
C ASN A 76 6.50 9.43 32.79
N VAL A 77 5.68 8.39 32.60
CA VAL A 77 4.78 7.96 33.69
C VAL A 77 5.57 7.58 34.93
N LYS A 78 6.85 7.22 34.79
CA LYS A 78 7.63 6.88 35.98
C LYS A 78 7.79 8.09 36.90
N GLU A 79 7.75 9.31 36.35
CA GLU A 79 7.77 10.52 37.15
C GLU A 79 6.60 10.59 38.12
N PHE A 80 5.54 9.84 37.85
CA PHE A 80 4.32 9.96 38.64
C PHE A 80 4.10 8.74 39.51
N GLY A 81 5.08 7.85 39.59
CA GLY A 81 5.05 6.75 40.55
C GLY A 81 4.66 5.39 40.02
N THR A 82 4.66 5.16 38.71
CA THR A 82 4.43 3.81 38.21
C THR A 82 5.55 2.88 38.66
N LYS A 83 5.23 1.63 38.94
CA LYS A 83 6.26 0.62 39.16
C LYS A 83 6.51 -0.25 37.95
N GLY A 84 5.50 -0.46 37.10
CA GLY A 84 5.73 -1.19 35.88
C GLY A 84 6.15 -2.63 36.11
N ASP A 85 5.73 -3.23 37.23
CA ASP A 85 6.05 -4.63 37.55
C ASP A 85 4.86 -5.56 37.42
N GLY A 86 3.71 -5.08 36.97
CA GLY A 86 2.55 -5.95 36.90
C GLY A 86 1.92 -6.32 38.23
N VAL A 87 2.50 -5.92 39.35
CA VAL A 87 1.97 -6.28 40.67
C VAL A 87 1.28 -5.09 41.33
N THR A 88 1.98 -3.95 41.40
CA THR A 88 1.42 -2.71 41.92
C THR A 88 0.41 -2.15 40.94
N ASP A 89 -0.73 -1.70 41.48
CA ASP A 89 -1.72 -0.98 40.69
C ASP A 89 -1.13 0.34 40.20
N ASP A 90 -0.93 0.46 38.87
CA ASP A 90 -0.36 1.67 38.30
C ASP A 90 -1.43 2.62 37.75
N THR A 91 -2.71 2.36 38.00
CA THR A 91 -3.77 3.13 37.34
C THR A 91 -3.70 4.62 37.68
N VAL A 92 -3.55 4.95 38.97
CA VAL A 92 -3.61 6.35 39.37
C VAL A 92 -2.39 7.11 38.87
N ALA A 93 -1.22 6.47 38.89
CA ALA A 93 -0.01 7.14 38.43
C ALA A 93 -0.09 7.46 36.94
N ILE A 94 -0.62 6.52 36.14
CA ILE A 94 -0.75 6.76 34.71
C ILE A 94 -1.76 7.87 34.45
N GLN A 95 -2.90 7.84 35.13
CA GLN A 95 -3.88 8.92 34.97
C GLN A 95 -3.28 10.28 35.35
N ASN A 96 -2.55 10.32 36.48
CA ASN A 96 -1.91 11.57 36.89
C ASN A 96 -0.93 12.06 35.83
N ALA A 97 -0.16 11.14 35.23
CA ALA A 97 0.76 11.52 34.17
C ALA A 97 0.02 12.14 33.00
N ILE A 98 -1.03 11.48 32.51
CA ILE A 98 -1.84 12.00 31.41
C ILE A 98 -2.48 13.34 31.80
N ASN A 99 -3.02 13.43 33.01
CA ASN A 99 -3.66 14.68 33.46
C ASN A 99 -2.68 15.84 33.55
N SER A 100 -1.37 15.55 33.71
CA SER A 100 -0.38 16.62 33.79
C SER A 100 -0.10 17.26 32.45
N ILE A 101 -0.55 16.65 31.35
CA ILE A 101 -0.41 17.31 30.05
C ILE A 101 -1.33 18.53 30.01
N VAL A 102 -0.77 19.66 29.64
CA VAL A 102 -1.52 20.90 29.50
C VAL A 102 -2.06 20.96 28.07
N SER A 103 -3.39 20.84 27.92
CA SER A 103 -3.96 20.91 26.58
C SER A 103 -5.42 21.33 26.67
N SER A 104 -6.09 21.34 25.52
CA SER A 104 -7.51 21.65 25.45
C SER A 104 -8.12 20.86 24.30
N LEU A 105 -9.23 21.33 23.73
CA LEU A 105 -9.98 20.52 22.77
C LEU A 105 -9.92 21.12 21.37
N ASN A 106 -10.47 20.35 20.43
CA ASN A 106 -10.39 20.64 18.98
C ASN A 106 -8.90 20.70 18.61
N ASN A 107 -8.49 21.63 17.74
CA ASN A 107 -7.11 21.67 17.25
C ASN A 107 -6.10 21.79 18.38
N ALA A 108 -6.35 22.70 19.34
CA ALA A 108 -5.50 22.93 20.52
C ALA A 108 -4.04 23.19 20.12
N SER A 109 -3.85 24.06 19.15
CA SER A 109 -2.53 24.26 18.54
C SER A 109 -1.52 24.71 19.58
N GLY A 110 -0.34 24.10 19.54
CA GLY A 110 0.73 24.49 20.43
C GLY A 110 0.65 23.92 21.82
N GLN A 111 -0.21 22.92 22.04
CA GLN A 111 -0.38 22.28 23.34
C GLN A 111 -0.34 20.77 23.13
N GLY A 112 -0.06 20.03 24.20
CA GLY A 112 -0.12 18.57 24.15
C GLY A 112 1.25 17.93 24.34
N GLY A 113 1.39 16.72 23.85
CA GLY A 113 2.68 16.07 23.86
C GLY A 113 2.56 14.57 24.08
N ILE A 114 3.71 13.95 24.32
CA ILE A 114 3.80 12.50 24.47
C ILE A 114 3.75 12.16 25.96
N VAL A 115 2.98 11.12 26.30
CA VAL A 115 3.07 10.42 27.57
C VAL A 115 3.79 9.10 27.33
N TYR A 116 4.97 8.94 27.90
CA TYR A 116 5.85 7.84 27.56
C TYR A 116 5.83 6.79 28.65
N PHE A 117 5.68 5.53 28.24
CA PHE A 117 5.60 4.37 29.15
C PHE A 117 6.86 3.53 28.93
N PRO A 118 7.83 3.53 29.84
CA PRO A 118 9.03 2.71 29.64
C PRO A 118 8.69 1.23 29.71
N THR A 119 9.64 0.43 29.22
CA THR A 119 9.54 -1.02 29.30
C THR A 119 8.96 -1.47 30.63
N GLY A 120 7.94 -2.32 30.58
CA GLY A 120 7.33 -2.79 31.81
C GLY A 120 5.94 -3.34 31.59
N THR A 121 5.41 -3.89 32.68
CA THR A 121 4.07 -4.44 32.76
C THR A 121 3.29 -3.55 33.71
N TYR A 122 2.22 -2.92 33.22
CA TYR A 122 1.47 -1.93 33.98
C TYR A 122 0.09 -2.49 34.32
N LYS A 123 -0.09 -2.88 35.58
CA LYS A 123 -1.40 -3.35 36.03
C LYS A 123 -2.37 -2.18 36.10
N VAL A 124 -3.49 -2.28 35.38
CA VAL A 124 -4.50 -1.21 35.34
C VAL A 124 -5.83 -1.82 35.76
N THR A 125 -6.49 -1.18 36.74
CA THR A 125 -7.66 -1.76 37.39
C THR A 125 -8.94 -0.98 37.13
N SER A 126 -8.86 0.18 36.50
CA SER A 126 -10.06 0.91 36.13
C SER A 126 -9.71 1.81 34.96
N LYS A 127 -10.76 2.30 34.32
CA LYS A 127 -10.66 3.01 33.06
C LYS A 127 -9.72 4.21 33.18
N ILE A 128 -8.83 4.36 32.21
CA ILE A 128 -7.94 5.52 32.10
C ILE A 128 -8.44 6.39 30.95
N THR A 129 -8.64 7.67 31.21
CA THR A 129 -9.31 8.54 30.26
C THR A 129 -8.34 9.56 29.70
N ILE A 130 -8.45 9.80 28.39
CA ILE A 130 -7.71 10.81 27.67
C ILE A 130 -8.77 11.74 27.08
N ASN A 131 -8.91 12.94 27.65
CA ASN A 131 -10.00 13.83 27.28
C ASN A 131 -9.53 15.11 26.61
N LYS A 132 -8.26 15.22 26.30
CA LYS A 132 -7.73 16.45 25.70
C LYS A 132 -6.97 16.11 24.42
N SER A 133 -6.95 17.07 23.49
CA SER A 133 -6.33 16.88 22.19
C SER A 133 -4.81 16.84 22.29
N ASN A 134 -4.19 16.26 21.25
CA ASN A 134 -2.74 16.26 21.04
C ASN A 134 -2.01 15.42 22.08
N ILE A 135 -2.63 14.35 22.56
CA ILE A 135 -1.98 13.49 23.53
C ILE A 135 -1.66 12.17 22.83
N ARG A 136 -0.40 11.75 22.88
CA ARG A 136 0.03 10.48 22.33
C ARG A 136 0.58 9.61 23.44
N LEU A 137 0.11 8.36 23.51
CA LEU A 137 0.61 7.37 24.46
C LEU A 137 1.65 6.49 23.74
N VAL A 138 2.89 6.55 24.18
CA VAL A 138 4.01 5.89 23.50
C VAL A 138 4.72 5.00 24.50
N GLY A 139 4.94 3.73 24.13
CA GLY A 139 5.74 2.82 24.90
C GLY A 139 7.08 2.48 24.25
N ALA A 140 7.75 1.50 24.83
CA ALA A 140 9.06 1.10 24.35
C ALA A 140 9.02 0.01 23.27
N GLY A 141 7.84 -0.51 22.96
CA GLY A 141 7.68 -1.55 21.97
C GLY A 141 6.33 -2.23 22.11
N MET A 142 5.81 -2.82 21.02
CA MET A 142 4.46 -3.39 20.99
C MET A 142 4.22 -4.47 22.05
N SER A 143 5.27 -5.08 22.59
CA SER A 143 5.13 -5.99 23.73
C SER A 143 5.98 -5.57 24.92
N ALA A 144 7.05 -4.81 24.70
CA ALA A 144 7.94 -4.37 25.77
C ALA A 144 7.19 -3.54 26.81
N THR A 145 6.28 -2.69 26.36
CA THR A 145 5.39 -1.94 27.22
C THR A 145 4.03 -2.61 27.12
N CYS A 146 3.56 -3.21 28.22
CA CYS A 146 2.31 -3.96 28.20
C CYS A 146 1.40 -3.52 29.35
N ILE A 147 0.20 -3.04 29.01
CA ILE A 147 -0.81 -2.70 30.01
C ILE A 147 -1.62 -3.96 30.28
N LYS A 148 -1.64 -4.41 31.53
CA LYS A 148 -2.35 -5.62 31.94
C LYS A 148 -3.63 -5.22 32.67
N SER A 149 -4.77 -5.46 32.04
CA SER A 149 -6.05 -5.02 32.61
C SER A 149 -6.60 -6.04 33.57
N THR A 150 -7.18 -5.57 34.67
CA THR A 150 -8.07 -6.39 35.49
C THR A 150 -9.50 -5.88 35.46
N ILE A 151 -9.80 -4.98 34.53
CA ILE A 151 -11.14 -4.41 34.43
C ILE A 151 -12.13 -5.49 33.96
N THR A 152 -13.22 -5.63 34.68
CA THR A 152 -14.24 -6.62 34.35
C THR A 152 -15.63 -6.04 34.15
N ASN A 153 -15.79 -4.72 34.22
CA ASN A 153 -17.13 -4.13 34.14
C ASN A 153 -17.47 -3.64 32.75
N GLY A 154 -16.73 -4.10 31.73
CA GLY A 154 -17.01 -3.70 30.37
C GLY A 154 -16.41 -2.37 29.97
N ASN A 155 -15.73 -1.67 30.87
CA ASN A 155 -15.11 -0.39 30.52
C ASN A 155 -13.84 -0.60 29.70
N PRO A 156 -13.42 0.43 28.98
CA PRO A 156 -12.13 0.34 28.27
C PRO A 156 -10.95 0.56 29.20
N VAL A 157 -9.80 0.03 28.77
CA VAL A 157 -8.55 0.32 29.48
C VAL A 157 -8.15 1.77 29.24
N PHE A 158 -8.12 2.18 27.97
CA PHE A 158 -7.90 3.58 27.59
C PHE A 158 -9.15 4.07 26.88
N GLU A 159 -9.76 5.12 27.43
CA GLU A 159 -10.90 5.80 26.81
C GLU A 159 -10.43 7.15 26.27
N PHE A 160 -10.49 7.31 24.94
CA PHE A 160 -10.28 8.59 24.28
C PHE A 160 -11.65 9.13 23.90
N VAL A 161 -12.05 10.26 24.48
CA VAL A 161 -13.34 10.88 24.19
C VAL A 161 -13.22 12.34 24.63
N PRO A 162 -13.78 13.31 23.91
CA PRO A 162 -13.70 14.70 24.39
C PRO A 162 -14.46 14.86 25.68
N SER A 163 -13.90 15.64 26.61
CA SER A 163 -14.64 15.94 27.83
C SER A 163 -15.95 16.67 27.52
N ASP A 164 -15.95 17.52 26.50
CA ASP A 164 -17.12 18.23 26.02
C ASP A 164 -17.54 17.60 24.68
N THR A 165 -18.70 16.94 24.64
CA THR A 165 -19.07 16.25 23.39
C THR A 165 -19.67 17.18 22.33
N ALA A 166 -19.71 18.48 22.57
CA ALA A 166 -20.03 19.45 21.53
C ALA A 166 -18.82 19.72 20.63
N GLN A 167 -17.65 19.18 21.00
CA GLN A 167 -16.36 19.37 20.38
C GLN A 167 -15.78 18.02 20.00
N ARG A 168 -14.59 18.05 19.42
CA ARG A 168 -13.90 16.83 19.06
C ARG A 168 -12.55 16.75 19.75
N LEU A 169 -12.05 15.53 19.85
CA LEU A 169 -10.70 15.26 20.28
C LEU A 169 -9.83 15.09 19.03
N CYS A 170 -8.73 15.85 18.94
CA CYS A 170 -7.90 15.82 17.74
C CYS A 170 -6.46 15.40 18.02
N PHE A 171 -5.88 14.70 17.05
CA PHE A 171 -4.45 14.37 17.03
C PHE A 171 -4.03 13.55 18.24
N VAL A 172 -4.85 12.59 18.65
CA VAL A 172 -4.49 11.65 19.72
C VAL A 172 -3.94 10.38 19.09
N GLY A 173 -3.30 9.55 19.90
CA GLY A 173 -2.75 8.32 19.33
C GLY A 173 -2.13 7.43 20.37
N ILE A 174 -1.82 6.21 19.92
CA ILE A 174 -1.07 5.21 20.67
C ILE A 174 0.04 4.70 19.75
N GLU A 175 1.23 4.49 20.31
CA GLU A 175 2.35 3.93 19.55
C GLU A 175 3.13 2.98 20.45
N LYS A 176 3.52 1.84 19.90
CA LYS A 176 4.54 0.98 20.47
C LYS A 176 4.21 0.51 21.90
N MET A 177 3.06 -0.14 22.05
CA MET A 177 2.68 -0.74 23.33
C MET A 177 1.52 -1.70 23.09
N CYS A 178 1.29 -2.59 24.07
CA CYS A 178 0.22 -3.60 24.02
C CYS A 178 -0.77 -3.32 25.16
N ILE A 179 -2.06 -3.51 24.88
CA ILE A 179 -3.09 -3.62 25.90
C ILE A 179 -3.52 -5.08 25.96
N ASP A 180 -3.34 -5.71 27.12
CA ASP A 180 -3.66 -7.12 27.33
C ASP A 180 -4.81 -7.21 28.33
N GLY A 181 -5.99 -7.62 27.82
CA GLY A 181 -7.20 -7.69 28.65
C GLY A 181 -7.25 -8.88 29.58
N GLN A 182 -6.31 -9.82 29.44
CA GLN A 182 -6.21 -11.01 30.29
C GLN A 182 -7.52 -11.79 30.32
N ASN A 183 -8.25 -11.76 29.20
CA ASN A 183 -9.54 -12.45 29.05
C ASN A 183 -10.61 -11.89 29.97
N ASN A 184 -10.37 -10.71 30.53
CA ASN A 184 -11.38 -10.05 31.33
C ASN A 184 -12.39 -9.31 30.44
N ASP A 185 -13.54 -9.00 31.03
CA ASP A 185 -14.59 -8.25 30.33
C ASP A 185 -14.25 -6.76 30.36
N CYS A 186 -13.36 -6.36 29.44
CA CYS A 186 -12.96 -4.98 29.25
C CYS A 186 -12.81 -4.74 27.75
N ILE A 187 -12.96 -3.47 27.34
CA ILE A 187 -12.58 -3.01 26.02
C ILE A 187 -11.10 -2.63 26.07
N GLY A 188 -10.33 -2.95 25.04
CA GLY A 188 -8.93 -2.59 25.09
C GLY A 188 -8.76 -1.09 24.96
N VAL A 189 -9.26 -0.55 23.85
CA VAL A 189 -9.13 0.87 23.55
C VAL A 189 -10.46 1.33 23.00
N SER A 190 -10.96 2.45 23.52
CA SER A 190 -12.18 3.07 23.04
C SER A 190 -11.87 4.43 22.46
N LEU A 191 -12.38 4.68 21.25
CA LEU A 191 -12.19 5.94 20.53
C LEU A 191 -13.56 6.51 20.17
N LYS A 192 -13.79 7.78 20.50
CA LYS A 192 -15.09 8.38 20.23
C LYS A 192 -14.93 9.86 19.95
N LYS A 193 -15.54 10.33 18.85
CA LYS A 193 -15.55 11.74 18.47
C LYS A 193 -14.12 12.29 18.34
N ILE A 194 -13.28 11.50 17.67
CA ILE A 194 -11.87 11.81 17.49
C ILE A 194 -11.67 12.19 16.03
N SER A 195 -10.79 13.17 15.80
CA SER A 195 -10.36 13.53 14.45
C SER A 195 -8.84 13.43 14.38
N LEU A 196 -8.34 13.02 13.22
CA LEU A 196 -6.90 13.11 12.90
C LEU A 196 -6.05 12.33 13.90
N GLY A 197 -6.54 11.16 14.30
CA GLY A 197 -5.74 10.28 15.12
C GLY A 197 -4.62 9.62 14.33
N ARG A 198 -3.53 9.33 15.04
CA ARG A 198 -2.34 8.69 14.45
C ARG A 198 -1.88 7.56 15.38
N PHE A 199 -2.09 6.32 14.97
CA PHE A 199 -1.73 5.15 15.76
C PHE A 199 -0.69 4.33 14.99
N LEU A 200 0.31 3.80 15.71
CA LEU A 200 1.37 3.02 15.03
C LEU A 200 1.81 1.84 15.89
N ASP A 201 1.80 0.64 15.33
CA ASP A 201 2.41 -0.54 15.96
C ASP A 201 1.98 -0.68 17.43
N PHE A 202 0.70 -0.96 17.63
CA PHE A 202 0.22 -1.21 18.97
C PHE A 202 -0.68 -2.43 18.94
N GLY A 203 -0.76 -3.11 20.06
CA GLY A 203 -1.48 -4.38 20.17
C GLY A 203 -2.65 -4.27 21.12
N VAL A 204 -3.73 -4.99 20.80
CA VAL A 204 -4.89 -5.12 21.67
C VAL A 204 -5.26 -6.59 21.63
N ARG A 205 -5.11 -7.27 22.76
CA ARG A 205 -5.22 -8.72 22.77
C ARG A 205 -5.92 -9.19 24.05
N TYR A 206 -6.70 -10.27 23.92
CA TYR A 206 -7.29 -10.98 25.05
C TYR A 206 -8.29 -10.11 25.83
N CYS A 207 -8.99 -9.22 25.12
CA CYS A 207 -10.08 -8.44 25.72
C CYS A 207 -11.39 -9.16 25.41
N ALA A 208 -12.17 -9.46 26.45
CA ALA A 208 -13.41 -10.22 26.21
C ALA A 208 -14.58 -9.33 25.79
N ASN A 209 -14.44 -8.02 25.91
CA ASN A 209 -15.37 -7.09 25.27
C ASN A 209 -14.76 -6.74 23.89
N HIS A 210 -15.19 -5.66 23.27
CA HIS A 210 -14.57 -5.25 22.01
C HIS A 210 -13.07 -5.04 22.23
N GLY A 211 -12.27 -5.36 21.22
CA GLY A 211 -10.84 -5.10 21.32
C GLY A 211 -10.61 -3.62 21.18
N LEU A 212 -11.06 -3.07 20.05
CA LEU A 212 -10.97 -1.65 19.74
C LEU A 212 -12.38 -1.20 19.39
N TYR A 213 -12.93 -0.29 20.18
CA TYR A 213 -14.26 0.26 19.93
C TYR A 213 -14.11 1.65 19.36
N ILE A 214 -14.84 1.93 18.29
CA ILE A 214 -14.66 3.14 17.50
C ILE A 214 -16.05 3.70 17.20
N GLU A 215 -16.32 4.93 17.63
CA GLU A 215 -17.62 5.56 17.43
C GLU A 215 -17.42 6.98 16.94
N GLU A 216 -17.94 7.28 15.77
CA GLU A 216 -17.86 8.61 15.16
C GLU A 216 -16.43 9.14 15.14
N VAL A 217 -15.53 8.38 14.52
CA VAL A 217 -14.12 8.75 14.43
C VAL A 217 -13.81 9.08 12.98
N TRP A 218 -13.12 10.21 12.77
CA TRP A 218 -12.81 10.75 11.46
C TRP A 218 -11.31 10.81 11.20
N ASP A 219 -10.91 10.52 9.97
CA ASP A 219 -9.59 10.89 9.45
C ASP A 219 -8.46 10.37 10.32
N THR A 220 -8.49 9.08 10.62
CA THR A 220 -7.55 8.49 11.55
C THR A 220 -6.78 7.35 10.90
N ASN A 221 -5.44 7.41 10.98
CA ASN A 221 -4.55 6.40 10.41
C ASN A 221 -4.12 5.41 11.48
N ILE A 222 -4.21 4.14 11.17
CA ILE A 222 -3.86 3.06 12.08
C ILE A 222 -2.96 2.11 11.33
N ILE A 223 -1.67 2.12 11.65
CA ILE A 223 -0.65 1.37 10.94
C ILE A 223 -0.11 0.28 11.86
N GLY A 224 -0.08 -0.97 11.38
CA GLY A 224 0.57 -2.04 12.11
C GLY A 224 -0.15 -2.51 13.37
N LEU A 225 -1.45 -2.26 13.49
CA LEU A 225 -2.21 -2.78 14.63
C LEU A 225 -2.18 -4.30 14.64
N TYR A 226 -1.96 -4.87 15.83
CA TYR A 226 -2.01 -6.31 16.08
C TYR A 226 -3.20 -6.56 17.00
N ASN A 227 -4.17 -7.35 16.54
CA ASN A 227 -5.48 -7.46 17.19
C ASN A 227 -5.85 -8.94 17.22
N THR A 228 -5.72 -9.60 18.38
CA THR A 228 -6.02 -11.03 18.47
C THR A 228 -6.79 -11.35 19.75
N ASP A 229 -7.54 -12.47 19.71
CA ASP A 229 -8.19 -13.07 20.89
C ASP A 229 -9.15 -12.10 21.57
N ASN A 230 -9.82 -11.26 20.81
CA ASN A 230 -10.72 -10.24 21.35
C ASN A 230 -12.17 -10.62 21.08
N GLY A 231 -13.07 -10.03 21.85
CA GLY A 231 -14.49 -10.16 21.58
C GLY A 231 -15.10 -11.39 22.20
N ASP A 232 -16.36 -11.63 21.83
CA ASP A 232 -17.18 -12.70 22.38
C ASP A 232 -18.46 -12.76 21.55
N LEU A 233 -18.55 -13.73 20.65
CA LEU A 233 -19.67 -13.78 19.73
C LEU A 233 -21.00 -13.86 20.48
N ALA A 234 -21.05 -14.62 21.58
CA ALA A 234 -22.30 -14.78 22.31
C ALA A 234 -22.81 -13.46 22.87
N ARG A 235 -21.94 -12.46 22.99
CA ARG A 235 -22.36 -11.18 23.51
C ARG A 235 -22.21 -10.08 22.47
N ASN A 236 -22.00 -10.45 21.21
CA ASN A 236 -21.92 -9.47 20.12
C ASN A 236 -20.75 -8.50 20.30
N LYS A 237 -19.62 -9.01 20.81
CA LYS A 237 -18.38 -8.24 20.94
C LYS A 237 -17.35 -8.74 19.94
N HIS A 238 -16.58 -7.81 19.33
CA HIS A 238 -15.78 -8.10 18.16
C HIS A 238 -14.37 -7.51 18.28
N GLY A 239 -13.49 -7.92 17.36
CA GLY A 239 -12.11 -7.45 17.42
C GLY A 239 -12.00 -5.95 17.29
N VAL A 240 -12.61 -5.40 16.25
CA VAL A 240 -12.75 -3.95 16.05
C VAL A 240 -14.21 -3.68 15.74
N TYR A 241 -14.84 -2.79 16.49
CA TYR A 241 -16.25 -2.45 16.29
C TYR A 241 -16.32 -0.98 15.90
N ILE A 242 -16.81 -0.70 14.70
CA ILE A 242 -16.86 0.66 14.16
C ILE A 242 -18.33 1.06 14.05
N TYR A 243 -18.75 2.04 14.87
CA TYR A 243 -20.13 2.47 14.98
C TYR A 243 -20.28 3.90 14.45
N ASN A 244 -21.38 4.19 13.76
CA ASN A 244 -21.53 5.57 13.31
C ASN A 244 -21.97 6.49 14.46
N GLY A 245 -22.66 5.96 15.46
CA GLY A 245 -23.29 6.77 16.48
C GLY A 245 -24.57 7.43 16.01
N THR A 246 -25.11 8.33 16.84
CA THR A 246 -26.42 8.89 16.57
C THR A 246 -26.39 10.22 15.83
N SER A 247 -25.22 10.81 15.61
CA SER A 247 -25.11 12.13 15.00
C SER A 247 -24.51 12.11 13.60
N ASP A 248 -23.38 11.42 13.44
CA ASP A 248 -22.68 11.48 12.18
C ASP A 248 -22.20 10.07 11.83
N ASN A 249 -20.95 9.88 11.42
CA ASN A 249 -20.50 8.54 11.09
C ASN A 249 -19.04 8.39 11.45
N SER A 250 -18.51 7.18 11.26
CA SER A 250 -17.06 6.98 11.21
C SER A 250 -16.65 6.99 9.75
N ASN A 251 -15.59 7.70 9.42
CA ASN A 251 -15.14 7.78 8.04
C ASN A 251 -13.65 8.06 7.99
N ARG A 252 -13.03 7.65 6.89
CA ARG A 252 -11.59 7.84 6.68
C ARG A 252 -10.76 7.22 7.82
N LEU A 253 -11.19 6.07 8.31
CA LEU A 253 -10.35 5.21 9.12
C LEU A 253 -9.48 4.37 8.20
N LEU A 254 -8.15 4.52 8.29
CA LEU A 254 -7.23 3.81 7.42
C LEU A 254 -6.43 2.81 8.25
N PHE A 255 -6.72 1.52 8.07
CA PHE A 255 -5.97 0.44 8.68
C PHE A 255 -4.94 -0.04 7.66
N ILE A 256 -3.66 0.10 7.99
CA ILE A 256 -2.60 -0.19 7.03
C ILE A 256 -1.71 -1.26 7.62
N ALA A 257 -1.55 -2.36 6.89
CA ALA A 257 -0.66 -3.44 7.34
C ALA A 257 -1.06 -3.92 8.74
N CYS A 258 -2.35 -4.07 8.96
CA CYS A 258 -2.83 -4.49 10.27
C CYS A 258 -2.96 -6.01 10.29
N HIS A 259 -3.03 -6.58 11.49
CA HIS A 259 -2.95 -8.03 11.69
C HIS A 259 -4.09 -8.44 12.63
N PHE A 260 -5.14 -9.09 12.09
CA PHE A 260 -6.29 -9.55 12.87
C PHE A 260 -6.26 -11.07 12.89
N GLU A 261 -6.20 -11.67 14.09
CA GLU A 261 -6.04 -13.12 14.11
C GLU A 261 -6.77 -13.73 15.29
N ALA A 262 -7.46 -14.85 15.06
CA ALA A 262 -8.05 -15.66 16.12
C ALA A 262 -8.92 -14.83 17.06
N ASN A 263 -9.75 -13.96 16.49
CA ASN A 263 -10.66 -13.23 17.36
C ASN A 263 -11.87 -14.09 17.65
N ASN A 264 -12.54 -13.80 18.77
CA ASN A 264 -13.69 -14.59 19.17
C ASN A 264 -15.01 -14.00 18.67
N GLY A 265 -15.01 -12.74 18.27
CA GLY A 265 -16.04 -12.19 17.43
C GLY A 265 -15.54 -12.07 16.02
N SER A 266 -16.24 -11.26 15.22
CA SER A 266 -15.70 -10.85 13.93
C SER A 266 -14.41 -10.05 14.11
N HIS A 267 -13.50 -10.13 13.13
CA HIS A 267 -12.32 -9.27 13.20
C HIS A 267 -12.72 -7.81 13.13
N VAL A 268 -13.55 -7.47 12.15
CA VAL A 268 -13.97 -6.10 11.92
C VAL A 268 -15.49 -6.13 11.78
N TYR A 269 -16.20 -5.33 12.57
CA TYR A 269 -17.65 -5.25 12.53
C TYR A 269 -18.06 -3.80 12.35
N PHE A 270 -18.61 -3.46 11.18
CA PHE A 270 -19.14 -2.12 10.93
C PHE A 270 -20.61 -2.12 11.32
N ASP A 271 -21.03 -1.08 12.03
CA ASP A 271 -22.41 -0.93 12.49
C ASP A 271 -22.85 0.47 12.09
N SER A 272 -23.80 0.57 11.16
CA SER A 272 -24.29 1.86 10.68
C SER A 272 -25.71 2.11 11.15
N THR A 273 -26.14 1.43 12.21
CA THR A 273 -27.53 1.54 12.64
C THR A 273 -27.82 2.75 13.53
N GLY A 274 -26.81 3.56 13.87
CA GLY A 274 -27.05 4.60 14.86
C GLY A 274 -27.89 5.77 14.34
N ASN A 275 -27.76 6.10 13.07
CA ASN A 275 -28.53 7.17 12.45
C ASN A 275 -28.41 7.04 10.94
N ARG A 276 -28.94 8.02 10.20
CA ARG A 276 -29.02 7.89 8.76
C ARG A 276 -27.64 7.86 8.09
N ARG A 277 -26.68 8.54 8.69
CA ARG A 277 -25.38 8.73 8.06
C ARG A 277 -24.53 7.48 8.27
N ARG A 278 -24.32 6.74 7.19
CA ARG A 278 -23.65 5.45 7.28
C ARG A 278 -22.14 5.62 7.30
N ASN A 279 -21.47 4.67 7.95
CA ASN A 279 -20.01 4.60 7.92
C ASN A 279 -19.55 4.58 6.47
N GLY A 280 -18.48 5.31 6.20
CA GLY A 280 -18.05 5.43 4.81
C GLY A 280 -16.57 5.72 4.66
N ASN A 281 -16.03 5.34 3.51
CA ASN A 281 -14.70 5.76 3.09
C ASN A 281 -13.62 5.32 4.07
N ASN A 282 -13.77 4.13 4.62
CA ASN A 282 -12.75 3.54 5.46
C ASN A 282 -11.96 2.52 4.64
N GLN A 283 -10.72 2.26 5.05
CA GLN A 283 -9.80 1.50 4.20
C GLN A 283 -9.06 0.45 5.01
N PHE A 284 -8.80 -0.68 4.37
CA PHE A 284 -7.96 -1.75 4.88
C PHE A 284 -6.95 -2.08 3.79
N ILE A 285 -5.68 -1.72 4.01
CA ILE A 285 -4.63 -1.86 2.99
C ILE A 285 -3.64 -2.89 3.51
N GLY A 286 -3.54 -4.01 2.82
CA GLY A 286 -2.56 -5.00 3.19
C GLY A 286 -2.83 -5.71 4.49
N CYS A 287 -4.09 -5.78 4.91
CA CYS A 287 -4.38 -6.34 6.22
C CYS A 287 -4.57 -7.86 6.16
N LYS A 288 -4.30 -8.48 7.30
CA LYS A 288 -4.43 -9.93 7.49
C LYS A 288 -5.67 -10.24 8.31
N PHE A 289 -6.52 -11.19 7.86
CA PHE A 289 -7.72 -11.64 8.57
C PHE A 289 -7.65 -13.16 8.69
N HIS A 290 -7.25 -13.66 9.85
CA HIS A 290 -6.85 -15.06 10.02
C HIS A 290 -7.71 -15.70 11.10
N GLY A 291 -8.27 -16.87 10.80
CA GLY A 291 -9.21 -17.48 11.71
C GLY A 291 -8.56 -18.04 12.97
N LYS A 292 -9.43 -18.61 13.80
CA LYS A 292 -9.06 -19.05 15.14
C LYS A 292 -8.47 -20.45 15.16
N ASP A 293 -8.99 -21.34 14.32
CA ASP A 293 -8.68 -22.77 14.39
C ASP A 293 -8.35 -23.27 13.00
N PRO A 294 -7.07 -23.40 12.66
CA PRO A 294 -6.71 -23.90 11.33
C PRO A 294 -6.81 -25.41 11.15
N SER A 295 -7.09 -26.16 12.22
CA SER A 295 -7.12 -27.62 12.11
C SER A 295 -8.35 -28.12 11.37
N ALA A 296 -9.46 -27.40 11.43
CA ALA A 296 -10.72 -27.87 10.87
C ALA A 296 -11.65 -26.68 10.66
N LEU A 297 -12.54 -26.82 9.68
CA LEU A 297 -13.59 -25.84 9.42
C LEU A 297 -14.91 -26.61 9.35
N PRO A 298 -15.93 -26.27 10.15
CA PRO A 298 -16.10 -25.20 11.13
C PRO A 298 -15.08 -25.24 12.26
N GLY A 299 -14.72 -26.44 12.70
CA GLY A 299 -13.86 -26.59 13.87
C GLY A 299 -14.29 -25.69 15.00
N ASN A 300 -13.31 -25.03 15.63
CA ASN A 300 -13.54 -24.11 16.75
C ASN A 300 -13.74 -22.67 16.27
N ASN A 301 -14.02 -22.47 15.01
CA ASN A 301 -14.04 -21.12 14.51
C ASN A 301 -15.40 -20.48 14.72
N PRO A 302 -15.45 -19.24 15.17
CA PRO A 302 -16.75 -18.63 15.50
C PRO A 302 -17.57 -18.42 14.23
N ASN A 303 -18.88 -18.63 14.38
CA ASN A 303 -19.84 -18.50 13.30
C ASN A 303 -20.18 -17.01 13.15
N THR A 304 -19.30 -16.31 12.43
CA THR A 304 -19.39 -14.87 12.25
C THR A 304 -18.40 -14.48 11.16
N PRO A 305 -18.72 -13.47 10.34
CA PRO A 305 -17.83 -13.14 9.23
C PRO A 305 -16.52 -12.54 9.74
N HIS A 306 -15.47 -12.73 8.93
CA HIS A 306 -14.20 -12.07 9.24
C HIS A 306 -14.37 -10.57 9.21
N MET A 307 -15.11 -10.05 8.22
CA MET A 307 -15.44 -8.63 8.18
C MET A 307 -16.94 -8.51 7.94
N TYR A 308 -17.66 -7.87 8.86
CA TYR A 308 -19.05 -7.49 8.62
C TYR A 308 -19.08 -6.04 8.18
N LEU A 309 -19.45 -5.79 6.93
CA LEU A 309 -19.31 -4.46 6.32
C LEU A 309 -20.68 -3.81 6.10
N ASP A 310 -21.28 -3.32 7.19
CA ASP A 310 -22.44 -2.41 7.10
C ASP A 310 -21.90 -0.99 6.94
N GLY A 311 -21.51 -0.68 5.71
CA GLY A 311 -20.88 0.60 5.38
C GLY A 311 -20.79 0.78 3.88
N ASP A 312 -20.41 2.00 3.47
CA ASP A 312 -20.31 2.36 2.07
C ASP A 312 -18.89 2.79 1.72
N VAL A 313 -18.53 2.63 0.45
CA VAL A 313 -17.25 3.11 -0.08
C VAL A 313 -16.09 2.68 0.80
N THR A 314 -16.07 1.42 1.17
CA THR A 314 -14.93 0.86 1.89
C THR A 314 -13.93 0.32 0.88
N TYR A 315 -12.65 0.47 1.19
CA TYR A 315 -11.59 0.01 0.30
C TYR A 315 -10.89 -1.16 0.99
N VAL A 316 -11.06 -2.36 0.45
CA VAL A 316 -10.38 -3.53 0.99
C VAL A 316 -9.32 -3.93 -0.05
N MET A 317 -8.10 -3.43 0.15
CA MET A 317 -7.02 -3.50 -0.83
C MET A 317 -5.98 -4.51 -0.42
N ASN A 318 -5.73 -5.48 -1.31
CA ASN A 318 -4.70 -6.52 -1.13
C ASN A 318 -4.70 -7.06 0.30
N CYS A 319 -5.87 -7.53 0.73
CA CYS A 319 -5.96 -8.13 2.05
C CYS A 319 -6.02 -9.65 1.93
N TYR A 320 -5.63 -10.28 3.02
CA TYR A 320 -5.49 -11.73 3.14
C TYR A 320 -6.57 -12.25 4.08
N PHE A 321 -7.40 -13.17 3.58
CA PHE A 321 -8.48 -13.79 4.35
C PHE A 321 -8.24 -15.29 4.40
N TYR A 322 -8.34 -15.87 5.60
CA TYR A 322 -8.12 -17.31 5.74
C TYR A 322 -8.94 -17.87 6.89
N GLN A 323 -9.61 -19.00 6.64
CA GLN A 323 -10.25 -19.83 7.65
C GLN A 323 -11.37 -19.10 8.40
N CYS A 324 -12.57 -19.07 7.79
CA CYS A 324 -13.78 -18.42 8.35
C CYS A 324 -15.03 -19.29 8.34
N ASN A 325 -15.66 -19.44 9.49
CA ASN A 325 -16.90 -20.19 9.57
C ASN A 325 -18.12 -19.32 9.27
N ASN A 326 -18.11 -18.72 8.08
CA ASN A 326 -19.11 -17.72 7.66
C ASN A 326 -18.67 -17.15 6.32
N ASP A 327 -19.27 -16.06 5.87
CA ASP A 327 -18.73 -15.33 4.74
C ASP A 327 -17.47 -14.62 5.20
N PHE A 328 -16.44 -14.56 4.36
CA PHE A 328 -15.28 -13.78 4.71
C PHE A 328 -15.61 -12.28 4.82
N ILE A 329 -16.38 -11.76 3.86
CA ILE A 329 -16.83 -10.38 3.88
C ILE A 329 -18.33 -10.39 3.65
N LYS A 330 -19.10 -9.97 4.65
CA LYS A 330 -20.56 -9.89 4.55
C LYS A 330 -20.92 -8.43 4.36
N VAL A 331 -21.39 -8.07 3.16
CA VAL A 331 -21.57 -6.66 2.78
C VAL A 331 -23.03 -6.28 2.91
N LYS A 332 -23.27 -5.12 3.52
CA LYS A 332 -24.55 -4.45 3.50
C LYS A 332 -24.20 -2.99 3.22
N GLY A 333 -24.11 -2.64 1.95
CA GLY A 333 -23.73 -1.30 1.57
C GLY A 333 -23.36 -1.22 0.10
N ASP A 334 -22.94 -0.02 -0.30
CA ASP A 334 -22.75 0.34 -1.69
C ASP A 334 -21.33 0.79 -1.97
N ARG A 335 -20.85 0.48 -3.18
CA ARG A 335 -19.59 0.99 -3.73
C ARG A 335 -18.38 0.62 -2.87
N ASN A 336 -18.46 -0.50 -2.17
CA ASN A 336 -17.25 -0.98 -1.57
C ASN A 336 -16.36 -1.62 -2.64
N LYS A 337 -15.07 -1.67 -2.35
CA LYS A 337 -14.06 -2.12 -3.31
C LYS A 337 -13.21 -3.22 -2.68
N ILE A 338 -13.28 -4.40 -3.27
CA ILE A 338 -12.53 -5.58 -2.85
C ILE A 338 -11.55 -5.86 -3.99
N ILE A 339 -10.30 -5.44 -3.83
CA ILE A 339 -9.36 -5.38 -4.94
C ILE A 339 -8.08 -6.10 -4.53
N GLY A 340 -7.68 -7.10 -5.32
CA GLY A 340 -6.44 -7.80 -5.07
C GLY A 340 -6.42 -8.63 -3.82
N CYS A 341 -7.57 -9.05 -3.31
CA CYS A 341 -7.57 -9.84 -2.09
C CYS A 341 -7.47 -11.32 -2.41
N ASP A 342 -7.05 -12.09 -1.42
CA ASP A 342 -7.05 -13.53 -1.57
C ASP A 342 -7.81 -14.15 -0.40
N PHE A 343 -8.60 -15.17 -0.72
CA PHE A 343 -9.52 -15.82 0.21
C PHE A 343 -9.25 -17.31 0.22
N TYR A 344 -9.06 -17.88 1.39
CA TYR A 344 -8.78 -19.32 1.49
C TYR A 344 -9.59 -19.95 2.62
N ASN A 345 -10.62 -20.71 2.25
CA ASN A 345 -11.34 -21.64 3.12
C ASN A 345 -12.37 -20.94 4.01
N CYS A 346 -13.60 -20.82 3.52
CA CYS A 346 -14.71 -20.37 4.36
C CYS A 346 -15.94 -21.24 4.09
N THR A 347 -16.92 -21.14 4.98
CA THR A 347 -18.13 -21.90 4.87
C THR A 347 -19.21 -21.20 4.05
N GLY A 348 -19.09 -19.87 3.86
CA GLY A 348 -20.03 -19.13 3.03
C GLY A 348 -19.43 -18.65 1.72
N TYR A 349 -19.83 -17.47 1.27
CA TYR A 349 -19.20 -16.82 0.14
C TYR A 349 -17.92 -16.10 0.58
N PHE A 350 -17.00 -15.90 -0.37
CA PHE A 350 -15.90 -14.98 -0.12
C PHE A 350 -16.45 -13.60 0.15
N VAL A 351 -17.37 -13.14 -0.72
CA VAL A 351 -17.99 -11.82 -0.63
C VAL A 351 -19.50 -12.02 -0.81
N ASN A 352 -20.27 -11.71 0.23
CA ASN A 352 -21.72 -11.87 0.24
C ASN A 352 -22.31 -10.47 0.15
N LEU A 353 -22.79 -10.10 -1.03
CA LEU A 353 -23.42 -8.80 -1.24
C LEU A 353 -24.89 -8.94 -0.85
N THR A 354 -25.22 -8.55 0.39
CA THR A 354 -26.56 -8.79 0.92
C THR A 354 -27.52 -7.64 0.63
N GLY A 355 -28.82 -7.95 0.67
CA GLY A 355 -29.84 -6.93 0.61
C GLY A 355 -29.75 -6.17 -0.69
N THR A 356 -29.86 -4.84 -0.61
CA THR A 356 -29.81 -3.98 -1.79
C THR A 356 -28.39 -3.50 -2.14
N SER A 357 -27.34 -4.11 -1.57
CA SER A 357 -25.94 -3.74 -1.85
C SER A 357 -25.72 -3.55 -3.34
N MET A 358 -25.22 -2.38 -3.74
CA MET A 358 -25.09 -2.11 -5.16
C MET A 358 -23.78 -1.42 -5.50
N LEU A 359 -23.28 -1.71 -6.71
CA LEU A 359 -22.08 -1.09 -7.28
C LEU A 359 -20.83 -1.37 -6.43
N ASN A 360 -20.81 -2.47 -5.69
CA ASN A 360 -19.57 -2.98 -5.17
C ASN A 360 -18.75 -3.60 -6.30
N VAL A 361 -17.44 -3.58 -6.16
CA VAL A 361 -16.51 -4.14 -7.16
C VAL A 361 -15.68 -5.21 -6.49
N ILE A 362 -15.52 -6.34 -7.16
CA ILE A 362 -14.58 -7.39 -6.79
C ILE A 362 -13.60 -7.50 -7.96
N ASP A 363 -12.37 -7.06 -7.78
CA ASP A 363 -11.45 -6.89 -8.90
C ASP A 363 -10.05 -7.43 -8.58
N GLY A 364 -9.49 -8.23 -9.49
CA GLY A 364 -8.16 -8.76 -9.28
C GLY A 364 -8.02 -9.71 -8.11
N CYS A 365 -9.10 -10.32 -7.66
CA CYS A 365 -9.06 -11.20 -6.50
C CYS A 365 -8.91 -12.64 -6.94
N SER A 366 -8.54 -13.50 -6.00
CA SER A 366 -8.55 -14.93 -6.28
C SER A 366 -8.72 -15.66 -4.94
N GLY A 367 -8.70 -16.98 -4.99
CA GLY A 367 -8.87 -17.75 -3.79
C GLY A 367 -9.41 -19.14 -4.06
N GLN A 368 -9.60 -19.89 -2.98
CA GLN A 368 -10.01 -21.28 -3.12
C GLN A 368 -10.81 -21.69 -1.89
N TYR A 369 -11.80 -22.56 -2.12
CA TYR A 369 -12.56 -23.26 -1.08
C TYR A 369 -13.58 -22.34 -0.41
N PHE A 370 -14.47 -21.78 -1.21
CA PHE A 370 -15.71 -21.23 -0.69
C PHE A 370 -16.60 -22.38 -0.20
N GLY A 371 -17.75 -22.02 0.35
CA GLY A 371 -18.60 -23.03 0.97
C GLY A 371 -19.18 -24.00 -0.04
N SER A 372 -19.40 -25.23 0.43
CA SER A 372 -19.95 -26.31 -0.40
C SER A 372 -21.21 -25.88 -1.15
N GLY A 373 -21.16 -26.00 -2.47
CA GLY A 373 -22.28 -25.65 -3.34
C GLY A 373 -22.55 -24.17 -3.50
N LEU A 374 -21.67 -23.30 -3.01
CA LEU A 374 -21.85 -21.86 -3.17
C LEU A 374 -20.88 -21.37 -4.25
N ALA A 375 -20.31 -20.18 -4.05
CA ALA A 375 -19.44 -19.60 -5.06
C ALA A 375 -18.58 -18.54 -4.39
N PRO A 376 -17.60 -17.95 -5.11
CA PRO A 376 -16.86 -16.82 -4.52
C PRO A 376 -17.75 -15.68 -4.08
N PHE A 377 -18.81 -15.37 -4.85
CA PHE A 377 -19.78 -14.33 -4.50
C PHE A 377 -21.17 -14.82 -4.87
N ASN A 378 -22.18 -14.17 -4.29
CA ASN A 378 -23.57 -14.57 -4.51
C ASN A 378 -24.10 -13.89 -5.76
N ASN A 379 -25.35 -14.22 -6.14
CA ASN A 379 -26.04 -13.50 -7.19
C ASN A 379 -26.93 -12.45 -6.52
N PRO A 380 -26.50 -11.19 -6.44
CA PRO A 380 -27.22 -10.21 -5.61
C PRO A 380 -28.40 -9.59 -6.34
N THR A 381 -29.26 -8.94 -5.55
CA THR A 381 -30.46 -8.30 -6.07
C THR A 381 -30.15 -7.19 -7.07
N ASN A 382 -29.20 -6.32 -6.74
CA ASN A 382 -28.89 -5.16 -7.57
C ASN A 382 -27.54 -5.33 -8.26
N GLU A 383 -27.25 -4.41 -9.18
CA GLU A 383 -26.02 -4.50 -9.98
C GLU A 383 -24.77 -4.32 -9.12
N ASN A 384 -23.87 -5.29 -9.20
CA ASN A 384 -22.50 -5.17 -8.71
C ASN A 384 -21.56 -5.67 -9.80
N PHE A 385 -20.27 -5.38 -9.66
CA PHE A 385 -19.32 -5.58 -10.75
C PHE A 385 -18.19 -6.50 -10.29
N PHE A 386 -17.73 -7.36 -11.19
CA PHE A 386 -16.58 -8.18 -10.81
C PHE A 386 -15.69 -8.42 -12.01
N CYS A 387 -14.40 -8.56 -11.74
CA CYS A 387 -13.41 -8.88 -12.76
C CYS A 387 -12.25 -9.56 -12.04
N SER A 388 -12.36 -10.89 -11.89
CA SER A 388 -11.40 -11.68 -11.11
C SER A 388 -11.44 -13.12 -11.57
N ASP A 389 -10.40 -13.87 -11.22
CA ASP A 389 -10.32 -15.28 -11.60
C ASP A 389 -10.11 -16.12 -10.34
N PHE A 390 -11.18 -16.77 -9.90
CA PHE A 390 -11.19 -17.63 -8.73
C PHE A 390 -11.12 -19.09 -9.15
N ILE A 391 -10.54 -19.92 -8.29
CA ILE A 391 -10.60 -21.36 -8.52
C ILE A 391 -12.03 -21.84 -8.33
N GLY A 392 -12.54 -22.60 -9.31
CA GLY A 392 -13.89 -23.12 -9.21
C GLY A 392 -14.99 -22.17 -9.61
N GLU A 393 -14.67 -21.08 -10.31
CA GLU A 393 -15.68 -20.14 -10.77
C GLU A 393 -15.42 -19.82 -12.25
N ASN A 394 -16.41 -20.12 -13.09
CA ASN A 394 -16.25 -19.93 -14.51
C ASN A 394 -16.40 -18.47 -14.91
N ARG A 395 -17.24 -17.72 -14.22
CA ARG A 395 -17.46 -16.32 -14.57
C ARG A 395 -16.22 -15.49 -14.22
N LYS A 396 -15.71 -14.73 -15.20
CA LYS A 396 -14.51 -13.91 -15.05
C LYS A 396 -14.80 -12.42 -15.01
N LEU A 397 -15.68 -11.92 -15.86
CA LEU A 397 -16.10 -10.53 -15.81
C LEU A 397 -17.62 -10.50 -15.83
N GLY A 398 -18.22 -9.59 -15.10
CA GLY A 398 -19.67 -9.52 -15.13
C GLY A 398 -20.21 -8.38 -14.30
N TRP A 399 -21.48 -8.08 -14.58
CA TRP A 399 -22.26 -7.18 -13.75
C TRP A 399 -23.71 -7.59 -13.92
N ASN A 400 -24.48 -7.47 -12.83
CA ASN A 400 -25.85 -7.95 -12.87
C ASN A 400 -25.91 -9.38 -13.40
N ARG A 401 -26.64 -9.63 -14.49
CA ARG A 401 -26.71 -10.98 -15.06
C ARG A 401 -26.05 -11.06 -16.43
N SER A 402 -25.04 -10.22 -16.66
CA SER A 402 -24.26 -10.17 -17.90
C SER A 402 -22.85 -10.71 -17.62
N TYR A 403 -22.44 -11.77 -18.31
CA TYR A 403 -21.25 -12.52 -17.92
C TYR A 403 -20.32 -12.77 -19.09
N ILE A 404 -19.02 -12.58 -18.85
CA ILE A 404 -17.96 -13.14 -19.68
C ILE A 404 -17.37 -14.30 -18.90
N LEU A 405 -17.38 -15.48 -19.48
CA LEU A 405 -17.06 -16.65 -18.69
C LEU A 405 -16.36 -17.72 -19.52
N ASP A 406 -15.77 -18.66 -18.80
CA ASP A 406 -15.25 -19.90 -19.34
C ASP A 406 -16.41 -20.89 -19.41
N GLN A 407 -16.80 -21.30 -20.60
CA GLN A 407 -17.90 -22.24 -20.78
C GLN A 407 -17.30 -23.55 -21.32
N GLY A 408 -16.91 -24.42 -20.40
CA GLY A 408 -16.26 -25.66 -20.76
C GLY A 408 -15.08 -25.51 -21.70
N GLY A 409 -14.24 -24.50 -21.47
CA GLY A 409 -13.09 -24.26 -22.33
C GLY A 409 -13.33 -23.28 -23.45
N ARG A 410 -14.56 -22.80 -23.61
CA ARG A 410 -14.89 -21.82 -24.62
C ARG A 410 -14.90 -20.41 -24.02
N LEU A 411 -14.65 -19.41 -24.86
CA LEU A 411 -14.87 -18.02 -24.46
C LEU A 411 -16.34 -17.71 -24.67
N ALA A 412 -17.03 -17.30 -23.61
CA ALA A 412 -18.49 -17.18 -23.69
C ALA A 412 -18.97 -15.82 -23.19
N LEU A 413 -19.99 -15.31 -23.86
CA LEU A 413 -20.62 -14.02 -23.58
C LEU A 413 -22.09 -14.34 -23.36
N PHE A 414 -22.52 -14.40 -22.10
CA PHE A 414 -23.82 -14.95 -21.74
C PHE A 414 -24.67 -13.89 -21.05
N GLN A 415 -25.97 -13.94 -21.31
CA GLN A 415 -26.94 -13.07 -20.67
C GLN A 415 -27.97 -13.94 -19.94
N ASN A 416 -28.01 -13.83 -18.62
CA ASN A 416 -28.99 -14.53 -17.77
C ASN A 416 -28.74 -16.04 -17.75
N VAL A 417 -27.49 -16.46 -17.86
CA VAL A 417 -27.14 -17.86 -17.72
C VAL A 417 -25.63 -17.94 -17.53
N TYR A 418 -25.20 -18.90 -16.72
CA TYR A 418 -23.77 -19.14 -16.55
C TYR A 418 -23.56 -20.60 -16.21
N ARG A 419 -22.35 -21.11 -16.49
CA ARG A 419 -22.03 -22.49 -16.19
C ARG A 419 -21.51 -22.65 -14.76
N SER A 420 -22.10 -23.60 -14.03
CA SER A 420 -21.65 -23.94 -12.68
C SER A 420 -21.46 -25.45 -12.60
N GLY A 421 -20.22 -25.89 -12.47
CA GLY A 421 -19.95 -27.31 -12.55
C GLY A 421 -20.45 -27.85 -13.89
N ALA A 422 -21.29 -28.87 -13.84
CA ALA A 422 -21.91 -29.42 -15.04
C ALA A 422 -23.21 -28.73 -15.42
N ASN A 423 -23.69 -27.80 -14.61
CA ASN A 423 -24.99 -27.20 -14.84
C ASN A 423 -24.87 -25.80 -15.42
N PHE A 424 -25.93 -25.38 -16.09
CA PHE A 424 -26.12 -24.02 -16.54
C PHE A 424 -27.23 -23.40 -15.70
N ILE A 425 -26.90 -22.33 -14.97
CA ILE A 425 -27.81 -21.72 -14.01
C ILE A 425 -28.42 -20.47 -14.62
N GLN A 426 -29.73 -20.34 -14.51
CA GLN A 426 -30.49 -19.18 -14.96
C GLN A 426 -30.83 -18.33 -13.73
N PRO A 427 -30.15 -17.20 -13.52
CA PRO A 427 -30.36 -16.44 -12.27
C PRO A 427 -31.75 -15.86 -12.12
N LYS A 428 -32.29 -15.22 -13.17
CA LYS A 428 -33.62 -14.63 -13.14
C LYS A 428 -34.59 -15.55 -13.87
N GLY A 429 -35.49 -16.20 -13.12
CA GLY A 429 -36.33 -17.24 -13.68
C GLY A 429 -37.43 -16.74 -14.61
N THR A 430 -37.72 -15.44 -14.58
CA THR A 430 -38.78 -14.90 -15.43
C THR A 430 -38.28 -14.48 -16.80
N ASN A 431 -36.96 -14.54 -17.05
CA ASN A 431 -36.39 -14.11 -18.32
C ASN A 431 -35.74 -15.29 -19.02
N ALA A 432 -35.72 -15.24 -20.36
CA ALA A 432 -34.97 -16.21 -21.15
C ALA A 432 -33.46 -16.04 -20.91
N SER A 433 -32.66 -16.88 -21.57
CA SER A 433 -31.21 -16.78 -21.54
C SER A 433 -30.69 -16.90 -22.97
N PHE A 434 -29.65 -16.12 -23.29
CA PHE A 434 -29.02 -16.21 -24.60
C PHE A 434 -27.53 -15.99 -24.42
N GLY A 435 -26.75 -16.54 -25.36
CA GLY A 435 -25.31 -16.34 -25.30
C GLY A 435 -24.61 -16.72 -26.59
N ILE A 436 -23.34 -16.33 -26.65
CA ILE A 436 -22.38 -16.76 -27.67
C ILE A 436 -21.26 -17.49 -26.97
N GLN A 437 -20.85 -18.64 -27.50
CA GLN A 437 -19.68 -19.33 -26.99
C GLN A 437 -18.75 -19.65 -28.15
N ILE A 438 -17.48 -19.35 -27.96
CA ILE A 438 -16.46 -19.42 -29.01
C ILE A 438 -15.48 -20.54 -28.65
N ALA A 439 -15.47 -21.61 -29.44
CA ALA A 439 -14.71 -22.81 -29.14
C ALA A 439 -13.41 -22.82 -29.91
N ASP A 440 -12.53 -23.76 -29.55
CA ASP A 440 -11.35 -24.05 -30.35
C ASP A 440 -11.39 -25.50 -30.86
N ASN A 441 -12.56 -25.91 -31.33
CA ASN A 441 -12.70 -27.17 -32.05
C ASN A 441 -13.62 -26.95 -33.24
N THR A 442 -13.41 -27.73 -34.30
CA THR A 442 -14.05 -27.51 -35.59
C THR A 442 -15.53 -27.89 -35.61
N VAL A 443 -15.98 -28.70 -34.66
CA VAL A 443 -17.41 -29.02 -34.57
C VAL A 443 -18.21 -27.81 -34.05
N ASP A 444 -17.73 -27.13 -33.00
CA ASP A 444 -18.49 -26.06 -32.37
C ASP A 444 -18.33 -24.72 -33.08
N GLY A 445 -17.09 -24.36 -33.43
CA GLY A 445 -16.83 -23.04 -33.99
C GLY A 445 -17.37 -21.97 -33.06
N VAL A 446 -18.01 -20.96 -33.65
CA VAL A 446 -18.73 -19.95 -32.90
C VAL A 446 -20.18 -20.40 -32.80
N ALA A 447 -20.70 -20.58 -31.57
CA ALA A 447 -22.04 -21.08 -31.36
C ALA A 447 -22.92 -20.06 -30.66
N PHE A 448 -24.21 -20.06 -31.03
CA PHE A 448 -25.24 -19.24 -30.45
C PHE A 448 -26.21 -20.15 -29.71
N VAL A 449 -26.54 -19.80 -28.46
CA VAL A 449 -27.23 -20.68 -27.54
C VAL A 449 -28.34 -19.89 -26.87
N GLY A 450 -29.40 -20.59 -26.46
CA GLY A 450 -30.49 -19.95 -25.74
C GLY A 450 -31.39 -20.93 -25.02
N ALA A 451 -32.23 -20.39 -24.15
CA ALA A 451 -33.16 -21.19 -23.35
C ALA A 451 -34.33 -20.30 -22.94
N ASN A 452 -35.50 -20.93 -22.81
CA ASN A 452 -36.66 -20.21 -22.31
C ASN A 452 -36.52 -19.88 -20.83
N ALA A 453 -37.32 -18.91 -20.38
CA ALA A 453 -37.44 -18.65 -18.95
C ALA A 453 -37.92 -19.91 -18.22
N SER A 454 -37.19 -20.27 -17.17
CA SER A 454 -37.51 -21.46 -16.37
C SER A 454 -38.69 -21.25 -15.41
N GLY A 455 -38.95 -20.03 -14.97
CA GLY A 455 -39.92 -19.80 -13.93
C GLY A 455 -39.35 -19.76 -12.52
N THR A 456 -38.12 -20.20 -12.31
CA THR A 456 -37.55 -20.28 -10.97
C THR A 456 -36.14 -19.68 -10.96
N ASP A 457 -35.91 -18.70 -10.08
CA ASP A 457 -34.58 -18.11 -10.01
C ASP A 457 -33.55 -19.16 -9.64
N ASN A 458 -32.37 -19.05 -10.25
CA ASN A 458 -31.19 -19.88 -9.94
C ASN A 458 -31.40 -21.35 -10.26
N SER A 459 -32.33 -21.66 -11.17
CA SER A 459 -32.61 -23.04 -11.58
C SER A 459 -31.65 -23.51 -12.69
N ASN A 460 -31.61 -24.83 -12.88
CA ASN A 460 -30.80 -25.42 -13.95
C ASN A 460 -31.59 -25.46 -15.24
N VAL A 461 -30.96 -25.03 -16.33
CA VAL A 461 -31.60 -25.01 -17.64
C VAL A 461 -30.72 -25.75 -18.66
N THR A 462 -31.35 -26.13 -19.77
CA THR A 462 -30.68 -26.71 -20.92
C THR A 462 -30.50 -25.64 -21.98
N LEU A 463 -29.28 -25.49 -22.49
CA LEU A 463 -29.02 -24.53 -23.55
C LEU A 463 -29.20 -25.21 -24.91
N THR A 464 -30.03 -24.60 -25.75
CA THR A 464 -30.28 -25.07 -27.12
C THR A 464 -29.33 -24.37 -28.07
N THR A 465 -28.62 -25.14 -28.88
CA THR A 465 -27.75 -24.54 -29.88
C THR A 465 -28.61 -24.04 -31.03
N LEU A 466 -28.47 -22.76 -31.36
CA LEU A 466 -29.29 -22.17 -32.43
C LEU A 466 -28.56 -22.06 -33.75
N LEU A 467 -27.23 -21.95 -33.73
CA LEU A 467 -26.45 -21.60 -34.90
C LEU A 467 -24.99 -21.90 -34.59
N ASN A 468 -24.28 -22.51 -35.52
CA ASN A 468 -22.85 -22.67 -35.45
C ASN A 468 -22.22 -22.02 -36.68
N VAL A 469 -21.15 -21.27 -36.47
CA VAL A 469 -20.39 -20.72 -37.57
C VAL A 469 -19.05 -21.44 -37.52
N THR A 470 -18.78 -22.27 -38.52
CA THR A 470 -17.53 -23.03 -38.53
C THR A 470 -16.77 -22.83 -39.83
N LEU A 471 -15.62 -23.51 -39.93
CA LEU A 471 -14.77 -23.41 -41.11
C LEU A 471 -15.42 -24.03 -42.33
N ASP A 472 -16.41 -24.89 -42.17
CA ASP A 472 -16.99 -25.52 -43.33
C ASP A 472 -18.47 -25.16 -43.54
N GLY A 473 -19.06 -24.34 -42.66
CA GLY A 473 -20.37 -23.80 -43.00
C GLY A 473 -21.03 -22.94 -41.94
N ILE A 474 -22.04 -22.17 -42.35
CA ILE A 474 -22.94 -21.46 -41.45
C ILE A 474 -24.11 -22.39 -41.21
N LYS A 475 -24.31 -22.81 -39.95
CA LYS A 475 -25.12 -23.99 -39.63
C LYS A 475 -26.31 -23.64 -38.74
N PRO A 476 -27.43 -23.21 -39.33
CA PRO A 476 -28.60 -22.86 -38.51
C PRO A 476 -29.35 -24.11 -38.07
N LYS A 477 -29.65 -24.18 -36.78
CA LYS A 477 -30.46 -25.27 -36.22
C LYS A 477 -31.93 -24.93 -36.19
N VAL A 478 -32.28 -23.70 -36.54
CA VAL A 478 -33.67 -23.25 -36.66
C VAL A 478 -33.79 -22.57 -38.02
N PRO A 479 -35.01 -22.33 -38.50
CA PRO A 479 -35.16 -21.81 -39.87
C PRO A 479 -34.55 -20.43 -40.04
N ILE A 480 -34.32 -20.09 -41.30
CA ILE A 480 -33.98 -18.72 -41.70
C ILE A 480 -35.30 -18.04 -42.04
N THR A 481 -35.62 -17.00 -41.30
CA THR A 481 -36.93 -16.34 -41.38
C THR A 481 -36.69 -14.92 -41.85
N PHE A 482 -37.06 -14.63 -43.10
CA PHE A 482 -36.72 -13.36 -43.74
C PHE A 482 -37.69 -12.25 -43.36
N THR A 483 -37.14 -11.04 -43.21
CA THR A 483 -37.93 -9.81 -43.19
C THR A 483 -37.94 -9.22 -44.59
N PRO A 484 -39.09 -8.92 -45.18
CA PRO A 484 -39.11 -8.46 -46.58
C PRO A 484 -38.35 -7.14 -46.75
N VAL A 485 -37.58 -7.04 -47.83
CA VAL A 485 -36.84 -5.83 -48.20
C VAL A 485 -37.11 -5.54 -49.67
N THR A 486 -36.71 -4.35 -50.10
CA THR A 486 -36.85 -3.96 -51.49
C THR A 486 -35.79 -4.63 -52.34
N ALA A 487 -36.16 -4.90 -53.60
CA ALA A 487 -35.24 -5.56 -54.52
C ALA A 487 -34.03 -4.68 -54.82
N SER A 488 -34.25 -3.37 -54.97
CA SER A 488 -33.14 -2.48 -55.31
C SER A 488 -32.10 -2.39 -54.20
N SER A 489 -32.44 -2.79 -52.97
CA SER A 489 -31.44 -2.72 -51.91
C SER A 489 -30.48 -3.91 -51.92
N THR A 490 -30.72 -4.92 -52.75
CA THR A 490 -29.97 -6.16 -52.72
C THR A 490 -28.69 -6.04 -53.54
N LEU A 491 -27.62 -6.62 -53.02
CA LEU A 491 -26.39 -6.85 -53.76
C LEU A 491 -26.55 -8.09 -54.65
N ASN A 492 -25.64 -8.25 -55.60
CA ASN A 492 -25.57 -9.47 -56.38
C ASN A 492 -25.41 -10.70 -55.49
N ASN A 493 -26.00 -11.81 -55.93
CA ASN A 493 -25.93 -13.10 -55.24
C ASN A 493 -26.67 -13.06 -53.90
N SER A 494 -27.81 -12.37 -53.88
CA SER A 494 -28.57 -12.12 -52.67
C SER A 494 -29.90 -12.87 -52.68
N LEU A 495 -30.15 -13.62 -51.62
CA LEU A 495 -31.45 -14.25 -51.39
C LEU A 495 -32.25 -13.40 -50.41
N PHE A 496 -33.51 -13.13 -50.73
CA PHE A 496 -34.36 -12.24 -49.93
C PHE A 496 -35.82 -12.52 -50.25
N VAL A 497 -36.71 -12.06 -49.38
CA VAL A 497 -38.13 -11.92 -49.69
C VAL A 497 -38.39 -10.48 -50.09
N ASP A 498 -38.93 -10.30 -51.30
CA ASP A 498 -39.23 -8.98 -51.86
C ASP A 498 -40.46 -8.36 -51.19
N SER A 499 -40.30 -7.18 -50.59
CA SER A 499 -41.44 -6.54 -49.93
C SER A 499 -42.49 -6.05 -50.93
N ALA A 500 -42.17 -5.98 -52.22
CA ALA A 500 -43.17 -5.61 -53.22
C ALA A 500 -44.26 -6.66 -53.34
N ASP A 501 -43.91 -7.95 -53.26
CA ASP A 501 -44.90 -9.00 -53.48
C ASP A 501 -44.76 -10.17 -52.52
N ASN A 502 -43.90 -10.07 -51.50
CA ASN A 502 -43.77 -11.12 -50.48
C ASN A 502 -43.36 -12.47 -51.08
N LYS A 503 -42.58 -12.44 -52.16
CA LYS A 503 -42.07 -13.66 -52.77
C LYS A 503 -40.58 -13.83 -52.47
N LEU A 504 -40.18 -15.09 -52.28
CA LEU A 504 -38.76 -15.42 -52.16
C LEU A 504 -38.10 -15.23 -53.52
N LYS A 505 -37.04 -14.42 -53.55
CA LYS A 505 -36.37 -14.09 -54.82
C LYS A 505 -34.87 -14.19 -54.61
N PHE A 506 -34.15 -14.21 -55.73
CA PHE A 506 -32.70 -14.25 -55.73
C PHE A 506 -32.20 -13.25 -56.78
N LYS A 507 -31.37 -12.30 -56.37
CA LYS A 507 -30.65 -11.49 -57.36
C LYS A 507 -29.34 -12.19 -57.66
N ASP A 508 -29.18 -12.66 -58.89
CA ASP A 508 -28.06 -13.56 -59.14
C ASP A 508 -26.79 -12.77 -59.51
N ASN A 509 -25.77 -13.51 -59.91
CA ASN A 509 -24.47 -12.92 -60.22
C ASN A 509 -24.55 -11.93 -61.37
N THR A 510 -25.58 -11.98 -62.20
CA THR A 510 -25.71 -11.03 -63.30
C THR A 510 -26.42 -9.74 -62.87
N GLY A 511 -26.80 -9.62 -61.59
CA GLY A 511 -27.54 -8.46 -61.14
C GLY A 511 -29.02 -8.49 -61.45
N THR A 512 -29.54 -9.60 -61.93
CA THR A 512 -30.93 -9.74 -62.31
C THR A 512 -31.72 -10.40 -61.18
N VAL A 513 -32.84 -9.79 -60.80
CA VAL A 513 -33.70 -10.36 -59.76
C VAL A 513 -34.57 -11.45 -60.37
N LYS A 514 -34.48 -12.66 -59.83
CA LYS A 514 -35.27 -13.77 -60.30
C LYS A 514 -36.12 -14.35 -59.17
N ILE A 515 -37.25 -14.94 -59.54
CA ILE A 515 -38.13 -15.60 -58.58
C ILE A 515 -37.59 -17.00 -58.32
N VAL A 516 -37.50 -17.38 -57.04
CA VAL A 516 -37.13 -18.75 -56.70
C VAL A 516 -38.37 -19.63 -56.90
N THR A 517 -38.26 -20.60 -57.80
CA THR A 517 -39.44 -21.39 -58.19
C THR A 517 -39.85 -22.35 -57.08
N LEU A 518 -41.13 -22.30 -56.73
CA LEU A 518 -41.72 -23.15 -55.71
C LEU A 518 -42.82 -24.02 -56.33
N THR A 519 -42.96 -25.25 -55.82
CA THR A 519 -44.13 -26.06 -56.25
C THR A 519 -45.12 -26.34 -55.09
N LYS B 3 36.94 3.47 39.54
CA LYS B 3 36.18 2.26 39.25
C LYS B 3 34.70 2.38 39.72
N THR B 4 33.94 3.36 39.24
CA THR B 4 32.69 3.77 39.89
C THR B 4 31.50 3.60 38.95
N ARG B 5 30.45 2.94 39.46
CA ARG B 5 29.15 2.89 38.82
C ARG B 5 28.12 3.51 39.76
N TRP B 6 27.59 4.67 39.38
CA TRP B 6 26.59 5.35 40.20
C TRP B 6 25.23 4.68 40.02
N LEU B 7 24.55 4.42 41.14
CA LEU B 7 23.20 3.89 41.17
C LEU B 7 22.20 5.01 41.47
N ASN B 8 20.94 4.74 41.18
CA ASN B 8 19.90 5.71 41.48
C ASN B 8 19.84 5.96 42.98
N PRO B 9 19.67 7.21 43.41
CA PRO B 9 19.56 7.51 44.84
C PRO B 9 18.42 6.73 45.49
N VAL B 10 18.56 6.50 46.80
CA VAL B 10 17.52 5.88 47.63
C VAL B 10 17.25 6.80 48.82
N ALA B 11 16.15 6.51 49.53
CA ALA B 11 15.74 7.37 50.63
C ALA B 11 16.69 7.27 51.82
N THR B 12 17.05 6.05 52.24
CA THR B 12 17.87 5.85 53.43
C THR B 12 18.81 4.66 53.25
N PHE B 13 19.76 4.55 54.19
CA PHE B 13 20.69 3.42 54.17
C PHE B 13 19.95 2.10 54.20
N ALA B 14 18.85 2.05 54.94
CA ALA B 14 18.05 0.83 54.99
C ALA B 14 17.53 0.41 53.62
N ASP B 15 17.40 1.34 52.67
CA ASP B 15 16.89 1.00 51.34
C ASP B 15 17.96 0.42 50.42
N ILE B 16 19.24 0.52 50.78
CA ILE B 16 20.32 0.08 49.89
C ILE B 16 20.23 -1.42 49.66
N ALA B 17 20.18 -2.20 50.74
CA ALA B 17 20.10 -3.66 50.60
C ALA B 17 18.81 -4.10 49.92
N THR B 18 17.72 -3.38 50.12
CA THR B 18 16.47 -3.84 49.51
C THR B 18 16.38 -3.43 48.05
N THR B 19 17.00 -2.31 47.67
CA THR B 19 16.95 -1.89 46.27
C THR B 19 18.03 -2.55 45.43
N TYR B 20 19.21 -2.77 46.03
CA TYR B 20 20.36 -3.31 45.32
C TYR B 20 20.82 -4.57 46.05
N PRO B 21 20.25 -5.73 45.71
CA PRO B 21 20.57 -6.96 46.45
C PRO B 21 21.83 -7.65 45.95
N ASN B 22 22.42 -7.19 44.84
CA ASN B 22 23.58 -7.82 44.24
C ASN B 22 24.63 -6.76 43.91
N PRO B 23 25.08 -5.99 44.91
CA PRO B 23 26.04 -4.91 44.62
C PRO B 23 27.33 -5.45 44.04
N GLN B 24 27.91 -4.69 43.12
CA GLN B 24 29.20 -5.00 42.52
C GLN B 24 30.24 -3.98 42.95
N HIS B 25 31.50 -4.37 42.83
CA HIS B 25 32.60 -3.51 43.23
C HIS B 25 32.48 -2.15 42.57
N GLY B 26 32.63 -1.08 43.37
CA GLY B 26 32.59 0.27 42.86
C GLY B 26 31.22 0.90 42.73
N ASP B 27 30.15 0.11 42.81
CA ASP B 27 28.80 0.66 42.91
C ASP B 27 28.75 1.77 43.98
N THR B 28 28.11 2.88 43.62
CA THR B 28 28.07 4.08 44.45
C THR B 28 26.64 4.62 44.48
N VAL B 29 26.14 5.00 45.67
CA VAL B 29 24.76 5.44 45.83
C VAL B 29 24.69 6.53 46.91
N MET B 30 23.81 7.50 46.69
CA MET B 30 23.55 8.56 47.64
C MET B 30 22.20 8.33 48.33
N VAL B 31 22.11 8.69 49.61
CA VAL B 31 20.86 8.61 50.35
C VAL B 31 20.33 10.03 50.52
N THR B 32 19.04 10.20 50.36
CA THR B 32 18.46 11.53 50.17
C THR B 32 17.58 12.01 51.31
N ASP B 33 16.97 11.09 52.06
CA ASP B 33 15.97 11.41 53.08
C ASP B 33 16.23 10.55 54.32
N ASP B 34 17.41 10.71 54.89
CA ASP B 34 17.95 9.83 55.92
C ASP B 34 18.29 10.63 57.17
N GLY B 35 17.45 11.60 57.51
CA GLY B 35 17.73 12.43 58.66
C GLY B 35 19.05 13.17 58.49
N GLU B 36 19.83 13.20 59.56
CA GLU B 36 21.10 13.92 59.51
C GLU B 36 22.11 13.26 58.55
N ASN B 37 21.88 12.02 58.14
CA ASN B 37 22.76 11.36 57.19
C ASN B 37 22.37 11.58 55.74
N SER B 38 21.34 12.39 55.49
CA SER B 38 20.98 12.72 54.12
C SER B 38 22.17 13.29 53.36
N GLY B 39 22.34 12.87 52.11
CA GLY B 39 23.47 13.31 51.31
C GLY B 39 24.70 12.43 51.43
N SER B 40 24.66 11.40 52.26
CA SER B 40 25.79 10.49 52.41
C SER B 40 25.91 9.61 51.18
N VAL B 41 27.16 9.35 50.77
CA VAL B 41 27.48 8.60 49.57
C VAL B 41 28.26 7.36 49.97
N TYR B 42 27.75 6.19 49.60
CA TYR B 42 28.35 4.92 49.97
C TYR B 42 28.89 4.22 48.72
N ARG B 43 30.09 3.65 48.86
CA ARG B 43 30.74 2.92 47.78
C ARG B 43 30.96 1.48 48.22
N TYR B 44 30.52 0.53 47.41
CA TYR B 44 30.62 -0.89 47.74
C TYR B 44 32.02 -1.38 47.41
N GLU B 45 32.75 -1.81 48.44
CA GLU B 45 34.13 -2.26 48.30
C GLU B 45 34.41 -3.29 49.38
N ASN B 46 34.98 -4.43 49.00
CA ASN B 46 35.34 -5.48 49.96
C ASN B 46 34.10 -5.98 50.73
N GLY B 47 33.05 -6.31 49.99
CA GLY B 47 31.81 -6.82 50.56
C GLY B 47 31.07 -5.89 51.49
N GLN B 48 31.42 -4.59 51.53
CA GLN B 48 30.83 -3.62 52.46
C GLN B 48 30.50 -2.33 51.73
N TRP B 49 29.50 -1.63 52.25
CA TRP B 49 29.23 -0.25 51.84
C TRP B 49 30.03 0.70 52.72
N ASN B 50 30.80 1.59 52.11
CA ASN B 50 31.71 2.46 52.83
C ASN B 50 31.35 3.91 52.54
N LEU B 51 31.18 4.71 53.60
CA LEU B 51 30.95 6.14 53.42
C LEU B 51 32.20 6.77 52.79
N THR B 52 32.02 7.48 51.67
CA THR B 52 33.11 8.12 50.96
C THR B 52 32.91 9.61 50.73
N GLN B 53 31.67 10.08 50.69
CA GLN B 53 31.38 11.49 50.42
C GLN B 53 30.12 11.87 51.18
N LYS B 54 29.87 13.18 51.26
CA LYS B 54 28.67 13.64 51.93
C LYS B 54 28.31 15.01 51.39
N HIS B 55 27.08 15.14 50.89
CA HIS B 55 26.60 16.40 50.36
C HIS B 55 25.74 17.11 51.39
N ASN B 56 25.74 18.44 51.29
CA ASN B 56 24.86 19.29 52.08
C ASN B 56 23.61 19.66 51.28
N ASP B 57 23.78 20.41 50.20
CA ASP B 57 22.65 20.64 49.30
C ASP B 57 22.33 19.35 48.57
N LEU B 58 21.08 18.89 48.68
CA LEU B 58 20.64 17.63 48.10
C LEU B 58 20.14 17.78 46.66
N ALA B 59 20.25 18.97 46.09
CA ALA B 59 19.80 19.15 44.71
C ALA B 59 20.46 18.15 43.78
N ILE B 60 21.73 17.79 44.07
CA ILE B 60 22.44 16.81 43.25
C ILE B 60 21.65 15.50 43.17
N ALA B 61 20.99 15.10 44.25
CA ALA B 61 20.20 13.88 44.23
C ALA B 61 18.96 14.03 43.38
N ASP B 62 18.42 15.25 43.33
CA ASP B 62 17.26 15.49 42.46
C ASP B 62 17.65 15.36 41.00
N VAL B 63 18.84 15.84 40.65
CA VAL B 63 19.35 15.69 39.30
C VAL B 63 19.58 14.22 38.96
N GLN B 64 20.23 13.49 39.87
CA GLN B 64 20.44 12.06 39.65
C GLN B 64 19.13 11.35 39.39
N ASN B 65 18.10 11.72 40.15
CA ASN B 65 16.81 11.05 40.03
C ASN B 65 16.18 11.33 38.66
N LYS B 66 16.19 12.59 38.22
CA LYS B 66 15.64 12.88 36.90
C LYS B 66 16.42 12.21 35.78
N ILE B 67 17.75 12.16 35.90
CA ILE B 67 18.57 11.44 34.92
C ILE B 67 18.18 9.96 34.88
N GLY B 68 17.95 9.36 36.05
CA GLY B 68 17.54 7.97 36.08
C GLY B 68 16.26 7.72 35.32
N ILE B 69 15.31 8.64 35.41
CA ILE B 69 14.05 8.54 34.66
C ILE B 69 14.28 8.75 33.17
N LEU B 70 15.06 9.76 32.79
CA LEU B 70 15.38 10.00 31.38
C LEU B 70 16.08 8.80 30.73
N LYS B 71 16.93 8.10 31.48
CA LYS B 71 17.62 6.93 30.94
C LYS B 71 16.68 5.80 30.57
N THR B 72 15.43 5.80 31.06
CA THR B 72 14.57 4.65 30.79
C THR B 72 14.04 4.63 29.37
N ILE B 73 14.26 5.69 28.58
CA ILE B 73 13.66 5.71 27.27
C ILE B 73 14.45 4.88 26.27
N ALA B 74 15.75 4.68 26.49
CA ALA B 74 16.53 3.83 25.58
C ALA B 74 17.88 3.50 26.20
N VAL B 75 18.44 2.39 25.78
CA VAL B 75 19.81 2.03 26.11
C VAL B 75 20.69 2.65 25.03
N ASN B 76 21.45 3.68 25.39
CA ASN B 76 22.34 4.31 24.43
C ASN B 76 23.65 3.52 24.35
N VAL B 77 24.05 3.17 23.12
CA VAL B 77 25.26 2.35 22.96
C VAL B 77 26.47 3.08 23.53
N LYS B 78 26.45 4.41 23.57
CA LYS B 78 27.60 5.09 24.14
C LYS B 78 27.73 4.87 25.65
N GLU B 79 26.68 4.39 26.34
CA GLU B 79 26.82 3.99 27.74
C GLU B 79 27.78 2.83 27.93
N PHE B 80 28.06 2.05 26.88
CA PHE B 80 28.90 0.88 26.99
C PHE B 80 30.23 1.06 26.27
N GLY B 81 30.57 2.30 25.93
CA GLY B 81 31.89 2.57 25.40
C GLY B 81 32.01 2.59 23.89
N THR B 82 30.91 2.65 23.15
CA THR B 82 31.01 2.81 21.70
C THR B 82 31.50 4.21 21.38
N LYS B 83 32.32 4.31 20.35
CA LYS B 83 32.87 5.60 19.95
C LYS B 83 32.12 6.23 18.79
N GLY B 84 31.60 5.41 17.87
CA GLY B 84 30.92 5.96 16.72
C GLY B 84 31.79 6.84 15.86
N ASP B 85 33.09 6.61 15.87
CA ASP B 85 34.04 7.40 15.09
C ASP B 85 34.45 6.71 13.79
N GLY B 86 33.98 5.50 13.53
CA GLY B 86 34.37 4.77 12.34
C GLY B 86 35.76 4.16 12.36
N VAL B 87 36.56 4.39 13.40
CA VAL B 87 37.90 3.80 13.46
C VAL B 87 38.04 2.85 14.64
N THR B 88 37.37 3.13 15.76
CA THR B 88 37.38 2.17 16.86
C THR B 88 36.47 1.00 16.51
N ASP B 89 36.95 -0.22 16.75
CA ASP B 89 36.11 -1.42 16.67
C ASP B 89 35.04 -1.34 17.76
N ASP B 90 33.79 -1.13 17.37
CA ASP B 90 32.70 -0.96 18.32
C ASP B 90 31.88 -2.23 18.55
N THR B 91 32.34 -3.38 18.05
CA THR B 91 31.51 -4.60 18.05
C THR B 91 31.11 -5.00 19.46
N VAL B 92 32.11 -5.11 20.36
CA VAL B 92 31.87 -5.62 21.71
C VAL B 92 30.97 -4.68 22.50
N ALA B 93 31.16 -3.37 22.32
CA ALA B 93 30.34 -2.43 23.08
C ALA B 93 28.88 -2.45 22.62
N ILE B 94 28.66 -2.55 21.31
CA ILE B 94 27.29 -2.71 20.81
C ILE B 94 26.68 -4.00 21.33
N GLN B 95 27.42 -5.10 21.26
CA GLN B 95 26.90 -6.36 21.80
C GLN B 95 26.60 -6.25 23.29
N ASN B 96 27.49 -5.62 24.06
CA ASN B 96 27.22 -5.44 25.49
C ASN B 96 25.96 -4.63 25.72
N ALA B 97 25.73 -3.59 24.92
CA ALA B 97 24.52 -2.79 25.09
C ALA B 97 23.27 -3.60 24.74
N ILE B 98 23.32 -4.41 23.68
CA ILE B 98 22.21 -5.31 23.40
C ILE B 98 22.02 -6.31 24.53
N ASN B 99 23.11 -6.87 25.04
CA ASN B 99 23.01 -7.86 26.10
C ASN B 99 22.52 -7.29 27.41
N SER B 100 22.59 -5.97 27.58
CA SER B 100 22.18 -5.39 28.85
C SER B 100 20.68 -5.37 29.02
N ILE B 101 19.92 -5.64 27.97
CA ILE B 101 18.46 -5.65 28.07
C ILE B 101 18.01 -7.05 28.46
N VAL B 102 17.39 -7.17 29.63
CA VAL B 102 16.84 -8.44 30.08
C VAL B 102 15.53 -8.73 29.33
N SER B 103 15.47 -9.86 28.65
CA SER B 103 14.26 -10.21 27.92
C SER B 103 14.16 -11.72 27.78
N SER B 104 13.16 -12.16 27.03
CA SER B 104 12.81 -13.56 26.93
C SER B 104 12.46 -13.81 25.46
N LEU B 105 11.91 -14.99 25.19
CA LEU B 105 11.44 -15.37 23.86
C LEU B 105 9.92 -15.23 23.78
N ASN B 106 9.41 -15.43 22.57
CA ASN B 106 7.98 -15.33 22.26
C ASN B 106 7.51 -13.92 22.68
N ASN B 107 6.34 -13.77 23.29
CA ASN B 107 5.82 -12.44 23.55
C ASN B 107 6.71 -11.66 24.52
N ALA B 108 7.17 -12.33 25.57
CA ALA B 108 8.03 -11.73 26.62
C ALA B 108 7.49 -10.36 27.07
N SER B 109 6.19 -10.35 27.43
CA SER B 109 5.50 -9.11 27.80
C SER B 109 6.26 -8.35 28.90
N GLY B 110 6.31 -7.03 28.76
CA GLY B 110 6.94 -6.19 29.76
C GLY B 110 8.45 -6.26 29.80
N GLN B 111 9.09 -6.81 28.76
CA GLN B 111 10.55 -6.89 28.71
C GLN B 111 11.06 -6.41 27.35
N GLY B 112 12.28 -5.89 27.34
CA GLY B 112 12.87 -5.44 26.08
C GLY B 112 13.13 -3.95 26.07
N GLY B 113 13.23 -3.36 24.90
CA GLY B 113 13.42 -1.93 24.79
C GLY B 113 14.26 -1.55 23.58
N ILE B 114 14.60 -0.29 23.52
CA ILE B 114 15.32 0.32 22.40
C ILE B 114 16.80 0.31 22.71
N VAL B 115 17.60 -0.09 21.72
CA VAL B 115 19.04 0.13 21.71
C VAL B 115 19.30 1.27 20.73
N TYR B 116 19.74 2.43 21.24
CA TYR B 116 19.81 3.64 20.44
C TYR B 116 21.24 3.91 20.00
N PHE B 117 21.40 4.21 18.71
CA PHE B 117 22.71 4.48 18.10
C PHE B 117 22.75 5.94 17.67
N PRO B 118 23.42 6.83 18.40
CA PRO B 118 23.47 8.24 17.98
C PRO B 118 24.19 8.39 16.65
N THR B 119 24.09 9.59 16.08
CA THR B 119 24.78 9.93 14.84
C THR B 119 26.22 9.46 14.89
N GLY B 120 26.66 8.78 13.85
CA GLY B 120 28.03 8.32 13.82
C GLY B 120 28.22 7.16 12.87
N THR B 121 29.47 6.75 12.76
CA THR B 121 29.91 5.59 12.01
C THR B 121 30.42 4.53 12.98
N TYR B 122 29.92 3.31 12.86
CA TYR B 122 30.18 2.25 13.82
C TYR B 122 30.87 1.11 13.08
N LYS B 123 32.16 0.92 13.34
CA LYS B 123 32.90 -0.15 12.69
C LYS B 123 32.62 -1.46 13.41
N VAL B 124 32.13 -2.45 12.67
CA VAL B 124 31.76 -3.74 13.24
C VAL B 124 32.56 -4.82 12.52
N THR B 125 33.27 -5.65 13.30
CA THR B 125 34.22 -6.60 12.71
C THR B 125 33.81 -8.04 12.87
N SER B 126 32.75 -8.30 13.62
CA SER B 126 32.24 -9.65 13.75
C SER B 126 30.75 -9.56 14.03
N LYS B 127 30.08 -10.70 13.87
CA LYS B 127 28.63 -10.80 13.97
C LYS B 127 28.11 -10.31 15.33
N ILE B 128 27.10 -9.44 15.27
CA ILE B 128 26.38 -8.98 16.46
C ILE B 128 25.03 -9.70 16.48
N THR B 129 24.71 -10.37 17.60
CA THR B 129 23.52 -11.21 17.69
C THR B 129 22.45 -10.58 18.59
N ILE B 130 21.20 -10.57 18.11
CA ILE B 130 20.02 -10.17 18.88
C ILE B 130 19.18 -11.42 19.04
N ASN B 131 19.07 -11.95 20.26
CA ASN B 131 18.38 -13.25 20.34
C ASN B 131 17.31 -13.29 21.41
N LYS B 132 16.81 -12.13 21.85
CA LYS B 132 15.65 -12.07 22.74
C LYS B 132 14.62 -11.13 22.14
N SER B 133 13.34 -11.33 22.51
CA SER B 133 12.27 -10.56 21.91
C SER B 133 12.26 -9.10 22.37
N ASN B 134 11.61 -8.28 21.54
CA ASN B 134 11.28 -6.90 21.89
C ASN B 134 12.50 -5.98 21.90
N ILE B 135 13.52 -6.30 21.12
CA ILE B 135 14.71 -5.46 20.98
C ILE B 135 14.62 -4.74 19.64
N ARG B 136 14.64 -3.41 19.69
CA ARG B 136 14.68 -2.60 18.48
C ARG B 136 16.01 -1.87 18.44
N LEU B 137 16.67 -1.91 17.28
CA LEU B 137 17.87 -1.12 17.04
C LEU B 137 17.45 0.16 16.33
N VAL B 138 17.84 1.32 16.87
CA VAL B 138 17.30 2.59 16.41
C VAL B 138 18.43 3.60 16.31
N GLY B 139 18.54 4.24 15.15
CA GLY B 139 19.55 5.25 14.94
C GLY B 139 18.99 6.64 14.80
N ALA B 140 19.87 7.57 14.42
CA ALA B 140 19.52 8.97 14.27
C ALA B 140 19.03 9.31 12.87
N GLY B 141 19.02 8.35 11.96
CA GLY B 141 18.64 8.59 10.58
C GLY B 141 19.29 7.58 9.66
N MET B 142 18.63 7.37 8.51
CA MET B 142 19.00 6.32 7.57
C MET B 142 20.48 6.36 7.17
N SER B 143 21.09 7.55 7.13
CA SER B 143 22.52 7.66 6.83
C SER B 143 23.31 8.26 7.99
N ALA B 144 22.65 9.06 8.84
CA ALA B 144 23.29 9.70 9.99
C ALA B 144 23.90 8.68 10.94
N THR B 145 23.25 7.54 11.12
CA THR B 145 23.81 6.42 11.85
C THR B 145 24.17 5.35 10.83
N CYS B 146 25.44 4.95 10.78
CA CYS B 146 25.91 4.03 9.74
C CYS B 146 26.79 2.95 10.36
N ILE B 147 26.43 1.69 10.16
CA ILE B 147 27.26 0.58 10.58
C ILE B 147 28.15 0.20 9.42
N LYS B 148 29.48 0.29 9.60
CA LYS B 148 30.45 -0.08 8.57
C LYS B 148 31.03 -1.46 8.91
N SER B 149 30.75 -2.44 8.08
CA SER B 149 31.15 -3.81 8.33
C SER B 149 32.53 -4.09 7.71
N THR B 150 33.39 -4.77 8.48
CA THR B 150 34.59 -5.37 7.92
C THR B 150 34.51 -6.90 7.88
N ILE B 151 33.33 -7.46 8.12
CA ILE B 151 33.17 -8.91 8.09
C ILE B 151 33.38 -9.43 6.68
N THR B 152 34.17 -10.49 6.54
CA THR B 152 34.51 -11.04 5.22
C THR B 152 34.28 -12.55 5.14
N ASN B 153 33.65 -13.15 6.14
CA ASN B 153 33.50 -14.60 6.20
C ASN B 153 32.08 -15.06 5.89
N GLY B 154 31.22 -14.18 5.39
CA GLY B 154 29.86 -14.54 5.07
C GLY B 154 28.84 -14.32 6.20
N ASN B 155 29.29 -13.96 7.40
CA ASN B 155 28.37 -13.83 8.51
C ASN B 155 27.57 -12.54 8.39
N PRO B 156 26.42 -12.45 9.07
CA PRO B 156 25.68 -11.19 9.09
C PRO B 156 26.35 -10.16 9.99
N VAL B 157 26.09 -8.89 9.67
CA VAL B 157 26.42 -7.81 10.61
C VAL B 157 25.54 -7.90 11.85
N PHE B 158 24.22 -7.93 11.64
CA PHE B 158 23.20 -8.08 12.69
C PHE B 158 22.46 -9.39 12.43
N GLU B 159 22.53 -10.30 13.39
CA GLU B 159 21.85 -11.58 13.32
C GLU B 159 20.71 -11.58 14.33
N PHE B 160 19.47 -11.68 13.85
CA PHE B 160 18.31 -11.82 14.72
C PHE B 160 17.87 -13.27 14.63
N VAL B 161 17.93 -14.01 15.73
CA VAL B 161 17.53 -15.42 15.75
C VAL B 161 17.15 -15.73 17.20
N PRO B 162 16.08 -16.49 17.48
CA PRO B 162 15.77 -16.80 18.89
C PRO B 162 16.89 -17.61 19.53
N SER B 163 17.15 -17.33 20.81
CA SER B 163 18.21 -18.03 21.53
C SER B 163 17.89 -19.51 21.66
N ASP B 164 16.60 -19.86 21.61
CA ASP B 164 16.12 -21.24 21.54
C ASP B 164 15.33 -21.36 20.23
N THR B 165 15.83 -22.20 19.31
CA THR B 165 15.25 -22.27 17.97
C THR B 165 13.96 -23.06 17.89
N ALA B 166 13.46 -23.62 19.01
CA ALA B 166 12.11 -24.15 19.03
C ALA B 166 11.08 -23.06 19.31
N GLN B 167 11.52 -21.86 19.69
CA GLN B 167 10.64 -20.73 19.96
C GLN B 167 10.78 -19.69 18.86
N ARG B 168 10.10 -18.56 19.04
CA ARG B 168 10.15 -17.45 18.11
C ARG B 168 10.74 -16.22 18.78
N LEU B 169 11.33 -15.37 17.96
CA LEU B 169 11.74 -14.04 18.36
C LEU B 169 10.66 -13.06 17.89
N CYS B 170 10.05 -12.33 18.83
CA CYS B 170 8.95 -11.46 18.49
C CYS B 170 9.29 -9.99 18.69
N PHE B 171 8.68 -9.15 17.84
CA PHE B 171 8.67 -7.70 18.01
C PHE B 171 10.08 -7.12 18.02
N VAL B 172 10.93 -7.61 17.13
CA VAL B 172 12.25 -7.02 16.93
C VAL B 172 12.17 -6.09 15.73
N GLY B 173 13.19 -5.25 15.56
CA GLY B 173 13.22 -4.43 14.37
C GLY B 173 14.46 -3.57 14.32
N ILE B 174 14.61 -2.87 13.20
CA ILE B 174 15.63 -1.85 12.98
C ILE B 174 14.94 -0.62 12.44
N GLU B 175 15.35 0.56 12.90
CA GLU B 175 14.83 1.82 12.38
C GLU B 175 15.94 2.85 12.27
N LYS B 176 15.86 3.68 11.23
CA LYS B 176 16.63 4.94 11.13
C LYS B 176 18.13 4.72 11.22
N MET B 177 18.66 3.84 10.37
CA MET B 177 20.09 3.58 10.34
C MET B 177 20.43 2.83 9.05
N CYS B 178 21.71 2.81 8.69
CA CYS B 178 22.24 2.12 7.51
C CYS B 178 23.22 1.03 7.95
N ILE B 179 23.20 -0.09 7.24
CA ILE B 179 24.23 -1.13 7.35
C ILE B 179 24.99 -1.11 6.03
N ASP B 180 26.31 -0.87 6.10
CA ASP B 180 27.17 -0.69 4.93
C ASP B 180 28.20 -1.83 4.90
N GLY B 181 28.03 -2.76 3.96
CA GLY B 181 28.93 -3.92 3.90
C GLY B 181 30.30 -3.61 3.30
N GLN B 182 30.49 -2.42 2.75
CA GLN B 182 31.79 -1.98 2.19
C GLN B 182 32.30 -2.96 1.13
N ASN B 183 31.38 -3.62 0.45
CA ASN B 183 31.65 -4.62 -0.59
C ASN B 183 32.41 -5.83 -0.08
N ASN B 184 32.30 -6.10 1.21
CA ASN B 184 32.86 -7.30 1.81
C ASN B 184 31.84 -8.44 1.80
N ASP B 185 32.35 -9.68 1.88
CA ASP B 185 31.53 -10.89 1.97
C ASP B 185 30.90 -10.96 3.36
N CYS B 186 29.79 -10.23 3.51
CA CYS B 186 29.00 -10.29 4.72
C CYS B 186 27.54 -10.09 4.36
N ILE B 187 26.65 -10.63 5.19
CA ILE B 187 25.21 -10.40 5.06
C ILE B 187 24.89 -9.15 5.87
N GLY B 188 24.08 -8.26 5.31
CA GLY B 188 23.75 -7.06 6.07
C GLY B 188 22.95 -7.34 7.33
N VAL B 189 21.80 -7.95 7.15
CA VAL B 189 20.89 -8.27 8.26
C VAL B 189 20.37 -9.68 8.01
N SER B 190 20.48 -10.53 9.03
CA SER B 190 19.89 -11.88 8.98
C SER B 190 18.72 -11.97 9.95
N LEU B 191 17.57 -12.45 9.45
CA LEU B 191 16.36 -12.62 10.26
C LEU B 191 15.90 -14.06 10.18
N LYS B 192 15.81 -14.74 11.32
CA LYS B 192 15.41 -16.13 11.29
C LYS B 192 14.41 -16.41 12.40
N LYS B 193 13.30 -17.08 12.08
CA LYS B 193 12.29 -17.45 13.07
C LYS B 193 11.81 -16.24 13.87
N ILE B 194 11.52 -15.15 13.14
CA ILE B 194 10.97 -13.91 13.69
C ILE B 194 9.45 -13.93 13.50
N SER B 195 8.73 -13.35 14.48
CA SER B 195 7.33 -12.97 14.28
C SER B 195 7.15 -11.50 14.66
N LEU B 196 6.30 -10.81 13.90
CA LEU B 196 5.86 -9.45 14.24
C LEU B 196 7.01 -8.44 14.30
N GLY B 197 7.95 -8.57 13.37
CA GLY B 197 9.00 -7.58 13.27
C GLY B 197 8.45 -6.27 12.72
N ARG B 198 9.13 -5.17 13.06
CA ARG B 198 8.74 -3.83 12.60
C ARG B 198 10.01 -3.08 12.23
N PHE B 199 10.18 -2.80 10.94
CA PHE B 199 11.37 -2.15 10.41
C PHE B 199 10.91 -0.91 9.67
N LEU B 200 11.64 0.20 9.84
CA LEU B 200 11.23 1.48 9.27
C LEU B 200 12.46 2.27 8.85
N ASP B 201 12.52 2.66 7.59
CA ASP B 201 13.52 3.61 7.10
C ASP B 201 14.93 3.19 7.52
N PHE B 202 15.37 2.05 7.00
CA PHE B 202 16.75 1.64 7.21
C PHE B 202 17.36 1.19 5.89
N GLY B 203 18.68 1.23 5.83
CA GLY B 203 19.41 0.95 4.60
C GLY B 203 20.28 -0.28 4.76
N VAL B 204 20.38 -1.06 3.70
CA VAL B 204 21.30 -2.20 3.63
C VAL B 204 21.97 -2.10 2.27
N ARG B 205 23.27 -1.79 2.26
CA ARG B 205 23.96 -1.48 1.02
C ARG B 205 25.36 -2.10 1.03
N TYR B 206 25.82 -2.47 -0.18
CA TYR B 206 27.22 -2.82 -0.43
C TYR B 206 27.63 -4.08 0.32
N CYS B 207 26.70 -5.01 0.47
CA CYS B 207 27.00 -6.30 1.05
C CYS B 207 27.22 -7.30 -0.09
N ALA B 208 28.40 -7.94 -0.10
CA ALA B 208 28.69 -8.89 -1.17
C ALA B 208 28.01 -10.25 -0.96
N ASN B 209 27.50 -10.56 0.24
CA ASN B 209 26.63 -11.72 0.42
C ASN B 209 25.17 -11.26 0.27
N HIS B 210 24.19 -11.95 0.87
CA HIS B 210 22.83 -11.44 0.85
C HIS B 210 22.77 -10.08 1.53
N GLY B 211 21.98 -9.16 0.99
CA GLY B 211 21.76 -7.89 1.68
C GLY B 211 20.90 -8.11 2.90
N LEU B 212 19.69 -8.60 2.70
CA LEU B 212 18.80 -8.97 3.78
C LEU B 212 18.46 -10.46 3.62
N TYR B 213 18.88 -11.28 4.58
CA TYR B 213 18.58 -12.70 4.55
C TYR B 213 17.42 -13.02 5.51
N ILE B 214 16.41 -13.71 4.99
CA ILE B 214 15.16 -13.91 5.71
C ILE B 214 14.81 -15.39 5.65
N GLU B 215 14.77 -16.07 6.80
CA GLU B 215 14.43 -17.49 6.84
C GLU B 215 13.34 -17.72 7.88
N GLU B 216 12.20 -18.22 7.43
CA GLU B 216 11.07 -18.56 8.30
C GLU B 216 10.64 -17.37 9.15
N VAL B 217 10.38 -16.25 8.50
CA VAL B 217 9.91 -15.04 9.17
C VAL B 217 8.43 -14.84 8.88
N TRP B 218 7.67 -14.51 9.92
CA TRP B 218 6.23 -14.29 9.85
C TRP B 218 5.83 -12.88 10.26
N ASP B 219 4.80 -12.36 9.59
CA ASP B 219 4.00 -11.23 10.08
C ASP B 219 4.88 -10.01 10.41
N THR B 220 5.70 -9.62 9.45
CA THR B 220 6.72 -8.60 9.68
C THR B 220 6.54 -7.49 8.65
N ASN B 221 6.53 -6.25 9.14
CA ASN B 221 6.36 -5.05 8.30
C ASN B 221 7.70 -4.38 8.06
N ILE B 222 8.01 -4.08 6.81
CA ILE B 222 9.26 -3.45 6.44
C ILE B 222 8.88 -2.25 5.58
N ILE B 223 9.07 -1.05 6.13
CA ILE B 223 8.61 0.18 5.51
C ILE B 223 9.82 1.05 5.16
N GLY B 224 9.93 1.43 3.89
CA GLY B 224 10.94 2.41 3.54
C GLY B 224 12.37 1.89 3.51
N LEU B 225 12.54 0.59 3.33
CA LEU B 225 13.86 0.01 3.18
C LEU B 225 14.53 0.47 1.89
N TYR B 226 15.83 0.76 1.99
CA TYR B 226 16.69 1.19 0.89
C TYR B 226 17.77 0.13 0.76
N ASN B 227 17.76 -0.60 -0.35
CA ASN B 227 18.56 -1.81 -0.50
C ASN B 227 19.28 -1.71 -1.83
N THR B 228 20.61 -1.59 -1.81
CA THR B 228 21.37 -1.39 -3.04
C THR B 228 22.71 -2.12 -2.99
N ASP B 229 23.21 -2.46 -4.18
CA ASP B 229 24.61 -2.91 -4.37
C ASP B 229 24.94 -4.16 -3.55
N ASN B 230 23.98 -5.05 -3.38
CA ASN B 230 24.11 -6.25 -2.58
C ASN B 230 24.16 -7.50 -3.46
N GLY B 231 24.61 -8.59 -2.88
CA GLY B 231 24.53 -9.87 -3.53
C GLY B 231 25.75 -10.18 -4.37
N ASP B 232 25.61 -11.26 -5.12
CA ASP B 232 26.71 -11.86 -5.86
C ASP B 232 26.10 -12.93 -6.72
N LEU B 233 25.88 -12.63 -8.00
CA LEU B 233 25.11 -13.55 -8.85
C LEU B 233 25.79 -14.90 -8.96
N ALA B 234 27.12 -14.91 -9.13
CA ALA B 234 27.85 -16.17 -9.29
C ALA B 234 27.77 -17.07 -8.05
N ARG B 235 27.38 -16.54 -6.90
CA ARG B 235 27.27 -17.36 -5.70
C ARG B 235 25.85 -17.41 -5.16
N ASN B 236 24.87 -17.01 -5.98
CA ASN B 236 23.45 -17.06 -5.61
C ASN B 236 23.16 -16.23 -4.36
N LYS B 237 23.70 -15.01 -4.30
CA LYS B 237 23.42 -14.08 -3.20
C LYS B 237 22.65 -12.88 -3.74
N HIS B 238 21.66 -12.39 -2.99
CA HIS B 238 20.71 -11.45 -3.58
C HIS B 238 20.42 -10.31 -2.61
N GLY B 239 19.73 -9.28 -3.11
CA GLY B 239 19.43 -8.13 -2.28
C GLY B 239 18.60 -8.48 -1.07
N VAL B 240 17.50 -9.20 -1.29
CA VAL B 240 16.69 -9.79 -0.25
C VAL B 240 16.45 -11.23 -0.63
N TYR B 241 16.76 -12.14 0.29
CA TYR B 241 16.63 -13.57 0.04
C TYR B 241 15.63 -14.15 1.03
N ILE B 242 14.52 -14.65 0.52
CA ILE B 242 13.42 -15.09 1.39
C ILE B 242 13.30 -16.60 1.27
N TYR B 243 13.64 -17.30 2.34
CA TYR B 243 13.75 -18.74 2.37
C TYR B 243 12.68 -19.30 3.30
N ASN B 244 12.07 -20.44 2.94
CA ASN B 244 11.11 -21.01 3.88
C ASN B 244 11.80 -21.76 5.01
N GLY B 245 12.98 -22.30 4.79
CA GLY B 245 13.61 -23.14 5.79
C GLY B 245 13.07 -24.56 5.74
N THR B 246 13.40 -25.36 6.76
CA THR B 246 13.10 -26.79 6.67
C THR B 246 11.84 -27.25 7.42
N SER B 247 11.16 -26.37 8.18
CA SER B 247 9.97 -26.74 8.98
C SER B 247 8.70 -26.04 8.53
N ASP B 248 8.78 -24.78 8.14
CA ASP B 248 7.62 -23.94 7.87
C ASP B 248 7.86 -23.02 6.68
N ASN B 249 7.49 -21.74 6.78
CA ASN B 249 7.71 -20.86 5.65
C ASN B 249 7.90 -19.44 6.14
N SER B 250 8.18 -18.55 5.19
CA SER B 250 8.13 -17.12 5.40
C SER B 250 6.79 -16.63 4.84
N ASN B 251 6.06 -15.84 5.64
CA ASN B 251 4.75 -15.40 5.19
C ASN B 251 4.44 -14.06 5.82
N ARG B 252 3.57 -13.29 5.17
CA ARG B 252 3.16 -11.97 5.66
C ARG B 252 4.37 -11.06 5.92
N LEU B 253 5.36 -11.12 5.04
CA LEU B 253 6.35 -10.05 4.93
C LEU B 253 5.77 -8.93 4.08
N LEU B 254 5.62 -7.75 4.65
CA LEU B 254 5.05 -6.62 3.94
C LEU B 254 6.15 -5.59 3.72
N PHE B 255 6.55 -5.42 2.46
CA PHE B 255 7.50 -4.41 2.02
C PHE B 255 6.67 -3.24 1.50
N ILE B 256 6.69 -2.11 2.19
CA ILE B 256 5.87 -0.96 1.84
C ILE B 256 6.82 0.19 1.50
N ALA B 257 6.65 0.75 0.31
CA ALA B 257 7.42 1.93 -0.11
C ALA B 257 8.93 1.69 -0.05
N CYS B 258 9.38 0.50 -0.42
CA CYS B 258 10.81 0.19 -0.38
C CYS B 258 11.46 0.49 -1.74
N HIS B 259 12.79 0.53 -1.74
CA HIS B 259 13.60 1.09 -2.81
C HIS B 259 14.77 0.13 -3.04
N PHE B 260 14.70 -0.65 -4.13
CA PHE B 260 15.73 -1.60 -4.50
C PHE B 260 16.45 -1.12 -5.77
N GLU B 261 17.77 -0.99 -5.69
CA GLU B 261 18.49 -0.44 -6.84
C GLU B 261 19.88 -1.04 -6.98
N ALA B 262 20.23 -1.36 -8.22
CA ALA B 262 21.61 -1.69 -8.59
C ALA B 262 22.18 -2.82 -7.75
N ASN B 263 21.34 -3.81 -7.46
CA ASN B 263 21.83 -4.98 -6.76
C ASN B 263 22.58 -5.87 -7.74
N ASN B 264 23.52 -6.63 -7.22
CA ASN B 264 24.32 -7.48 -8.09
C ASN B 264 23.69 -8.86 -8.24
N GLY B 265 22.79 -9.23 -7.34
CA GLY B 265 21.88 -10.31 -7.54
C GLY B 265 20.52 -9.78 -7.94
N SER B 266 19.52 -10.67 -7.89
CA SER B 266 18.13 -10.24 -7.93
C SER B 266 17.82 -9.32 -6.76
N HIS B 267 16.95 -8.32 -6.99
CA HIS B 267 16.51 -7.48 -5.89
C HIS B 267 15.85 -8.33 -4.81
N VAL B 268 14.92 -9.17 -5.22
CA VAL B 268 14.14 -10.02 -4.33
C VAL B 268 14.18 -11.44 -4.90
N TYR B 269 14.53 -12.41 -4.06
CA TYR B 269 14.66 -13.80 -4.48
C TYR B 269 13.91 -14.66 -3.48
N PHE B 270 12.80 -15.27 -3.91
CA PHE B 270 12.05 -16.21 -3.07
C PHE B 270 12.54 -17.63 -3.33
N ASP B 271 12.76 -18.39 -2.25
CA ASP B 271 13.25 -19.76 -2.31
C ASP B 271 12.33 -20.59 -1.41
N SER B 272 11.45 -21.38 -2.03
CA SER B 272 10.59 -22.28 -1.28
C SER B 272 11.10 -23.72 -1.27
N THR B 273 12.40 -23.95 -1.55
CA THR B 273 12.84 -25.33 -1.69
C THR B 273 13.09 -26.04 -0.35
N GLY B 274 12.96 -25.36 0.78
CA GLY B 274 13.38 -25.97 2.04
C GLY B 274 12.50 -27.14 2.49
N ASN B 275 11.21 -27.06 2.25
CA ASN B 275 10.26 -28.13 2.58
C ASN B 275 9.00 -27.88 1.78
N ARG B 276 7.97 -28.68 2.04
CA ARG B 276 6.76 -28.62 1.23
C ARG B 276 5.96 -27.34 1.47
N ARG B 277 6.08 -26.70 2.64
CA ARG B 277 5.30 -25.49 2.93
C ARG B 277 5.94 -24.30 2.23
N ARG B 278 5.33 -23.84 1.14
CA ARG B 278 5.92 -22.79 0.32
C ARG B 278 5.71 -21.41 0.93
N ASN B 279 6.64 -20.49 0.63
CA ASN B 279 6.49 -19.11 1.06
C ASN B 279 5.20 -18.53 0.50
N GLY B 280 4.48 -17.75 1.30
CA GLY B 280 3.16 -17.29 0.89
C GLY B 280 2.75 -15.98 1.51
N ASN B 281 1.88 -15.27 0.81
CA ASN B 281 1.19 -14.09 1.36
C ASN B 281 2.15 -12.97 1.78
N ASN B 282 3.18 -12.75 0.98
CA ASN B 282 4.08 -11.62 1.13
C ASN B 282 3.68 -10.51 0.17
N GLN B 283 4.05 -9.27 0.50
CA GLN B 283 3.56 -8.13 -0.24
C GLN B 283 4.68 -7.14 -0.51
N PHE B 284 4.59 -6.49 -1.68
CA PHE B 284 5.42 -5.35 -2.08
C PHE B 284 4.44 -4.29 -2.55
N ILE B 285 4.38 -3.17 -1.83
CA ILE B 285 3.41 -2.11 -2.09
C ILE B 285 4.18 -0.84 -2.39
N GLY B 286 4.05 -0.33 -3.61
CA GLY B 286 4.69 0.94 -3.93
C GLY B 286 6.21 0.87 -3.97
N CYS B 287 6.77 -0.31 -4.24
CA CYS B 287 8.20 -0.50 -4.19
C CYS B 287 8.82 -0.19 -5.56
N LYS B 288 10.11 0.15 -5.53
CA LYS B 288 10.90 0.44 -6.72
C LYS B 288 11.97 -0.64 -6.93
N PHE B 289 12.08 -1.14 -8.16
CA PHE B 289 13.03 -2.18 -8.55
C PHE B 289 13.79 -1.63 -9.75
N HIS B 290 14.99 -1.11 -9.49
CA HIS B 290 15.74 -0.30 -10.46
C HIS B 290 17.04 -1.02 -10.78
N GLY B 291 17.35 -1.17 -12.06
CA GLY B 291 18.53 -1.92 -12.49
C GLY B 291 19.84 -1.20 -12.19
N LYS B 292 20.93 -1.89 -12.50
CA LYS B 292 22.27 -1.42 -12.19
C LYS B 292 22.81 -0.40 -13.20
N ASP B 293 22.53 -0.60 -14.48
CA ASP B 293 23.20 0.14 -15.55
C ASP B 293 22.16 0.72 -16.49
N PRO B 294 21.79 1.99 -16.31
CA PRO B 294 20.79 2.62 -17.17
C PRO B 294 21.30 3.00 -18.56
N SER B 295 22.59 2.80 -18.83
CA SER B 295 23.15 3.27 -20.10
C SER B 295 22.78 2.34 -21.26
N ALA B 296 22.69 1.04 -21.00
CA ALA B 296 22.40 0.09 -22.06
C ALA B 296 21.88 -1.20 -21.45
N LEU B 297 21.20 -1.97 -22.30
CA LEU B 297 20.67 -3.27 -21.91
C LEU B 297 21.14 -4.28 -22.96
N PRO B 298 21.81 -5.38 -22.57
CA PRO B 298 22.17 -5.90 -21.24
C PRO B 298 23.12 -5.00 -20.45
N GLY B 299 24.08 -4.40 -21.14
CA GLY B 299 25.06 -3.53 -20.48
C GLY B 299 25.74 -4.26 -19.33
N ASN B 300 25.91 -3.55 -18.22
CA ASN B 300 26.46 -4.13 -17.00
C ASN B 300 25.37 -4.64 -16.05
N ASN B 301 24.16 -4.92 -16.57
CA ASN B 301 23.07 -5.36 -15.70
C ASN B 301 23.14 -6.87 -15.51
N PRO B 302 23.06 -7.37 -14.26
CA PRO B 302 23.20 -8.81 -14.05
C PRO B 302 22.07 -9.59 -14.69
N ASN B 303 22.38 -10.83 -15.10
CA ASN B 303 21.45 -11.72 -15.80
C ASN B 303 20.62 -12.49 -14.77
N THR B 304 19.57 -11.85 -14.30
CA THR B 304 18.83 -12.37 -13.16
C THR B 304 17.58 -11.53 -13.05
N PRO B 305 16.44 -12.11 -12.71
CA PRO B 305 15.23 -11.30 -12.65
C PRO B 305 15.28 -10.29 -11.53
N HIS B 306 14.59 -9.16 -11.72
CA HIS B 306 14.47 -8.20 -10.62
C HIS B 306 13.79 -8.85 -9.42
N MET B 307 12.78 -9.69 -9.67
CA MET B 307 12.14 -10.44 -8.60
C MET B 307 11.98 -11.89 -9.04
N TYR B 308 12.58 -12.81 -8.31
CA TYR B 308 12.38 -14.22 -8.56
C TYR B 308 11.36 -14.72 -7.54
N LEU B 309 10.18 -15.11 -8.02
CA LEU B 309 9.06 -15.40 -7.13
C LEU B 309 8.74 -16.89 -7.12
N ASP B 310 9.54 -17.66 -6.36
CA ASP B 310 9.22 -19.04 -5.98
C ASP B 310 8.37 -18.98 -4.72
N GLY B 311 7.11 -18.61 -4.92
CA GLY B 311 6.18 -18.50 -3.81
C GLY B 311 4.79 -18.26 -4.34
N ASP B 312 3.82 -18.31 -3.42
CA ASP B 312 2.40 -18.27 -3.74
C ASP B 312 1.75 -17.07 -3.06
N VAL B 313 0.64 -16.62 -3.63
CA VAL B 313 -0.16 -15.53 -3.06
C VAL B 313 0.72 -14.35 -2.66
N THR B 314 1.64 -13.96 -3.53
CA THR B 314 2.41 -12.73 -3.37
C THR B 314 1.61 -11.61 -4.00
N TYR B 315 1.64 -10.45 -3.34
CA TYR B 315 0.92 -9.28 -3.83
C TYR B 315 1.96 -8.26 -4.27
N VAL B 316 1.97 -7.93 -5.55
CA VAL B 316 2.89 -6.94 -6.08
C VAL B 316 2.07 -5.74 -6.57
N MET B 317 1.91 -4.75 -5.69
CA MET B 317 0.92 -3.68 -5.84
C MET B 317 1.60 -2.36 -6.17
N ASN B 318 1.23 -1.78 -7.30
CA ASN B 318 1.71 -0.46 -7.73
C ASN B 318 3.22 -0.32 -7.50
N CYS B 319 3.94 -1.31 -8.05
CA CYS B 319 5.40 -1.34 -8.02
C CYS B 319 5.98 -0.87 -9.36
N TYR B 320 7.20 -0.35 -9.31
CA TYR B 320 7.88 0.21 -10.46
C TYR B 320 9.09 -0.67 -10.78
N PHE B 321 9.20 -1.07 -12.05
CA PHE B 321 10.26 -1.96 -12.52
C PHE B 321 10.99 -1.30 -13.69
N TYR B 322 12.31 -1.17 -13.59
CA TYR B 322 13.08 -0.50 -14.63
C TYR B 322 14.42 -1.18 -14.83
N GLN B 323 14.75 -1.48 -16.10
CA GLN B 323 16.09 -1.87 -16.54
C GLN B 323 16.57 -3.21 -16.00
N CYS B 324 16.12 -4.31 -16.62
CA CYS B 324 16.41 -5.66 -16.14
C CYS B 324 16.96 -6.53 -17.26
N ASN B 325 18.06 -7.23 -17.01
CA ASN B 325 18.66 -8.13 -18.01
C ASN B 325 18.12 -9.56 -17.88
N ASN B 326 16.79 -9.67 -17.79
CA ASN B 326 16.09 -10.93 -17.57
C ASN B 326 14.59 -10.63 -17.61
N ASP B 327 13.76 -11.54 -17.09
CA ASP B 327 12.36 -11.17 -16.82
C ASP B 327 12.32 -10.20 -15.64
N PHE B 328 11.39 -9.24 -15.68
CA PHE B 328 11.22 -8.42 -14.50
C PHE B 328 10.75 -9.24 -13.32
N ILE B 329 9.73 -10.08 -13.52
CA ILE B 329 9.20 -10.95 -12.49
C ILE B 329 9.16 -12.36 -13.07
N LYS B 330 9.98 -13.25 -12.52
CA LYS B 330 10.00 -14.66 -12.91
C LYS B 330 9.19 -15.44 -11.88
N VAL B 331 8.04 -15.98 -12.29
CA VAL B 331 7.08 -16.57 -11.35
C VAL B 331 7.17 -18.09 -11.42
N LYS B 332 7.31 -18.72 -10.24
CA LYS B 332 7.17 -20.16 -10.04
C LYS B 332 6.21 -20.36 -8.85
N GLY B 333 4.91 -20.34 -9.12
CA GLY B 333 3.95 -20.43 -8.05
C GLY B 333 2.59 -19.91 -8.48
N ASP B 334 1.66 -19.90 -7.53
CA ASP B 334 0.24 -19.79 -7.78
C ASP B 334 -0.39 -18.60 -7.07
N ARG B 335 -1.36 -17.97 -7.74
CA ARG B 335 -2.24 -16.94 -7.17
C ARG B 335 -1.46 -15.69 -6.74
N ASN B 336 -0.32 -15.43 -7.36
CA ASN B 336 0.35 -14.17 -7.18
C ASN B 336 -0.42 -13.06 -7.90
N LYS B 337 -0.34 -11.85 -7.36
CA LYS B 337 -1.11 -10.71 -7.88
C LYS B 337 -0.16 -9.60 -8.29
N ILE B 338 -0.22 -9.21 -9.56
CA ILE B 338 0.58 -8.13 -10.12
C ILE B 338 -0.41 -7.06 -10.56
N ILE B 339 -0.62 -6.04 -9.73
CA ILE B 339 -1.71 -5.08 -9.93
C ILE B 339 -1.17 -3.66 -9.96
N GLY B 340 -1.49 -2.93 -11.02
CA GLY B 340 -1.09 -1.53 -11.16
C GLY B 340 0.41 -1.32 -11.20
N CYS B 341 1.16 -2.30 -11.69
CA CYS B 341 2.61 -2.15 -11.80
C CYS B 341 2.97 -1.54 -13.15
N ASP B 342 4.17 -0.98 -13.20
CA ASP B 342 4.68 -0.46 -14.46
C ASP B 342 6.08 -0.99 -14.71
N PHE B 343 6.33 -1.42 -15.94
CA PHE B 343 7.56 -2.09 -16.36
C PHE B 343 8.21 -1.31 -17.51
N TYR B 344 9.51 -1.09 -17.44
CA TYR B 344 10.16 -0.34 -18.52
C TYR B 344 11.52 -0.98 -18.82
N ASN B 345 11.62 -1.61 -20.00
CA ASN B 345 12.88 -2.10 -20.57
C ASN B 345 13.48 -3.32 -19.88
N CYS B 346 13.24 -4.49 -20.44
CA CYS B 346 13.89 -5.72 -20.00
C CYS B 346 14.18 -6.60 -21.20
N THR B 347 15.03 -7.61 -20.98
CA THR B 347 15.34 -8.56 -22.04
C THR B 347 14.42 -9.78 -22.06
N GLY B 348 13.66 -10.04 -21.00
CA GLY B 348 12.69 -11.13 -21.03
C GLY B 348 11.25 -10.65 -21.10
N TYR B 349 10.36 -11.35 -20.41
CA TYR B 349 8.99 -10.88 -20.22
C TYR B 349 8.92 -9.93 -19.02
N PHE B 350 7.88 -9.08 -19.01
CA PHE B 350 7.56 -8.37 -17.78
C PHE B 350 7.24 -9.35 -16.67
N VAL B 351 6.38 -10.32 -16.96
CA VAL B 351 5.98 -11.37 -16.03
C VAL B 351 6.12 -12.70 -16.75
N ASN B 352 6.97 -13.58 -16.25
CA ASN B 352 7.17 -14.90 -16.84
C ASN B 352 6.56 -15.93 -15.91
N LEU B 353 5.41 -16.47 -16.31
CA LEU B 353 4.71 -17.52 -15.57
C LEU B 353 5.28 -18.86 -16.01
N THR B 354 6.25 -19.36 -15.26
CA THR B 354 6.99 -20.57 -15.61
C THR B 354 6.30 -21.81 -15.05
N GLY B 355 6.67 -22.96 -15.63
CA GLY B 355 6.20 -24.25 -15.13
C GLY B 355 4.69 -24.28 -15.01
N THR B 356 4.21 -24.80 -13.89
CA THR B 356 2.80 -25.04 -13.65
C THR B 356 2.09 -23.85 -12.97
N SER B 357 2.72 -22.67 -12.95
CA SER B 357 2.14 -21.49 -12.31
C SER B 357 0.71 -21.24 -12.78
N MET B 358 -0.21 -21.06 -11.84
CA MET B 358 -1.61 -20.97 -12.21
C MET B 358 -2.34 -19.96 -11.33
N LEU B 359 -3.37 -19.34 -11.92
CA LEU B 359 -4.26 -18.41 -11.25
C LEU B 359 -3.52 -17.15 -10.76
N ASN B 360 -2.38 -16.85 -11.36
CA ASN B 360 -1.79 -15.53 -11.19
C ASN B 360 -2.59 -14.50 -11.97
N VAL B 361 -2.57 -13.26 -11.50
CA VAL B 361 -3.33 -12.19 -12.11
C VAL B 361 -2.39 -11.03 -12.43
N ILE B 362 -2.55 -10.47 -13.63
CA ILE B 362 -1.86 -9.26 -14.07
C ILE B 362 -2.96 -8.25 -14.38
N ASP B 363 -3.14 -7.24 -13.52
CA ASP B 363 -4.31 -6.36 -13.60
C ASP B 363 -3.90 -4.89 -13.55
N GLY B 364 -4.43 -4.10 -14.48
CA GLY B 364 -4.15 -2.68 -14.55
C GLY B 364 -2.69 -2.29 -14.71
N CYS B 365 -1.88 -3.14 -15.32
CA CYS B 365 -0.45 -2.85 -15.49
C CYS B 365 -0.21 -2.19 -16.83
N SER B 366 0.98 -1.62 -16.99
CA SER B 366 1.40 -1.17 -18.30
C SER B 366 2.92 -1.17 -18.33
N GLY B 367 3.47 -0.73 -19.43
CA GLY B 367 4.91 -0.81 -19.60
C GLY B 367 5.28 -0.87 -21.06
N GLN B 368 6.59 -0.88 -21.28
CA GLN B 368 7.12 -0.76 -22.62
C GLN B 368 8.45 -1.46 -22.66
N TYR B 369 8.76 -2.05 -23.83
CA TYR B 369 10.09 -2.57 -24.13
C TYR B 369 10.40 -3.86 -23.39
N PHE B 370 9.52 -4.84 -23.51
CA PHE B 370 9.84 -6.23 -23.23
C PHE B 370 10.86 -6.74 -24.25
N GLY B 371 11.39 -7.94 -24.04
CA GLY B 371 12.46 -8.43 -24.88
C GLY B 371 12.02 -8.64 -26.31
N SER B 372 12.94 -8.39 -27.24
CA SER B 372 12.64 -8.48 -28.67
C SER B 372 12.05 -9.84 -29.01
N GLY B 373 10.99 -9.84 -29.81
CA GLY B 373 10.30 -11.06 -30.16
C GLY B 373 9.41 -11.63 -29.08
N LEU B 374 9.38 -11.02 -27.89
CA LEU B 374 8.57 -11.59 -26.82
C LEU B 374 7.27 -10.80 -26.62
N ALA B 375 6.88 -10.64 -25.36
CA ALA B 375 5.58 -10.07 -25.03
C ALA B 375 5.63 -9.62 -23.58
N PRO B 376 4.64 -8.85 -23.11
CA PRO B 376 4.58 -8.53 -21.68
C PRO B 376 4.56 -9.77 -20.80
N PHE B 377 3.86 -10.81 -21.22
CA PHE B 377 3.79 -12.04 -20.46
C PHE B 377 3.83 -13.19 -21.44
N ASN B 378 4.13 -14.39 -20.94
CA ASN B 378 4.30 -15.55 -21.81
C ASN B 378 2.95 -16.22 -22.02
N ASN B 379 2.93 -17.29 -22.82
CA ASN B 379 1.74 -18.13 -22.99
C ASN B 379 1.92 -19.33 -22.08
N PRO B 380 1.38 -19.34 -20.86
CA PRO B 380 1.77 -20.36 -19.89
C PRO B 380 1.00 -21.66 -20.06
N THR B 381 1.52 -22.71 -19.41
CA THR B 381 0.93 -24.04 -19.48
C THR B 381 -0.49 -24.05 -18.90
N ASN B 382 -0.66 -23.45 -17.74
CA ASN B 382 -1.90 -23.51 -17.00
C ASN B 382 -2.60 -22.15 -17.04
N GLU B 383 -3.84 -22.14 -16.52
CA GLU B 383 -4.67 -20.95 -16.60
C GLU B 383 -4.13 -19.84 -15.70
N ASN B 384 -3.89 -18.68 -16.28
CA ASN B 384 -3.68 -17.44 -15.53
C ASN B 384 -4.53 -16.35 -16.16
N PHE B 385 -4.65 -15.23 -15.46
CA PHE B 385 -5.64 -14.21 -15.79
C PHE B 385 -4.95 -12.88 -16.00
N PHE B 386 -5.38 -12.12 -17.02
CA PHE B 386 -4.87 -10.77 -17.18
C PHE B 386 -5.97 -9.81 -17.61
N CYS B 387 -5.75 -8.54 -17.29
CA CYS B 387 -6.64 -7.43 -17.59
C CYS B 387 -5.80 -6.16 -17.48
N SER B 388 -5.05 -5.85 -18.54
CA SER B 388 -4.10 -4.75 -18.60
C SER B 388 -3.96 -4.29 -20.04
N ASP B 389 -3.44 -3.08 -20.21
CA ASP B 389 -3.19 -2.53 -21.54
C ASP B 389 -1.73 -2.11 -21.62
N PHE B 390 -0.92 -2.94 -22.28
CA PHE B 390 0.50 -2.68 -22.54
C PHE B 390 0.71 -2.13 -23.94
N ILE B 391 1.73 -1.30 -24.09
CA ILE B 391 2.19 -0.91 -25.41
C ILE B 391 2.73 -2.14 -26.11
N GLY B 392 2.31 -2.35 -27.36
CA GLY B 392 2.79 -3.48 -28.15
C GLY B 392 2.10 -4.80 -27.88
N GLU B 393 0.99 -4.81 -27.15
CA GLU B 393 0.30 -6.06 -26.85
C GLU B 393 -1.19 -5.84 -27.13
N ASN B 394 -1.71 -6.57 -28.10
CA ASN B 394 -3.11 -6.44 -28.50
C ASN B 394 -4.06 -7.05 -27.50
N ARG B 395 -3.66 -8.10 -26.80
CA ARG B 395 -4.57 -8.75 -25.86
C ARG B 395 -4.76 -7.83 -24.67
N LYS B 396 -6.03 -7.63 -24.27
CA LYS B 396 -6.40 -6.72 -23.19
C LYS B 396 -6.92 -7.46 -21.97
N LEU B 397 -7.83 -8.40 -22.15
CA LEU B 397 -8.29 -9.26 -21.07
C LEU B 397 -8.29 -10.69 -21.56
N GLY B 398 -7.97 -11.61 -20.67
CA GLY B 398 -7.93 -13.00 -21.10
C GLY B 398 -7.56 -13.93 -19.96
N TRP B 399 -7.78 -15.21 -20.22
CA TRP B 399 -7.36 -16.28 -19.33
C TRP B 399 -7.11 -17.49 -20.20
N ASN B 400 -6.08 -18.25 -19.85
CA ASN B 400 -5.69 -19.37 -20.70
C ASN B 400 -5.60 -18.91 -22.16
N ARG B 401 -6.44 -19.44 -23.06
CA ARG B 401 -6.38 -19.09 -24.47
C ARG B 401 -7.64 -18.39 -24.96
N SER B 402 -8.39 -17.78 -24.05
CA SER B 402 -9.59 -17.01 -24.34
C SER B 402 -9.22 -15.53 -24.23
N TYR B 403 -9.42 -14.78 -25.31
CA TYR B 403 -8.89 -13.42 -25.37
C TYR B 403 -9.94 -12.38 -25.77
N ILE B 404 -9.87 -11.23 -25.12
CA ILE B 404 -10.50 -10.00 -25.63
C ILE B 404 -9.35 -9.10 -26.05
N LEU B 405 -9.32 -8.70 -27.33
CA LEU B 405 -8.12 -8.04 -27.85
C LEU B 405 -8.51 -7.02 -28.91
N ASP B 406 -7.52 -6.21 -29.25
CA ASP B 406 -7.57 -5.30 -30.38
C ASP B 406 -7.04 -6.04 -31.59
N GLN B 407 -7.88 -6.24 -32.61
CA GLN B 407 -7.49 -6.92 -33.84
C GLN B 407 -7.46 -5.87 -34.95
N GLY B 408 -6.37 -5.12 -35.01
CA GLY B 408 -6.22 -4.13 -36.07
C GLY B 408 -7.26 -3.02 -36.04
N GLY B 409 -7.60 -2.52 -34.84
CA GLY B 409 -8.63 -1.50 -34.73
C GLY B 409 -10.01 -2.06 -34.45
N ARG B 410 -10.15 -3.38 -34.42
CA ARG B 410 -11.46 -3.98 -34.17
C ARG B 410 -11.53 -4.50 -32.74
N LEU B 411 -12.75 -4.56 -32.21
CA LEU B 411 -13.00 -5.27 -30.96
C LEU B 411 -13.10 -6.75 -31.30
N ALA B 412 -12.20 -7.57 -30.75
CA ALA B 412 -12.12 -8.97 -31.11
C ALA B 412 -12.25 -9.85 -29.88
N LEU B 413 -13.00 -10.95 -30.04
CA LEU B 413 -13.16 -11.93 -28.98
C LEU B 413 -12.72 -13.25 -29.59
N PHE B 414 -11.53 -13.72 -29.23
CA PHE B 414 -10.85 -14.80 -29.93
C PHE B 414 -10.61 -15.97 -28.99
N GLN B 415 -10.68 -17.18 -29.54
CA GLN B 415 -10.33 -18.41 -28.84
C GLN B 415 -9.17 -19.10 -29.56
N ASN B 416 -8.05 -19.25 -28.87
CA ASN B 416 -6.85 -19.93 -29.37
C ASN B 416 -6.21 -19.21 -30.56
N VAL B 417 -6.30 -17.89 -30.60
CA VAL B 417 -5.60 -17.10 -31.62
C VAL B 417 -5.55 -15.65 -31.13
N TYR B 418 -4.44 -14.98 -31.41
CA TYR B 418 -4.31 -13.55 -31.13
C TYR B 418 -3.40 -12.92 -32.18
N ARG B 419 -3.56 -11.62 -32.33
CA ARG B 419 -2.74 -10.90 -33.30
C ARG B 419 -1.48 -10.40 -32.61
N SER B 420 -0.33 -10.72 -33.19
CA SER B 420 0.96 -10.23 -32.71
C SER B 420 1.67 -9.59 -33.89
N GLY B 421 1.80 -8.27 -33.87
CA GLY B 421 2.38 -7.57 -35.00
C GLY B 421 1.48 -7.71 -36.22
N ALA B 422 2.02 -8.22 -37.31
CA ALA B 422 1.22 -8.55 -38.48
C ALA B 422 0.81 -10.00 -38.53
N ASN B 423 1.20 -10.80 -37.55
CA ASN B 423 0.90 -12.23 -37.58
C ASN B 423 -0.26 -12.57 -36.65
N PHE B 424 -0.81 -13.76 -36.85
CA PHE B 424 -1.80 -14.35 -35.97
C PHE B 424 -1.18 -15.61 -35.40
N ILE B 425 -1.15 -15.69 -34.08
CA ILE B 425 -0.45 -16.75 -33.38
C ILE B 425 -1.49 -17.68 -32.82
N GLN B 426 -1.28 -18.98 -33.02
CA GLN B 426 -2.13 -20.03 -32.48
C GLN B 426 -1.39 -20.69 -31.32
N PRO B 427 -1.72 -20.37 -30.06
CA PRO B 427 -0.92 -20.90 -28.94
C PRO B 427 -1.01 -22.40 -28.74
N LYS B 428 -2.16 -23.03 -28.91
CA LYS B 428 -2.30 -24.47 -28.72
C LYS B 428 -2.47 -25.12 -30.09
N GLY B 429 -1.43 -25.80 -30.56
CA GLY B 429 -1.38 -26.24 -31.94
C GLY B 429 -2.28 -27.43 -32.25
N THR B 430 -2.77 -28.13 -31.22
CA THR B 430 -3.69 -29.24 -31.37
C THR B 430 -5.13 -28.80 -31.51
N ASN B 431 -5.42 -27.49 -31.45
CA ASN B 431 -6.77 -26.99 -31.49
C ASN B 431 -6.92 -25.95 -32.61
N ALA B 432 -8.12 -25.93 -33.21
CA ALA B 432 -8.49 -24.89 -34.15
C ALA B 432 -8.62 -23.54 -33.44
N SER B 433 -8.84 -22.48 -34.23
CA SER B 433 -9.03 -21.13 -33.69
C SER B 433 -10.29 -20.53 -34.27
N PHE B 434 -11.08 -19.84 -33.42
CA PHE B 434 -12.29 -19.18 -33.85
C PHE B 434 -12.41 -17.83 -33.17
N GLY B 435 -13.15 -16.92 -33.80
CA GLY B 435 -13.38 -15.66 -33.11
C GLY B 435 -14.35 -14.78 -33.85
N ILE B 436 -14.69 -13.69 -33.18
CA ILE B 436 -15.49 -12.59 -33.72
C ILE B 436 -14.64 -11.33 -33.66
N GLN B 437 -14.71 -10.50 -34.70
CA GLN B 437 -14.08 -9.20 -34.66
C GLN B 437 -15.07 -8.19 -35.22
N ILE B 438 -15.28 -7.10 -34.46
CA ILE B 438 -16.28 -6.08 -34.75
C ILE B 438 -15.53 -4.82 -35.19
N ALA B 439 -15.76 -4.36 -36.42
CA ALA B 439 -15.07 -3.23 -37.00
C ALA B 439 -15.92 -1.97 -36.96
N ASP B 440 -15.30 -0.83 -37.28
CA ASP B 440 -16.05 0.40 -37.51
C ASP B 440 -15.93 0.84 -38.96
N ASN B 441 -16.02 -0.11 -39.88
CA ASN B 441 -16.11 0.21 -41.30
C ASN B 441 -17.15 -0.72 -41.91
N THR B 442 -17.78 -0.25 -42.98
CA THR B 442 -18.93 -0.97 -43.56
C THR B 442 -18.53 -2.17 -44.40
N VAL B 443 -17.29 -2.25 -44.86
CA VAL B 443 -16.84 -3.44 -45.57
C VAL B 443 -16.77 -4.64 -44.62
N ASP B 444 -16.21 -4.45 -43.43
CA ASP B 444 -16.03 -5.51 -42.45
C ASP B 444 -17.28 -5.79 -41.58
N GLY B 445 -17.93 -4.75 -41.05
CA GLY B 445 -19.05 -4.98 -40.15
C GLY B 445 -18.68 -5.85 -38.97
N VAL B 446 -19.57 -6.78 -38.63
CA VAL B 446 -19.30 -7.83 -37.66
C VAL B 446 -18.82 -9.07 -38.42
N ALA B 447 -17.61 -9.53 -38.11
CA ALA B 447 -16.96 -10.61 -38.84
C ALA B 447 -16.69 -11.81 -37.93
N PHE B 448 -16.84 -13.01 -38.49
CA PHE B 448 -16.50 -14.27 -37.84
C PHE B 448 -15.31 -14.88 -38.55
N VAL B 449 -14.34 -15.41 -37.79
CA VAL B 449 -13.08 -15.85 -38.37
C VAL B 449 -12.70 -17.18 -37.77
N GLY B 450 -11.86 -17.93 -38.49
CA GLY B 450 -11.36 -19.19 -37.96
C GLY B 450 -10.09 -19.64 -38.68
N ALA B 451 -9.46 -20.66 -38.10
CA ALA B 451 -8.28 -21.26 -38.69
C ALA B 451 -8.16 -22.68 -38.16
N ASN B 452 -7.72 -23.62 -39.01
CA ASN B 452 -7.57 -25.00 -38.57
C ASN B 452 -6.43 -25.15 -37.57
N ALA B 453 -6.48 -26.24 -36.82
CA ALA B 453 -5.37 -26.56 -35.94
C ALA B 453 -4.12 -26.76 -36.77
N SER B 454 -3.03 -26.08 -36.37
CA SER B 454 -1.78 -26.08 -37.13
C SER B 454 -0.87 -27.27 -36.81
N GLY B 455 -1.00 -27.85 -35.62
CA GLY B 455 -0.12 -28.90 -35.18
C GLY B 455 1.17 -28.43 -34.52
N THR B 456 1.35 -27.13 -34.33
CA THR B 456 2.56 -26.57 -33.71
C THR B 456 2.18 -25.42 -32.79
N ASP B 457 2.46 -25.55 -31.50
CA ASP B 457 2.21 -24.45 -30.56
C ASP B 457 2.87 -23.16 -31.03
N ASN B 458 2.17 -22.04 -30.83
CA ASN B 458 2.66 -20.68 -31.07
C ASN B 458 3.00 -20.41 -32.53
N SER B 459 2.47 -21.20 -33.44
CA SER B 459 2.80 -20.97 -34.84
C SER B 459 1.90 -19.90 -35.46
N ASN B 460 2.33 -19.39 -36.60
CA ASN B 460 1.59 -18.41 -37.36
C ASN B 460 0.52 -19.10 -38.20
N VAL B 461 -0.70 -18.55 -38.16
CA VAL B 461 -1.81 -19.10 -38.93
C VAL B 461 -2.43 -18.00 -39.77
N THR B 462 -3.24 -18.42 -40.73
CA THR B 462 -4.05 -17.54 -41.57
C THR B 462 -5.45 -17.51 -41.01
N LEU B 463 -6.01 -16.32 -40.82
CA LEU B 463 -7.40 -16.21 -40.38
C LEU B 463 -8.31 -16.17 -41.60
N THR B 464 -9.21 -17.14 -41.70
CA THR B 464 -10.23 -17.16 -42.76
C THR B 464 -11.49 -16.46 -42.25
N THR B 465 -11.97 -15.48 -43.02
CA THR B 465 -13.26 -14.86 -42.71
C THR B 465 -14.40 -15.78 -43.15
N LEU B 466 -15.27 -16.13 -42.22
CA LEU B 466 -16.38 -17.06 -42.45
C LEU B 466 -17.70 -16.37 -42.77
N LEU B 467 -17.90 -15.17 -42.24
CA LEU B 467 -19.20 -14.50 -42.31
C LEU B 467 -19.00 -13.04 -41.93
N ASN B 468 -19.62 -12.14 -42.68
CA ASN B 468 -19.71 -10.73 -42.29
C ASN B 468 -21.18 -10.34 -42.19
N VAL B 469 -21.54 -9.63 -41.13
CA VAL B 469 -22.86 -9.02 -40.97
C VAL B 469 -22.66 -7.52 -41.14
N THR B 470 -23.24 -6.93 -42.18
CA THR B 470 -23.00 -5.53 -42.50
C THR B 470 -24.33 -4.83 -42.74
N LEU B 471 -24.26 -3.52 -43.02
CA LEU B 471 -25.46 -2.70 -43.21
C LEU B 471 -26.27 -3.13 -44.42
N ASP B 472 -25.63 -3.74 -45.41
CA ASP B 472 -26.35 -4.08 -46.64
C ASP B 472 -26.38 -5.58 -46.94
N GLY B 473 -25.95 -6.44 -46.02
CA GLY B 473 -26.08 -7.87 -46.19
C GLY B 473 -25.52 -8.73 -45.08
N ILE B 474 -26.10 -9.91 -44.93
CA ILE B 474 -25.48 -11.00 -44.19
C ILE B 474 -24.74 -11.87 -45.22
N LYS B 475 -23.43 -11.98 -45.05
CA LYS B 475 -22.55 -12.36 -46.15
C LYS B 475 -21.72 -13.58 -45.76
N PRO B 476 -22.26 -14.79 -45.98
CA PRO B 476 -21.53 -16.02 -45.65
C PRO B 476 -20.48 -16.34 -46.72
N LYS B 477 -19.26 -16.61 -46.25
CA LYS B 477 -18.16 -17.01 -47.10
C LYS B 477 -18.04 -18.53 -47.19
N VAL B 478 -18.89 -19.25 -46.47
CA VAL B 478 -19.04 -20.70 -46.55
C VAL B 478 -20.53 -20.97 -46.75
N PRO B 479 -20.91 -22.20 -47.09
CA PRO B 479 -22.31 -22.47 -47.38
C PRO B 479 -23.21 -22.40 -46.15
N ILE B 480 -24.48 -22.20 -46.41
CA ILE B 480 -25.50 -22.33 -45.36
C ILE B 480 -25.91 -23.79 -45.32
N THR B 481 -25.60 -24.47 -44.22
CA THR B 481 -25.83 -25.90 -44.04
C THR B 481 -26.97 -26.08 -43.03
N PHE B 482 -28.12 -26.53 -43.51
CA PHE B 482 -29.32 -26.64 -42.70
C PHE B 482 -29.35 -27.94 -41.90
N THR B 483 -29.88 -27.85 -40.71
CA THR B 483 -30.29 -29.02 -39.96
C THR B 483 -31.79 -29.23 -40.18
N PRO B 484 -32.25 -30.41 -40.57
CA PRO B 484 -33.69 -30.57 -40.86
C PRO B 484 -34.54 -30.37 -39.62
N VAL B 485 -35.62 -29.59 -39.76
CA VAL B 485 -36.56 -29.33 -38.69
C VAL B 485 -37.97 -29.63 -39.20
N THR B 486 -38.92 -29.76 -38.26
CA THR B 486 -40.32 -30.01 -38.66
C THR B 486 -40.94 -28.75 -39.23
N ALA B 487 -41.92 -28.93 -40.12
CA ALA B 487 -42.54 -27.79 -40.79
C ALA B 487 -43.42 -27.00 -39.83
N SER B 488 -44.03 -27.68 -38.86
CA SER B 488 -44.82 -26.96 -37.86
C SER B 488 -43.94 -26.00 -37.05
N SER B 489 -42.66 -26.34 -36.87
CA SER B 489 -41.77 -25.49 -36.09
C SER B 489 -41.45 -24.15 -36.76
N THR B 490 -41.76 -23.97 -38.04
CA THR B 490 -41.30 -22.81 -38.80
C THR B 490 -42.30 -21.65 -38.75
N LEU B 491 -41.77 -20.42 -38.71
CA LEU B 491 -42.57 -19.21 -38.86
C LEU B 491 -42.81 -18.90 -40.33
N ASN B 492 -43.70 -17.95 -40.59
CA ASN B 492 -43.89 -17.49 -41.95
C ASN B 492 -42.61 -16.87 -42.50
N ASN B 493 -42.45 -16.99 -43.83
CA ASN B 493 -41.26 -16.49 -44.55
C ASN B 493 -39.99 -17.22 -44.12
N SER B 494 -40.09 -18.54 -43.96
CA SER B 494 -39.00 -19.36 -43.45
C SER B 494 -38.50 -20.29 -44.54
N LEU B 495 -37.20 -20.26 -44.78
CA LEU B 495 -36.48 -21.27 -45.56
C LEU B 495 -35.91 -22.30 -44.60
N PHE B 496 -36.09 -23.59 -44.93
CA PHE B 496 -35.70 -24.69 -44.03
C PHE B 496 -35.64 -25.98 -44.81
N VAL B 497 -34.92 -26.97 -44.28
CA VAL B 497 -35.02 -28.34 -44.79
C VAL B 497 -35.96 -29.12 -43.89
N ASP B 498 -36.98 -29.75 -44.49
CA ASP B 498 -38.00 -30.48 -43.74
C ASP B 498 -37.46 -31.82 -43.25
N SER B 499 -37.61 -32.11 -41.94
CA SER B 499 -37.13 -33.40 -41.46
C SER B 499 -37.98 -34.56 -41.94
N ALA B 500 -39.23 -34.30 -42.35
CA ALA B 500 -40.08 -35.35 -42.85
C ALA B 500 -39.51 -35.97 -44.13
N ASP B 501 -38.99 -35.13 -45.05
CA ASP B 501 -38.56 -35.66 -46.33
C ASP B 501 -37.23 -35.12 -46.82
N ASN B 502 -36.49 -34.38 -45.99
CA ASN B 502 -35.15 -33.94 -46.34
C ASN B 502 -35.17 -33.07 -47.59
N LYS B 503 -36.23 -32.28 -47.76
CA LYS B 503 -36.34 -31.39 -48.91
C LYS B 503 -36.25 -29.94 -48.44
N LEU B 504 -35.54 -29.13 -49.21
CA LEU B 504 -35.49 -27.69 -48.98
C LEU B 504 -36.87 -27.08 -49.25
N LYS B 505 -37.45 -26.40 -48.27
CA LYS B 505 -38.78 -25.84 -48.43
C LYS B 505 -38.83 -24.39 -48.00
N PHE B 506 -39.92 -23.72 -48.37
CA PHE B 506 -40.17 -22.33 -47.97
C PHE B 506 -41.60 -22.22 -47.50
N LYS B 507 -41.81 -21.72 -46.28
CA LYS B 507 -43.16 -21.38 -45.81
C LYS B 507 -43.40 -19.90 -46.07
N ASP B 508 -44.44 -19.57 -46.85
CA ASP B 508 -44.54 -18.20 -47.31
C ASP B 508 -45.33 -17.35 -46.33
N ASN B 509 -45.67 -16.14 -46.78
CA ASN B 509 -46.27 -15.10 -45.93
C ASN B 509 -47.66 -15.48 -45.41
N THR B 510 -48.30 -16.52 -45.97
CA THR B 510 -49.61 -16.97 -45.54
C THR B 510 -49.57 -18.28 -44.79
N GLY B 511 -48.39 -18.83 -44.50
CA GLY B 511 -48.28 -20.09 -43.80
C GLY B 511 -48.27 -21.33 -44.67
N THR B 512 -48.28 -21.17 -45.99
CA THR B 512 -48.26 -22.29 -46.92
C THR B 512 -46.83 -22.79 -47.14
N VAL B 513 -46.63 -24.08 -46.95
CA VAL B 513 -45.33 -24.71 -47.19
C VAL B 513 -45.22 -25.08 -48.67
N LYS B 514 -44.17 -24.63 -49.34
CA LYS B 514 -43.92 -25.03 -50.73
C LYS B 514 -42.52 -25.57 -50.87
N ILE B 515 -42.33 -26.43 -51.86
CA ILE B 515 -41.04 -27.05 -52.11
C ILE B 515 -40.24 -26.16 -53.05
N VAL B 516 -38.98 -25.90 -52.70
CA VAL B 516 -38.05 -25.23 -53.61
C VAL B 516 -37.74 -26.17 -54.77
N THR B 517 -38.06 -25.75 -55.99
CA THR B 517 -37.79 -26.60 -57.15
C THR B 517 -36.29 -26.71 -57.39
N LEU B 518 -35.81 -27.96 -57.50
CA LEU B 518 -34.42 -28.24 -57.84
C LEU B 518 -34.34 -29.02 -59.14
N THR B 519 -33.23 -28.86 -59.86
CA THR B 519 -32.98 -29.58 -61.11
C THR B 519 -31.61 -30.29 -61.12
N LYS C 3 48.59 6.95 32.34
CA LYS C 3 49.07 7.82 33.42
C LYS C 3 48.14 9.01 33.64
N THR C 4 47.59 9.11 34.85
CA THR C 4 46.74 10.22 35.24
C THR C 4 47.46 11.06 36.30
N ARG C 5 47.52 12.37 36.08
CA ARG C 5 48.17 13.31 36.99
C ARG C 5 47.19 14.44 37.29
N TRP C 6 46.55 14.38 38.45
CA TRP C 6 45.55 15.38 38.79
C TRP C 6 46.19 16.75 38.99
N LEU C 7 45.62 17.77 38.37
CA LEU C 7 45.97 19.15 38.66
C LEU C 7 44.90 19.74 39.56
N ASN C 8 45.24 20.87 40.16
CA ASN C 8 44.28 21.55 41.00
C ASN C 8 43.14 22.07 40.12
N PRO C 9 41.88 21.94 40.57
CA PRO C 9 40.75 22.36 39.72
C PRO C 9 40.78 23.86 39.44
N VAL C 10 40.06 24.25 38.39
CA VAL C 10 39.91 25.62 37.98
C VAL C 10 38.43 25.91 37.83
N ALA C 11 38.07 27.20 37.81
CA ALA C 11 36.67 27.59 37.77
C ALA C 11 36.03 27.25 36.42
N THR C 12 36.62 27.74 35.33
CA THR C 12 36.05 27.58 34.01
C THR C 12 37.08 26.90 33.10
N PHE C 13 36.58 26.36 31.98
CA PHE C 13 37.45 25.84 30.94
C PHE C 13 38.30 26.96 30.31
N ALA C 14 37.75 28.18 30.25
CA ALA C 14 38.51 29.32 29.77
C ALA C 14 39.73 29.58 30.64
N ASP C 15 39.63 29.25 31.93
CA ASP C 15 40.74 29.43 32.85
C ASP C 15 41.87 28.43 32.61
N ILE C 16 41.59 27.31 31.94
CA ILE C 16 42.60 26.25 31.83
C ILE C 16 43.84 26.75 31.11
N ALA C 17 43.67 27.40 29.95
CA ALA C 17 44.83 27.87 29.20
C ALA C 17 45.56 28.97 29.96
N THR C 18 44.81 29.91 30.56
CA THR C 18 45.42 30.97 31.36
C THR C 18 46.21 30.41 32.53
N THR C 19 45.55 29.60 33.37
CA THR C 19 46.18 29.08 34.57
C THR C 19 47.26 28.07 34.24
N TYR C 20 47.08 27.28 33.17
CA TYR C 20 48.01 26.24 32.75
C TYR C 20 48.39 26.51 31.30
N PRO C 21 49.35 27.40 31.06
CA PRO C 21 49.79 27.69 29.68
C PRO C 21 50.90 26.78 29.16
N ASN C 22 51.37 25.80 29.94
CA ASN C 22 52.43 24.87 29.50
C ASN C 22 52.05 23.45 29.93
N PRO C 23 51.03 22.88 29.30
CA PRO C 23 50.53 21.59 29.76
C PRO C 23 51.41 20.42 29.32
N GLN C 24 51.31 19.33 30.07
CA GLN C 24 52.06 18.11 29.80
C GLN C 24 51.11 16.92 29.70
N HIS C 25 51.59 15.84 29.09
CA HIS C 25 50.75 14.67 28.86
C HIS C 25 50.27 14.06 30.17
N GLY C 26 49.06 13.51 30.16
CA GLY C 26 48.45 12.92 31.34
C GLY C 26 47.78 13.90 32.27
N ASP C 27 47.97 15.21 32.06
CA ASP C 27 47.42 16.23 32.93
C ASP C 27 45.89 16.19 32.93
N THR C 28 45.30 16.17 34.12
CA THR C 28 43.86 16.04 34.31
C THR C 28 43.38 17.13 35.26
N VAL C 29 42.37 17.88 34.85
CA VAL C 29 41.81 18.93 35.69
C VAL C 29 40.29 18.92 35.54
N MET C 30 39.59 19.24 36.64
CA MET C 30 38.14 19.39 36.68
C MET C 30 37.80 20.87 36.69
N VAL C 31 36.76 21.24 35.96
CA VAL C 31 36.21 22.59 36.04
C VAL C 31 35.07 22.57 37.04
N THR C 32 35.06 23.52 37.97
CA THR C 32 34.18 23.46 39.11
C THR C 32 33.17 24.59 39.21
N ASP C 33 33.34 25.68 38.46
CA ASP C 33 32.41 26.81 38.51
C ASP C 33 32.19 27.36 37.11
N ASP C 34 31.76 26.48 36.21
CA ASP C 34 31.63 26.76 34.79
C ASP C 34 30.18 26.71 34.35
N GLY C 35 29.28 27.22 35.19
CA GLY C 35 27.87 27.21 34.85
C GLY C 35 27.35 25.80 34.72
N GLU C 36 26.64 25.54 33.62
CA GLU C 36 26.07 24.22 33.40
C GLU C 36 27.10 23.19 32.96
N ASN C 37 28.35 23.60 32.74
CA ASN C 37 29.43 22.68 32.42
C ASN C 37 30.23 22.24 33.65
N SER C 38 29.82 22.67 34.85
CA SER C 38 30.57 22.35 36.06
C SER C 38 30.59 20.85 36.31
N GLY C 39 31.71 20.37 36.88
CA GLY C 39 31.93 18.96 37.06
C GLY C 39 32.57 18.25 35.87
N SER C 40 32.77 18.93 34.75
CA SER C 40 33.44 18.30 33.63
C SER C 40 34.93 18.15 33.92
N VAL C 41 35.50 17.05 33.45
CA VAL C 41 36.91 16.74 33.65
C VAL C 41 37.58 16.70 32.29
N TYR C 42 38.63 17.51 32.12
CA TYR C 42 39.38 17.57 30.88
C TYR C 42 40.77 16.99 31.07
N ARG C 43 41.34 16.51 29.97
CA ARG C 43 42.65 15.87 30.00
C ARG C 43 43.48 16.33 28.82
N TYR C 44 44.71 16.80 29.11
CA TYR C 44 45.63 17.19 28.06
C TYR C 44 46.13 15.96 27.33
N GLU C 45 45.87 15.91 26.02
CA GLU C 45 46.20 14.73 25.22
C GLU C 45 46.55 15.16 23.81
N ASN C 46 47.74 14.76 23.36
CA ASN C 46 48.19 15.01 21.99
C ASN C 46 48.14 16.49 21.64
N GLY C 47 48.45 17.35 22.60
CA GLY C 47 48.46 18.79 22.39
C GLY C 47 47.13 19.49 22.60
N GLN C 48 46.10 18.77 23.05
CA GLN C 48 44.77 19.35 23.26
C GLN C 48 44.19 18.83 24.57
N TRP C 49 43.34 19.64 25.19
CA TRP C 49 42.60 19.22 26.38
C TRP C 49 41.37 18.43 25.93
N ASN C 50 41.22 17.22 26.44
CA ASN C 50 40.15 16.31 26.01
C ASN C 50 39.19 15.99 27.15
N LEU C 51 37.91 15.85 26.80
CA LEU C 51 36.87 15.54 27.79
C LEU C 51 36.87 14.04 28.03
N THR C 52 36.98 13.66 29.31
CA THR C 52 37.04 12.26 29.70
C THR C 52 35.86 11.90 30.59
N GLN C 53 35.41 10.66 30.45
CA GLN C 53 34.37 10.08 31.30
C GLN C 53 34.96 9.14 32.36
N LYS C 54 36.29 9.18 32.55
CA LYS C 54 37.00 8.20 33.38
C LYS C 54 36.85 8.48 34.87
N HIS C 55 36.77 9.75 35.24
CA HIS C 55 36.81 10.17 36.63
C HIS C 55 35.41 10.64 37.04
N ASN C 56 34.55 9.67 37.30
CA ASN C 56 33.15 9.88 37.66
C ASN C 56 32.88 9.54 39.13
N ASP C 57 33.91 9.61 39.99
CA ASP C 57 33.69 9.34 41.41
C ASP C 57 32.68 10.33 41.98
N LEU C 58 32.78 11.60 41.60
CA LEU C 58 31.85 12.60 42.10
C LEU C 58 30.55 12.57 41.30
N ALA C 59 29.44 12.71 42.02
CA ALA C 59 28.13 12.68 41.39
C ALA C 59 28.02 13.72 40.29
N ILE C 60 28.59 14.91 40.50
CA ILE C 60 28.46 15.96 39.50
C ILE C 60 29.23 15.60 38.24
N ALA C 61 30.36 14.88 38.37
CA ALA C 61 31.07 14.45 37.17
C ALA C 61 30.33 13.34 36.46
N ASP C 62 29.77 12.40 37.22
CA ASP C 62 29.00 11.34 36.60
C ASP C 62 27.77 11.92 35.91
N VAL C 63 27.11 12.92 36.52
CA VAL C 63 25.92 13.52 35.93
C VAL C 63 26.26 14.18 34.60
N GLN C 64 27.39 14.89 34.53
CA GLN C 64 27.80 15.50 33.27
C GLN C 64 28.02 14.45 32.16
N ASN C 65 28.66 13.33 32.49
CA ASN C 65 28.83 12.26 31.51
C ASN C 65 27.47 11.82 30.99
N LYS C 66 26.55 11.54 31.89
CA LYS C 66 25.24 11.00 31.52
C LYS C 66 24.42 12.01 30.74
N ILE C 67 24.53 13.29 31.08
CA ILE C 67 23.84 14.33 30.32
C ILE C 67 24.40 14.39 28.91
N GLY C 68 25.72 14.28 28.78
CA GLY C 68 26.32 14.27 27.46
C GLY C 68 25.76 13.17 26.59
N ILE C 69 25.59 11.98 27.15
CA ILE C 69 25.04 10.87 26.37
C ILE C 69 23.58 11.13 26.02
N LEU C 70 22.79 11.60 26.99
CA LEU C 70 21.38 11.87 26.75
C LEU C 70 21.18 12.94 25.70
N LYS C 71 22.10 13.89 25.61
CA LYS C 71 21.99 14.95 24.61
C LYS C 71 22.20 14.45 23.18
N THR C 72 22.71 13.22 22.99
CA THR C 72 22.95 12.74 21.63
C THR C 72 21.67 12.32 20.91
N ILE C 73 20.53 12.27 21.60
CA ILE C 73 19.26 11.92 20.97
C ILE C 73 18.84 12.98 19.95
N ALA C 74 19.05 14.25 20.26
CA ALA C 74 18.48 15.32 19.43
C ALA C 74 19.04 16.66 19.87
N VAL C 75 19.06 17.59 18.92
CA VAL C 75 19.37 18.99 19.21
C VAL C 75 18.05 19.68 19.51
N ASN C 76 17.84 20.07 20.76
CA ASN C 76 16.61 20.72 21.16
C ASN C 76 16.71 22.21 20.88
N VAL C 77 15.74 22.74 20.13
CA VAL C 77 15.77 24.15 19.76
C VAL C 77 15.72 25.04 21.00
N LYS C 78 15.25 24.51 22.12
CA LYS C 78 15.25 25.26 23.36
C LYS C 78 16.67 25.55 23.83
N GLU C 79 17.64 24.69 23.49
CA GLU C 79 19.03 24.98 23.83
C GLU C 79 19.51 26.29 23.21
N PHE C 80 18.88 26.71 22.12
CA PHE C 80 19.36 27.85 21.37
C PHE C 80 18.49 29.09 21.59
N GLY C 81 17.60 29.06 22.56
CA GLY C 81 16.86 30.22 22.96
C GLY C 81 15.43 30.38 22.46
N THR C 82 14.80 29.32 21.94
CA THR C 82 13.38 29.45 21.58
C THR C 82 12.53 29.62 22.84
N LYS C 83 11.51 30.46 22.73
CA LYS C 83 10.49 30.56 23.76
C LYS C 83 9.28 29.67 23.47
N GLY C 84 8.95 29.47 22.20
CA GLY C 84 7.79 28.65 21.85
C GLY C 84 6.49 29.20 22.40
N ASP C 85 6.37 30.52 22.53
CA ASP C 85 5.20 31.13 23.15
C ASP C 85 4.30 31.82 22.13
N GLY C 86 4.65 31.79 20.85
CA GLY C 86 3.87 32.46 19.82
C GLY C 86 4.00 33.96 19.82
N VAL C 87 4.78 34.53 20.73
CA VAL C 87 4.93 35.98 20.86
C VAL C 87 6.35 36.41 20.51
N THR C 88 7.34 35.75 21.09
CA THR C 88 8.73 36.02 20.77
C THR C 88 9.08 35.50 19.38
N ASP C 89 9.86 36.27 18.64
CA ASP C 89 10.36 35.80 17.35
C ASP C 89 11.41 34.71 17.61
N ASP C 90 11.10 33.48 17.22
CA ASP C 90 11.98 32.34 17.41
C ASP C 90 12.81 31.98 16.18
N THR C 91 12.80 32.81 15.12
CA THR C 91 13.45 32.45 13.88
C THR C 91 14.94 32.18 14.07
N VAL C 92 15.64 33.12 14.71
CA VAL C 92 17.09 33.04 14.80
C VAL C 92 17.51 31.84 15.61
N ALA C 93 16.81 31.58 16.73
CA ALA C 93 17.15 30.43 17.55
C ALA C 93 16.97 29.11 16.80
N ILE C 94 15.88 28.97 16.03
CA ILE C 94 15.68 27.73 15.27
C ILE C 94 16.77 27.57 14.21
N GLN C 95 17.07 28.64 13.45
CA GLN C 95 18.14 28.56 12.47
C GLN C 95 19.47 28.20 13.12
N ASN C 96 19.73 28.72 14.31
CA ASN C 96 20.99 28.41 14.96
C ASN C 96 21.06 26.94 15.38
N ALA C 97 19.93 26.40 15.87
CA ALA C 97 19.92 25.00 16.26
C ALA C 97 20.14 24.09 15.07
N ILE C 98 19.53 24.42 13.93
CA ILE C 98 19.76 23.66 12.70
C ILE C 98 21.22 23.77 12.28
N ASN C 99 21.76 24.99 12.27
CA ASN C 99 23.15 25.16 11.80
C ASN C 99 24.17 24.50 12.71
N SER C 100 23.79 24.14 13.93
CA SER C 100 24.73 23.55 14.87
C SER C 100 25.07 22.10 14.54
N ILE C 101 24.24 21.42 13.75
CA ILE C 101 24.53 20.05 13.37
C ILE C 101 25.57 20.06 12.24
N VAL C 102 26.69 19.38 12.47
CA VAL C 102 27.73 19.27 11.45
C VAL C 102 27.32 18.23 10.43
N SER C 103 27.25 18.62 9.16
CA SER C 103 26.87 17.68 8.11
C SER C 103 27.46 18.16 6.80
N SER C 104 27.08 17.49 5.72
CA SER C 104 27.51 17.88 4.38
C SER C 104 26.42 17.47 3.39
N LEU C 105 26.76 17.45 2.11
CA LEU C 105 25.78 17.17 1.06
C LEU C 105 25.83 15.69 0.68
N ASN C 106 24.86 15.26 -0.12
CA ASN C 106 24.79 13.86 -0.65
C ASN C 106 24.65 12.90 0.54
N ASN C 107 25.26 11.72 0.49
CA ASN C 107 24.99 10.70 1.51
C ASN C 107 25.38 11.17 2.90
N ALA C 108 26.55 11.79 3.02
CA ALA C 108 27.09 12.33 4.27
C ALA C 108 27.00 11.33 5.42
N SER C 109 27.47 10.10 5.16
CA SER C 109 27.24 9.01 6.10
C SER C 109 27.89 9.36 7.42
N GLY C 110 27.23 8.97 8.52
CA GLY C 110 27.73 9.26 9.85
C GLY C 110 27.61 10.69 10.32
N GLN C 111 26.91 11.55 9.59
CA GLN C 111 26.69 12.94 10.01
C GLN C 111 25.20 13.28 10.00
N GLY C 112 24.80 14.25 10.82
CA GLY C 112 23.39 14.63 10.82
C GLY C 112 22.69 14.41 12.15
N GLY C 113 21.37 14.44 12.13
CA GLY C 113 20.61 14.16 13.32
C GLY C 113 19.26 14.86 13.33
N ILE C 114 18.63 14.83 14.51
CA ILE C 114 17.30 15.41 14.72
C ILE C 114 17.41 16.79 15.33
N VAL C 115 16.64 17.73 14.80
CA VAL C 115 16.37 19.00 15.47
C VAL C 115 14.97 18.88 16.07
N TYR C 116 14.88 18.89 17.40
CA TYR C 116 13.63 18.63 18.09
C TYR C 116 12.98 19.93 18.55
N PHE C 117 11.69 20.05 18.26
CA PHE C 117 10.88 21.21 18.61
C PHE C 117 9.87 20.77 19.67
N PRO C 118 10.08 21.09 20.94
CA PRO C 118 9.09 20.71 21.95
C PRO C 118 7.74 21.41 21.72
N THR C 119 6.74 20.90 22.42
CA THR C 119 5.38 21.46 22.38
C THR C 119 5.41 22.99 22.48
N GLY C 120 4.76 23.64 21.54
CA GLY C 120 4.72 25.08 21.58
C GLY C 120 4.27 25.67 20.27
N THR C 121 4.19 26.99 20.27
CA THR C 121 3.89 27.80 19.09
C THR C 121 5.14 28.61 18.81
N TYR C 122 5.69 28.48 17.59
CA TYR C 122 6.98 29.10 17.23
C TYR C 122 6.74 30.15 16.16
N LYS C 123 6.85 31.42 16.54
CA LYS C 123 6.68 32.50 15.57
C LYS C 123 7.91 32.60 14.66
N VAL C 124 7.71 32.56 13.36
CA VAL C 124 8.81 32.60 12.40
C VAL C 124 8.56 33.75 11.45
N THR C 125 9.56 34.63 11.29
CA THR C 125 9.37 35.85 10.51
C THR C 125 10.21 35.92 9.25
N SER C 126 11.12 34.98 9.04
CA SER C 126 11.87 34.93 7.81
C SER C 126 12.18 33.46 7.51
N LYS C 127 12.59 33.21 6.29
CA LYS C 127 12.81 31.85 5.80
C LYS C 127 13.84 31.11 6.65
N ILE C 128 13.53 29.87 6.99
CA ILE C 128 14.47 29.01 7.69
C ILE C 128 14.99 27.96 6.72
N THR C 129 16.31 27.89 6.60
CA THR C 129 16.95 27.07 5.54
C THR C 129 17.62 25.84 6.15
N ILE C 130 17.41 24.70 5.51
CA ILE C 130 18.12 23.46 5.83
C ILE C 130 18.94 23.09 4.59
N ASN C 131 20.27 23.13 4.70
CA ASN C 131 21.14 23.07 3.51
C ASN C 131 22.14 21.91 3.55
N LYS C 132 21.97 20.97 4.48
CA LYS C 132 22.82 19.80 4.61
C LYS C 132 21.98 18.55 4.77
N SER C 133 22.60 17.41 4.47
CA SER C 133 21.93 16.12 4.46
C SER C 133 21.73 15.60 5.88
N ASN C 134 20.74 14.69 6.00
CA ASN C 134 20.48 13.91 7.20
C ASN C 134 19.93 14.74 8.35
N ILE C 135 19.25 15.86 8.05
CA ILE C 135 18.62 16.69 9.07
C ILE C 135 17.14 16.39 9.06
N ARG C 136 16.60 15.99 10.21
CA ARG C 136 15.15 15.82 10.38
C ARG C 136 14.63 16.81 11.42
N LEU C 137 13.57 17.53 11.07
CA LEU C 137 12.88 18.41 12.01
C LEU C 137 11.74 17.63 12.62
N VAL C 138 11.79 17.43 13.94
CA VAL C 138 10.81 16.59 14.63
C VAL C 138 10.15 17.40 15.74
N GLY C 139 8.82 17.44 15.74
CA GLY C 139 8.08 18.10 16.79
C GLY C 139 7.43 17.13 17.75
N ALA C 140 6.56 17.69 18.60
CA ALA C 140 5.89 16.91 19.63
C ALA C 140 4.56 16.33 19.16
N GLY C 141 4.10 16.72 17.98
CA GLY C 141 2.81 16.27 17.46
C GLY C 141 2.35 17.18 16.34
N MET C 142 1.54 16.60 15.45
CA MET C 142 1.08 17.33 14.26
C MET C 142 0.48 18.69 14.59
N SER C 143 -0.07 18.86 15.80
CA SER C 143 -0.57 20.16 16.21
C SER C 143 0.07 20.67 17.50
N ALA C 144 0.59 19.77 18.34
CA ALA C 144 1.27 20.16 19.58
C ALA C 144 2.45 21.09 19.30
N THR C 145 3.19 20.85 18.22
CA THR C 145 4.22 21.77 17.75
C THR C 145 3.72 22.48 16.51
N CYS C 146 3.62 23.81 16.58
CA CYS C 146 3.07 24.59 15.49
C CYS C 146 3.98 25.76 15.16
N ILE C 147 4.38 25.86 13.89
CA ILE C 147 5.20 26.97 13.40
C ILE C 147 4.25 28.01 12.82
N LYS C 148 4.23 29.21 13.39
CA LYS C 148 3.33 30.28 12.96
C LYS C 148 4.12 31.31 12.17
N SER C 149 3.82 31.42 10.88
CA SER C 149 4.58 32.26 9.98
C SER C 149 3.97 33.66 9.87
N THR C 150 4.84 34.68 9.85
CA THR C 150 4.47 36.03 9.46
C THR C 150 5.11 36.42 8.13
N ILE C 151 5.67 35.45 7.41
CA ILE C 151 6.35 35.75 6.14
C ILE C 151 5.30 36.16 5.11
N THR C 152 5.59 37.22 4.36
CA THR C 152 4.64 37.78 3.40
C THR C 152 5.30 38.08 2.06
N ASN C 153 6.55 37.65 1.85
CA ASN C 153 7.27 37.91 0.60
C ASN C 153 7.26 36.72 -0.34
N GLY C 154 6.46 35.70 -0.07
CA GLY C 154 6.42 34.54 -0.90
C GLY C 154 7.44 33.45 -0.58
N ASN C 155 8.32 33.69 0.38
CA ASN C 155 9.35 32.72 0.71
C ASN C 155 8.78 31.60 1.56
N PRO C 156 9.45 30.44 1.59
CA PRO C 156 9.00 29.35 2.44
C PRO C 156 9.35 29.55 3.89
N VAL C 157 8.59 28.88 4.75
CA VAL C 157 8.95 28.82 6.17
C VAL C 157 10.16 27.95 6.38
N PHE C 158 10.12 26.71 5.88
CA PHE C 158 11.27 25.82 5.88
C PHE C 158 11.65 25.58 4.42
N GLU C 159 12.90 25.85 4.09
CA GLU C 159 13.41 25.67 2.73
C GLU C 159 14.53 24.63 2.78
N PHE C 160 14.27 23.44 2.23
CA PHE C 160 15.29 22.41 2.10
C PHE C 160 15.90 22.49 0.69
N VAL C 161 17.21 22.74 0.62
CA VAL C 161 17.89 22.84 -0.68
C VAL C 161 19.39 22.72 -0.45
N PRO C 162 20.13 21.99 -1.28
CA PRO C 162 21.57 21.92 -1.06
C PRO C 162 22.23 23.28 -1.24
N SER C 163 23.29 23.52 -0.45
CA SER C 163 24.05 24.76 -0.56
C SER C 163 24.75 24.86 -1.90
N ASP C 164 25.10 23.71 -2.47
CA ASP C 164 25.67 23.58 -3.81
C ASP C 164 24.61 22.84 -4.64
N THR C 165 23.95 23.54 -5.55
CA THR C 165 22.82 22.92 -6.26
C THR C 165 23.25 22.05 -7.43
N ALA C 166 24.54 21.89 -7.67
CA ALA C 166 24.91 20.75 -8.51
C ALA C 166 24.83 19.43 -7.74
N GLN C 167 24.71 19.50 -6.42
CA GLN C 167 24.63 18.33 -5.56
C GLN C 167 23.18 18.19 -5.06
N ARG C 168 23.02 17.34 -4.04
CA ARG C 168 21.70 16.98 -3.55
C ARG C 168 21.76 16.90 -2.04
N LEU C 169 20.59 17.06 -1.42
CA LEU C 169 20.43 16.73 0.00
C LEU C 169 19.77 15.38 0.08
N CYS C 170 20.26 14.54 0.98
CA CYS C 170 19.69 13.22 1.16
C CYS C 170 19.13 13.06 2.57
N PHE C 171 18.02 12.33 2.69
CA PHE C 171 17.51 11.85 3.97
C PHE C 171 17.12 12.97 4.92
N VAL C 172 16.52 14.03 4.39
CA VAL C 172 15.93 15.06 5.22
C VAL C 172 14.47 14.72 5.44
N GLY C 173 13.85 15.37 6.42
CA GLY C 173 12.44 15.17 6.60
C GLY C 173 11.86 16.04 7.71
N ILE C 174 10.54 15.97 7.82
CA ILE C 174 9.79 16.63 8.88
C ILE C 174 8.87 15.59 9.50
N GLU C 175 8.77 15.59 10.81
CA GLU C 175 7.86 14.69 11.51
C GLU C 175 7.14 15.45 12.62
N LYS C 176 5.84 15.19 12.75
CA LYS C 176 5.09 15.51 13.96
C LYS C 176 5.11 17.01 14.31
N MET C 177 4.71 17.83 13.35
CA MET C 177 4.58 19.26 13.57
C MET C 177 3.68 19.85 12.49
N CYS C 178 3.25 21.10 12.71
CA CYS C 178 2.38 21.86 11.81
C CYS C 178 3.11 23.13 11.38
N ILE C 179 2.95 23.51 10.12
CA ILE C 179 3.34 24.83 9.65
C ILE C 179 2.04 25.55 9.32
N ASP C 180 1.83 26.71 9.94
CA ASP C 180 0.62 27.50 9.77
C ASP C 180 1.02 28.83 9.13
N GLY C 181 0.58 29.05 7.89
CA GLY C 181 0.91 30.28 7.20
C GLY C 181 0.10 31.50 7.61
N GLN C 182 -0.97 31.30 8.40
CA GLN C 182 -1.82 32.39 8.89
C GLN C 182 -2.34 33.26 7.74
N ASN C 183 -2.55 32.63 6.57
CA ASN C 183 -3.08 33.27 5.36
C ASN C 183 -2.14 34.34 4.79
N ASN C 184 -0.89 34.35 5.21
CA ASN C 184 0.14 35.22 4.65
C ASN C 184 0.70 34.64 3.35
N ASP C 185 1.27 35.51 2.52
CA ASP C 185 1.92 35.08 1.28
C ASP C 185 3.28 34.46 1.61
N CYS C 186 3.25 33.17 1.96
CA CYS C 186 4.44 32.37 2.20
C CYS C 186 4.17 30.95 1.72
N ILE C 187 5.24 30.23 1.44
CA ILE C 187 5.20 28.80 1.14
C ILE C 187 5.40 28.05 2.45
N GLY C 188 4.62 27.01 2.68
CA GLY C 188 4.78 26.25 3.91
C GLY C 188 6.12 25.56 4.01
N VAL C 189 6.37 24.61 3.10
CA VAL C 189 7.62 23.85 3.04
C VAL C 189 8.07 23.77 1.59
N SER C 190 9.33 24.09 1.35
CA SER C 190 9.91 24.02 0.03
C SER C 190 10.97 22.93 0.03
N LEU C 191 10.88 22.01 -0.93
CA LEU C 191 11.85 20.93 -1.11
C LEU C 191 12.44 21.03 -2.50
N LYS C 192 13.78 21.06 -2.59
CA LYS C 192 14.43 21.19 -3.89
C LYS C 192 15.70 20.35 -3.92
N LYS C 193 15.82 19.51 -4.94
CA LYS C 193 17.02 18.69 -5.13
C LYS C 193 17.28 17.81 -3.92
N ILE C 194 16.22 17.13 -3.48
CA ILE C 194 16.24 16.20 -2.35
C ILE C 194 16.15 14.78 -2.88
N SER C 195 16.89 13.87 -2.25
CA SER C 195 16.74 12.43 -2.49
C SER C 195 16.46 11.75 -1.15
N LEU C 196 15.58 10.75 -1.16
CA LEU C 196 15.42 9.82 -0.04
C LEU C 196 14.89 10.53 1.20
N GLY C 197 14.05 11.53 0.98
CA GLY C 197 13.40 12.19 2.11
C GLY C 197 12.40 11.28 2.79
N ARG C 198 12.19 11.52 4.09
CA ARG C 198 11.25 10.74 4.89
C ARG C 198 10.43 11.70 5.75
N PHE C 199 9.14 11.83 5.47
CA PHE C 199 8.21 12.75 6.13
C PHE C 199 7.05 11.96 6.71
N LEU C 200 6.64 12.32 7.93
CA LEU C 200 5.62 11.57 8.65
C LEU C 200 4.75 12.50 9.48
N ASP C 201 3.43 12.42 9.27
CA ASP C 201 2.43 13.08 10.10
C ASP C 201 2.80 14.54 10.37
N PHE C 202 2.78 15.35 9.31
CA PHE C 202 3.00 16.76 9.52
C PHE C 202 1.94 17.52 8.74
N GLY C 203 1.70 18.75 9.18
CA GLY C 203 0.63 19.57 8.64
C GLY C 203 1.20 20.80 7.97
N VAL C 204 0.55 21.23 6.88
CA VAL C 204 0.84 22.50 6.22
C VAL C 204 -0.50 23.15 5.91
N ARG C 205 -0.77 24.30 6.51
CA ARG C 205 -2.10 24.87 6.44
C ARG C 205 -2.03 26.38 6.34
N TYR C 206 -3.04 26.96 5.68
CA TYR C 206 -3.27 28.42 5.66
C TYR C 206 -2.09 29.20 5.05
N CYS C 207 -1.44 28.60 4.05
CA CYS C 207 -0.40 29.30 3.32
C CYS C 207 -1.03 29.88 2.06
N ALA C 208 -0.90 31.19 1.84
CA ALA C 208 -1.50 31.75 0.63
C ALA C 208 -0.62 31.58 -0.61
N ASN C 209 0.64 31.13 -0.46
CA ASN C 209 1.42 30.69 -1.61
C ASN C 209 1.24 29.17 -1.73
N HIS C 210 2.17 28.45 -2.36
CA HIS C 210 2.13 26.99 -2.32
C HIS C 210 2.15 26.49 -0.88
N GLY C 211 1.35 25.48 -0.60
CA GLY C 211 1.48 24.80 0.68
C GLY C 211 2.79 24.06 0.78
N LEU C 212 2.99 23.10 -0.11
CA LEU C 212 4.22 22.31 -0.18
C LEU C 212 4.73 22.40 -1.61
N TYR C 213 5.87 23.06 -1.79
CA TYR C 213 6.50 23.22 -3.09
C TYR C 213 7.61 22.21 -3.26
N ILE C 214 7.64 21.53 -4.39
CA ILE C 214 8.54 20.40 -4.60
C ILE C 214 9.15 20.54 -5.99
N GLU C 215 10.48 20.64 -6.08
CA GLU C 215 11.15 20.77 -7.35
C GLU C 215 12.32 19.80 -7.42
N GLU C 216 12.29 18.89 -8.40
CA GLU C 216 13.37 17.92 -8.64
C GLU C 216 13.70 17.15 -7.37
N VAL C 217 12.69 16.48 -6.82
CA VAL C 217 12.84 15.66 -5.61
C VAL C 217 12.64 14.20 -6.00
N TRP C 218 13.51 13.33 -5.50
CA TRP C 218 13.53 11.92 -5.86
C TRP C 218 13.31 11.06 -4.62
N ASP C 219 12.57 9.96 -4.78
CA ASP C 219 12.63 8.83 -3.85
C ASP C 219 12.30 9.26 -2.42
N THR C 220 11.16 9.91 -2.25
CA THR C 220 10.79 10.54 -0.99
C THR C 220 9.42 10.08 -0.55
N ASN C 221 9.34 9.57 0.68
CA ASN C 221 8.12 9.05 1.26
C ASN C 221 7.49 10.14 2.12
N ILE C 222 6.19 10.34 1.96
CA ILE C 222 5.43 11.35 2.68
C ILE C 222 4.19 10.66 3.24
N ILE C 223 4.21 10.36 4.54
CA ILE C 223 3.16 9.55 5.14
C ILE C 223 2.33 10.45 6.06
N GLY C 224 1.03 10.52 5.82
CA GLY C 224 0.12 11.15 6.77
C GLY C 224 0.12 12.66 6.72
N LEU C 225 0.54 13.25 5.59
CA LEU C 225 0.46 14.70 5.44
C LEU C 225 -0.99 15.19 5.55
N TYR C 226 -1.15 16.34 6.23
CA TYR C 226 -2.41 17.04 6.39
C TYR C 226 -2.25 18.42 5.78
N ASN C 227 -2.98 18.68 4.71
CA ASN C 227 -2.71 19.80 3.81
C ASN C 227 -4.04 20.48 3.55
N THR C 228 -4.24 21.70 4.07
CA THR C 228 -5.52 22.40 3.93
C THR C 228 -5.30 23.90 3.76
N ASP C 229 -6.30 24.54 3.15
CA ASP C 229 -6.43 26.00 3.10
C ASP C 229 -5.19 26.66 2.49
N ASN C 230 -4.57 26.00 1.51
CA ASN C 230 -3.35 26.52 0.90
C ASN C 230 -3.64 26.99 -0.51
N GLY C 231 -2.77 27.86 -1.00
CA GLY C 231 -2.76 28.19 -2.40
C GLY C 231 -3.50 29.47 -2.69
N ASP C 232 -3.56 29.78 -3.99
CA ASP C 232 -4.12 31.04 -4.48
C ASP C 232 -4.33 30.83 -5.97
N LEU C 233 -5.56 30.50 -6.35
CA LEU C 233 -5.81 30.06 -7.73
C LEU C 233 -5.41 31.14 -8.74
N ALA C 234 -5.74 32.40 -8.47
CA ALA C 234 -5.47 33.47 -9.43
C ALA C 234 -3.98 33.64 -9.68
N ARG C 235 -3.13 33.31 -8.70
CA ARG C 235 -1.69 33.40 -8.84
C ARG C 235 -1.04 32.04 -9.05
N ASN C 236 -1.84 31.01 -9.33
CA ASN C 236 -1.35 29.69 -9.69
C ASN C 236 -0.54 29.03 -8.57
N LYS C 237 -1.00 29.18 -7.32
CA LYS C 237 -0.41 28.53 -6.16
C LYS C 237 -1.35 27.45 -5.64
N HIS C 238 -0.79 26.31 -5.26
CA HIS C 238 -1.62 25.14 -4.99
C HIS C 238 -1.20 24.48 -3.68
N GLY C 239 -1.98 23.49 -3.24
CA GLY C 239 -1.69 22.84 -1.97
C GLY C 239 -0.36 22.10 -2.00
N VAL C 240 -0.14 21.32 -3.06
CA VAL C 240 1.15 20.69 -3.34
C VAL C 240 1.48 20.98 -4.80
N TYR C 241 2.64 21.56 -5.04
CA TYR C 241 3.07 21.88 -6.40
C TYR C 241 4.33 21.07 -6.70
N ILE C 242 4.28 20.24 -7.71
CA ILE C 242 5.40 19.37 -8.03
C ILE C 242 5.91 19.75 -9.40
N TYR C 243 7.14 20.28 -9.43
CA TYR C 243 7.78 20.81 -10.63
C TYR C 243 8.99 19.94 -11.00
N ASN C 244 9.24 19.76 -12.30
CA ASN C 244 10.43 18.98 -12.65
C ASN C 244 11.70 19.82 -12.54
N GLY C 245 11.62 21.11 -12.77
CA GLY C 245 12.81 21.92 -12.79
C GLY C 245 13.45 21.90 -14.16
N THR C 246 14.65 22.48 -14.24
CA THR C 246 15.22 22.73 -15.57
C THR C 246 16.19 21.65 -16.06
N SER C 247 16.57 20.69 -15.23
CA SER C 247 17.58 19.72 -15.67
C SER C 247 17.17 18.26 -15.52
N ASP C 248 16.28 17.92 -14.59
CA ASP C 248 15.87 16.54 -14.36
C ASP C 248 14.38 16.52 -14.07
N ASN C 249 13.91 15.71 -13.11
CA ASN C 249 12.49 15.67 -12.78
C ASN C 249 12.28 15.36 -11.30
N SER C 250 11.01 15.34 -10.91
CA SER C 250 10.58 14.79 -9.63
C SER C 250 10.04 13.40 -9.92
N ASN C 251 10.51 12.40 -9.17
CA ASN C 251 10.05 11.04 -9.37
C ASN C 251 10.08 10.31 -8.03
N ARG C 252 9.22 9.28 -7.92
CA ARG C 252 9.16 8.43 -6.71
C ARG C 252 8.86 9.25 -5.46
N LEU C 253 7.99 10.26 -5.63
CA LEU C 253 7.30 10.86 -4.49
C LEU C 253 6.13 9.96 -4.12
N LEU C 254 6.14 9.43 -2.91
CA LEU C 254 5.09 8.54 -2.45
C LEU C 254 4.33 9.22 -1.32
N PHE C 255 3.08 9.60 -1.60
CA PHE C 255 2.15 10.16 -0.63
C PHE C 255 1.25 9.03 -0.15
N ILE C 256 1.34 8.68 1.12
CA ILE C 256 0.60 7.56 1.66
C ILE C 256 -0.31 8.07 2.79
N ALA C 257 -1.61 7.82 2.65
CA ALA C 257 -2.60 8.13 3.69
C ALA C 257 -2.55 9.61 4.02
N CYS C 258 -2.46 10.44 2.98
CA CYS C 258 -2.46 11.89 3.13
C CYS C 258 -3.88 12.44 3.05
N HIS C 259 -4.03 13.67 3.53
CA HIS C 259 -5.34 14.30 3.72
C HIS C 259 -5.25 15.71 3.14
N PHE C 260 -5.83 15.90 1.96
CA PHE C 260 -5.94 17.19 1.29
C PHE C 260 -7.36 17.69 1.39
N GLU C 261 -7.54 18.91 1.91
CA GLU C 261 -8.91 19.40 2.12
C GLU C 261 -9.00 20.91 1.99
N ALA C 262 -10.01 21.37 1.26
CA ALA C 262 -10.39 22.78 1.22
C ALA C 262 -9.20 23.66 0.87
N ASN C 263 -8.44 23.27 -0.15
CA ASN C 263 -7.39 24.16 -0.63
C ASN C 263 -7.97 25.20 -1.58
N ASN C 264 -7.27 26.31 -1.70
CA ASN C 264 -7.73 27.39 -2.56
C ASN C 264 -7.22 27.27 -3.99
N GLY C 265 -6.10 26.59 -4.21
CA GLY C 265 -5.74 26.08 -5.52
C GLY C 265 -6.11 24.62 -5.59
N SER C 266 -5.55 23.93 -6.58
CA SER C 266 -5.65 22.48 -6.63
C SER C 266 -4.99 21.86 -5.41
N HIS C 267 -5.47 20.68 -5.02
CA HIS C 267 -4.77 19.95 -3.97
C HIS C 267 -3.36 19.55 -4.42
N VAL C 268 -3.26 18.99 -5.63
CA VAL C 268 -2.00 18.49 -6.16
C VAL C 268 -1.88 18.99 -7.58
N TYR C 269 -0.78 19.66 -7.88
CA TYR C 269 -0.55 20.21 -9.20
C TYR C 269 0.82 19.76 -9.68
N PHE C 270 0.85 18.95 -10.74
CA PHE C 270 2.09 18.53 -11.40
C PHE C 270 2.43 19.48 -12.54
N ASP C 271 3.68 19.94 -12.58
CA ASP C 271 4.15 20.86 -13.62
C ASP C 271 5.40 20.22 -14.24
N SER C 272 5.30 19.79 -15.50
CA SER C 272 6.41 19.17 -16.21
C SER C 272 6.99 20.05 -17.31
N THR C 273 6.75 21.36 -17.23
CA THR C 273 7.16 22.27 -18.29
C THR C 273 8.62 22.71 -18.19
N GLY C 274 9.33 22.32 -17.14
CA GLY C 274 10.67 22.86 -16.92
C GLY C 274 11.70 22.37 -17.92
N ASN C 275 11.57 21.14 -18.37
CA ASN C 275 12.44 20.60 -19.42
C ASN C 275 11.80 19.31 -19.93
N ARG C 276 12.47 18.64 -20.85
CA ARG C 276 11.84 17.52 -21.52
C ARG C 276 11.67 16.29 -20.62
N ARG C 277 12.39 16.22 -19.50
CA ARG C 277 12.22 15.09 -18.60
C ARG C 277 11.03 15.34 -17.70
N ARG C 278 9.91 14.65 -17.98
CA ARG C 278 8.65 14.87 -17.29
C ARG C 278 8.64 14.17 -15.94
N ASN C 279 7.82 14.71 -15.03
CA ASN C 279 7.63 14.07 -13.73
C ASN C 279 7.08 12.67 -13.94
N GLY C 280 7.56 11.72 -13.14
CA GLY C 280 7.15 10.35 -13.34
C GLY C 280 7.22 9.52 -12.07
N ASN C 281 6.41 8.47 -12.06
CA ASN C 281 6.49 7.42 -11.04
C ASN C 281 6.27 7.93 -9.63
N ASN C 282 5.37 8.90 -9.51
CA ASN C 282 4.87 9.35 -8.22
C ASN C 282 3.57 8.63 -7.90
N GLN C 283 3.26 8.50 -6.60
CA GLN C 283 2.16 7.67 -6.13
C GLN C 283 1.36 8.39 -5.05
N PHE C 284 0.04 8.15 -5.05
CA PHE C 284 -0.86 8.58 -3.99
C PHE C 284 -1.65 7.35 -3.57
N ILE C 285 -1.48 6.92 -2.34
CA ILE C 285 -2.03 5.66 -1.84
C ILE C 285 -2.92 5.99 -0.66
N GLY C 286 -4.23 5.74 -0.80
CA GLY C 286 -5.16 5.99 0.30
C GLY C 286 -5.37 7.45 0.61
N CYS C 287 -5.19 8.34 -0.35
CA CYS C 287 -5.27 9.76 -0.05
C CYS C 287 -6.70 10.28 -0.19
N LYS C 288 -6.98 11.39 0.50
CA LYS C 288 -8.29 12.05 0.50
C LYS C 288 -8.15 13.40 -0.20
N PHE C 289 -9.08 13.69 -1.09
CA PHE C 289 -9.10 14.92 -1.88
C PHE C 289 -10.51 15.51 -1.72
N HIS C 290 -10.64 16.42 -0.78
CA HIS C 290 -11.94 16.88 -0.28
C HIS C 290 -12.05 18.37 -0.58
N GLY C 291 -13.15 18.77 -1.20
CA GLY C 291 -13.34 20.12 -1.64
C GLY C 291 -13.58 21.11 -0.50
N LYS C 292 -13.79 22.36 -0.89
CA LYS C 292 -13.85 23.48 0.03
C LYS C 292 -15.25 23.73 0.58
N ASP C 293 -16.29 23.61 -0.25
CA ASP C 293 -17.65 24.00 0.14
C ASP C 293 -18.64 22.88 -0.15
N PRO C 294 -19.06 22.13 0.87
CA PRO C 294 -20.03 21.05 0.64
C PRO C 294 -21.46 21.51 0.41
N SER C 295 -21.76 22.81 0.50
CA SER C 295 -23.16 23.27 0.42
C SER C 295 -23.69 23.20 -1.00
N ALA C 296 -22.84 23.40 -2.00
CA ALA C 296 -23.29 23.45 -3.38
C ALA C 296 -22.11 23.34 -4.33
N LEU C 297 -22.43 22.93 -5.55
CA LEU C 297 -21.49 22.96 -6.65
C LEU C 297 -22.09 23.83 -7.74
N PRO C 298 -21.37 24.84 -8.25
CA PRO C 298 -20.00 25.27 -7.92
C PRO C 298 -19.82 25.79 -6.49
N GLY C 299 -20.86 26.43 -5.94
CA GLY C 299 -20.75 26.99 -4.60
C GLY C 299 -19.52 27.87 -4.50
N ASN C 300 -18.83 27.76 -3.36
CA ASN C 300 -17.59 28.48 -3.14
C ASN C 300 -16.36 27.62 -3.48
N ASN C 301 -16.53 26.59 -4.29
CA ASN C 301 -15.40 25.72 -4.62
C ASN C 301 -14.61 26.30 -5.79
N PRO C 302 -13.28 26.38 -5.68
CA PRO C 302 -12.51 26.98 -6.78
C PRO C 302 -12.58 26.15 -8.05
N ASN C 303 -12.47 26.86 -9.17
CA ASN C 303 -12.57 26.28 -10.51
C ASN C 303 -11.19 25.74 -10.88
N THR C 304 -10.86 24.58 -10.34
CA THR C 304 -9.54 23.99 -10.53
C THR C 304 -9.65 22.52 -10.19
N PRO C 305 -8.95 21.63 -10.91
CA PRO C 305 -9.08 20.19 -10.65
C PRO C 305 -8.54 19.83 -9.26
N HIS C 306 -9.09 18.77 -8.65
CA HIS C 306 -8.49 18.32 -7.39
C HIS C 306 -7.04 17.91 -7.60
N MET C 307 -6.75 17.25 -8.73
CA MET C 307 -5.39 16.88 -9.08
C MET C 307 -5.17 17.22 -10.54
N TYR C 308 -4.22 18.11 -10.81
CA TYR C 308 -3.75 18.35 -12.17
C TYR C 308 -2.50 17.51 -12.41
N LEU C 309 -2.57 16.60 -13.37
CA LEU C 309 -1.57 15.56 -13.54
C LEU C 309 -0.84 15.76 -14.87
N ASP C 310 0.08 16.75 -14.90
CA ASP C 310 1.01 16.88 -16.03
C ASP C 310 2.23 16.03 -15.68
N GLY C 311 2.08 14.73 -15.92
CA GLY C 311 3.06 13.76 -15.46
C GLY C 311 2.75 12.41 -16.06
N ASP C 312 3.74 11.51 -15.94
CA ASP C 312 3.62 10.16 -16.49
C ASP C 312 3.78 9.14 -15.39
N VAL C 313 3.15 7.98 -15.58
CA VAL C 313 3.30 6.82 -14.71
C VAL C 313 3.03 7.23 -13.26
N THR C 314 1.95 7.98 -13.03
CA THR C 314 1.49 8.26 -11.67
C THR C 314 0.53 7.19 -11.21
N TYR C 315 0.66 6.79 -9.95
CA TYR C 315 -0.17 5.74 -9.37
C TYR C 315 -1.14 6.40 -8.38
N VAL C 316 -2.43 6.36 -8.70
CA VAL C 316 -3.47 6.93 -7.83
C VAL C 316 -4.31 5.78 -7.32
N MET C 317 -3.94 5.25 -6.14
CA MET C 317 -4.42 3.97 -5.64
C MET C 317 -5.37 4.20 -4.47
N ASN C 318 -6.58 3.66 -4.59
CA ASN C 318 -7.62 3.74 -3.54
C ASN C 318 -7.66 5.13 -2.89
N CYS C 319 -7.79 6.14 -3.75
CA CYS C 319 -7.94 7.51 -3.27
C CYS C 319 -9.41 7.95 -3.34
N TYR C 320 -9.74 8.90 -2.48
CA TYR C 320 -11.11 9.37 -2.30
C TYR C 320 -11.20 10.80 -2.81
N PHE C 321 -12.11 11.03 -3.74
CA PHE C 321 -12.33 12.36 -4.32
C PHE C 321 -13.75 12.83 -4.01
N TYR C 322 -13.89 14.06 -3.49
CA TYR C 322 -15.21 14.59 -3.18
C TYR C 322 -15.26 16.10 -3.42
N GLN C 323 -16.28 16.52 -4.18
CA GLN C 323 -16.75 17.91 -4.28
C GLN C 323 -15.74 18.79 -5.01
N CYS C 324 -15.84 18.86 -6.33
CA CYS C 324 -14.82 19.56 -7.12
C CYS C 324 -15.45 20.36 -8.25
N ASN C 325 -15.15 21.65 -8.32
CA ASN C 325 -15.69 22.51 -9.36
C ASN C 325 -14.84 22.49 -10.63
N ASN C 326 -14.50 21.28 -11.10
CA ASN C 326 -13.66 21.05 -12.28
C ASN C 326 -13.66 19.54 -12.49
N ASP C 327 -12.69 19.01 -13.25
CA ASP C 327 -12.44 17.58 -13.23
C ASP C 327 -11.79 17.19 -11.92
N PHE C 328 -12.12 16.00 -11.42
CA PHE C 328 -11.38 15.50 -10.25
C PHE C 328 -9.91 15.30 -10.57
N ILE C 329 -9.61 14.61 -11.68
CA ILE C 329 -8.24 14.41 -12.14
C ILE C 329 -8.17 14.88 -13.58
N LYS C 330 -7.41 15.94 -13.84
CA LYS C 330 -7.17 16.41 -15.20
C LYS C 330 -5.80 15.88 -15.63
N VAL C 331 -5.78 14.98 -16.61
CA VAL C 331 -4.56 14.26 -16.97
C VAL C 331 -3.96 14.85 -18.24
N LYS C 332 -2.64 15.13 -18.19
CA LYS C 332 -1.84 15.46 -19.38
C LYS C 332 -0.57 14.62 -19.31
N GLY C 333 -0.68 13.37 -19.73
CA GLY C 333 0.45 12.47 -19.69
C GLY C 333 0.02 11.04 -19.91
N ASP C 334 0.98 10.13 -19.72
CA ASP C 334 0.86 8.76 -20.20
C ASP C 334 1.06 7.75 -19.07
N ARG C 335 0.34 6.63 -19.21
CA ARG C 335 0.47 5.44 -18.35
C ARG C 335 0.22 5.75 -16.89
N ASN C 336 -0.63 6.73 -16.61
CA ASN C 336 -1.07 6.94 -15.25
C ASN C 336 -2.13 5.90 -14.89
N LYS C 337 -2.21 5.60 -13.60
CA LYS C 337 -2.99 4.47 -13.11
C LYS C 337 -3.95 4.96 -12.05
N ILE C 338 -5.24 4.84 -12.33
CA ILE C 338 -6.31 5.25 -11.43
C ILE C 338 -7.04 3.97 -11.06
N ILE C 339 -6.74 3.43 -9.88
CA ILE C 339 -7.15 2.08 -9.51
C ILE C 339 -7.89 2.12 -8.17
N GLY C 340 -9.14 1.67 -8.16
CA GLY C 340 -9.90 1.56 -6.93
C GLY C 340 -10.22 2.90 -6.30
N CYS C 341 -10.38 3.94 -7.10
CA CYS C 341 -10.75 5.23 -6.53
C CYS C 341 -12.25 5.41 -6.57
N ASP C 342 -12.76 6.28 -5.69
CA ASP C 342 -14.15 6.68 -5.69
C ASP C 342 -14.29 8.19 -5.85
N PHE C 343 -15.23 8.59 -6.69
CA PHE C 343 -15.41 9.97 -7.10
C PHE C 343 -16.84 10.37 -6.78
N TYR C 344 -17.04 11.48 -6.08
CA TYR C 344 -18.40 11.91 -5.71
C TYR C 344 -18.52 13.42 -5.91
N ASN C 345 -19.27 13.81 -6.95
CA ASN C 345 -19.75 15.17 -7.21
C ASN C 345 -18.67 16.11 -7.71
N CYS C 346 -18.62 16.30 -9.04
CA CYS C 346 -17.75 17.29 -9.67
C CYS C 346 -18.51 17.90 -10.86
N THR C 347 -18.02 19.02 -11.33
CA THR C 347 -18.64 19.68 -12.47
C THR C 347 -18.11 19.18 -13.80
N GLY C 348 -16.93 18.56 -13.83
CA GLY C 348 -16.39 18.00 -15.05
C GLY C 348 -16.41 16.49 -15.05
N TYR C 349 -15.37 15.89 -15.60
CA TYR C 349 -15.16 14.45 -15.61
C TYR C 349 -14.49 14.01 -14.32
N PHE C 350 -14.74 12.75 -13.92
CA PHE C 350 -13.91 12.16 -12.89
C PHE C 350 -12.46 12.14 -13.33
N VAL C 351 -12.18 11.60 -14.52
CA VAL C 351 -10.85 11.56 -15.11
C VAL C 351 -10.93 12.16 -16.52
N ASN C 352 -10.25 13.28 -16.73
CA ASN C 352 -10.22 13.94 -18.03
C ASN C 352 -8.87 13.66 -18.68
N LEU C 353 -8.87 12.79 -19.68
CA LEU C 353 -7.64 12.46 -20.43
C LEU C 353 -7.45 13.47 -21.57
N THR C 354 -6.62 14.48 -21.34
CA THR C 354 -6.52 15.62 -22.24
C THR C 354 -5.43 15.40 -23.29
N GLY C 355 -5.55 16.15 -24.38
CA GLY C 355 -4.53 16.12 -25.43
C GLY C 355 -4.25 14.70 -25.88
N THR C 356 -2.96 14.37 -26.00
CA THR C 356 -2.47 13.10 -26.50
C THR C 356 -2.28 12.04 -25.42
N SER C 357 -2.79 12.28 -24.20
CA SER C 357 -2.68 11.31 -23.10
C SER C 357 -3.03 9.90 -23.54
N MET C 358 -2.17 8.95 -23.21
CA MET C 358 -2.34 7.61 -23.74
C MET C 358 -1.91 6.55 -22.75
N LEU C 359 -2.57 5.39 -22.83
CA LEU C 359 -2.28 4.19 -22.03
C LEU C 359 -2.50 4.42 -20.54
N ASN C 360 -3.29 5.43 -20.19
CA ASN C 360 -3.78 5.57 -18.83
C ASN C 360 -4.88 4.55 -18.58
N VAL C 361 -5.04 4.14 -17.33
CA VAL C 361 -5.97 3.08 -16.99
C VAL C 361 -6.83 3.50 -15.80
N ILE C 362 -8.14 3.22 -15.89
CA ILE C 362 -9.11 3.49 -14.85
C ILE C 362 -9.70 2.14 -14.47
N ASP C 363 -9.28 1.60 -13.33
CA ASP C 363 -9.55 0.21 -13.00
C ASP C 363 -10.15 0.08 -11.61
N GLY C 364 -11.24 -0.67 -11.49
CA GLY C 364 -11.84 -0.92 -10.20
C GLY C 364 -12.44 0.30 -9.52
N CYS C 365 -12.71 1.35 -10.27
CA CYS C 365 -13.15 2.61 -9.72
C CYS C 365 -14.67 2.67 -9.69
N SER C 366 -15.22 3.59 -8.89
CA SER C 366 -16.64 3.90 -8.98
C SER C 366 -16.88 5.34 -8.57
N GLY C 367 -18.16 5.70 -8.51
CA GLY C 367 -18.52 7.04 -8.07
C GLY C 367 -19.88 7.45 -8.60
N GLN C 368 -20.20 8.71 -8.33
CA GLN C 368 -21.50 9.26 -8.72
C GLN C 368 -21.38 10.78 -8.91
N TYR C 369 -22.17 11.29 -9.87
CA TYR C 369 -22.40 12.73 -10.07
C TYR C 369 -21.21 13.42 -10.73
N PHE C 370 -20.81 12.94 -11.91
CA PHE C 370 -19.96 13.70 -12.80
C PHE C 370 -20.76 14.87 -13.37
N GLY C 371 -20.09 15.70 -14.16
CA GLY C 371 -20.74 16.88 -14.71
C GLY C 371 -21.97 16.53 -15.55
N SER C 372 -22.97 17.41 -15.48
CA SER C 372 -24.24 17.17 -16.18
C SER C 372 -24.00 17.05 -17.68
N GLY C 373 -24.59 16.01 -18.29
CA GLY C 373 -24.37 15.73 -19.69
C GLY C 373 -22.98 15.25 -20.06
N LEU C 374 -22.15 14.89 -19.08
CA LEU C 374 -20.80 14.40 -19.38
C LEU C 374 -20.70 12.91 -19.10
N ALA C 375 -19.62 12.48 -18.43
CA ALA C 375 -19.40 11.06 -18.18
C ALA C 375 -18.29 10.93 -17.15
N PRO C 376 -18.07 9.73 -16.58
CA PRO C 376 -16.91 9.54 -15.68
C PRO C 376 -15.60 9.92 -16.32
N PHE C 377 -15.43 9.60 -17.61
CA PHE C 377 -14.21 9.96 -18.33
C PHE C 377 -14.62 10.44 -19.71
N ASN C 378 -13.70 11.16 -20.36
CA ASN C 378 -13.98 11.72 -21.68
C ASN C 378 -13.73 10.68 -22.77
N ASN C 379 -13.97 11.06 -24.03
CA ASN C 379 -13.56 10.22 -25.16
C ASN C 379 -12.25 10.76 -25.70
N PRO C 380 -11.11 10.22 -25.33
CA PRO C 380 -9.84 10.89 -25.60
C PRO C 380 -9.33 10.62 -27.02
N THR C 381 -8.39 11.47 -27.43
CA THR C 381 -7.78 11.35 -28.76
C THR C 381 -7.11 9.99 -28.97
N ASN C 382 -6.37 9.51 -27.98
CA ASN C 382 -5.54 8.33 -28.11
C ASN C 382 -6.10 7.20 -27.24
N GLU C 383 -5.51 6.02 -27.38
CA GLU C 383 -6.02 4.85 -26.68
C GLU C 383 -5.73 4.92 -25.17
N ASN C 384 -6.78 4.75 -24.36
CA ASN C 384 -6.67 4.58 -22.91
C ASN C 384 -7.57 3.41 -22.55
N PHE C 385 -7.41 2.89 -21.33
CA PHE C 385 -8.02 1.62 -20.94
C PHE C 385 -8.85 1.79 -19.67
N PHE C 386 -10.01 1.14 -19.63
CA PHE C 386 -10.80 1.21 -18.40
C PHE C 386 -11.47 -0.12 -18.14
N CYS C 387 -11.68 -0.43 -16.86
CA CYS C 387 -12.43 -1.59 -16.39
C CYS C 387 -13.06 -1.20 -15.04
N SER C 388 -14.23 -0.55 -15.10
CA SER C 388 -14.86 -0.02 -13.89
C SER C 388 -16.37 0.08 -14.11
N ASP C 389 -17.08 0.18 -12.99
CA ASP C 389 -18.54 0.30 -13.00
C ASP C 389 -18.93 1.57 -12.23
N PHE C 390 -19.22 2.65 -12.95
CA PHE C 390 -19.69 3.89 -12.36
C PHE C 390 -21.19 3.97 -12.48
N ILE C 391 -21.81 4.68 -11.53
CA ILE C 391 -23.21 5.03 -11.67
C ILE C 391 -23.38 5.99 -12.83
N GLY C 392 -24.33 5.68 -13.72
CA GLY C 392 -24.61 6.53 -14.87
C GLY C 392 -23.71 6.30 -16.07
N GLU C 393 -22.94 5.21 -16.08
CA GLU C 393 -22.06 4.90 -17.20
C GLU C 393 -22.33 3.47 -17.64
N ASN C 394 -22.76 3.28 -18.89
CA ASN C 394 -23.03 1.93 -19.39
C ASN C 394 -21.78 1.17 -19.77
N ARG C 395 -20.71 1.87 -20.15
CA ARG C 395 -19.48 1.18 -20.52
C ARG C 395 -18.82 0.62 -19.27
N LYS C 396 -18.48 -0.66 -19.33
CA LYS C 396 -17.81 -1.32 -18.20
C LYS C 396 -16.35 -1.62 -18.46
N LEU C 397 -16.01 -2.11 -19.65
CA LEU C 397 -14.61 -2.35 -20.00
C LEU C 397 -14.40 -1.89 -21.44
N GLY C 398 -13.28 -1.24 -21.69
CA GLY C 398 -12.97 -0.90 -23.06
C GLY C 398 -11.63 -0.23 -23.17
N TRP C 399 -11.26 0.03 -24.43
CA TRP C 399 -10.06 0.78 -24.75
C TRP C 399 -10.35 1.48 -26.06
N ASN C 400 -9.78 2.67 -26.22
CA ASN C 400 -10.04 3.47 -27.40
C ASN C 400 -11.56 3.49 -27.65
N ARG C 401 -12.03 2.97 -28.78
CA ARG C 401 -13.47 3.01 -29.07
C ARG C 401 -14.09 1.61 -29.11
N SER C 402 -13.47 0.64 -28.44
CA SER C 402 -13.98 -0.72 -28.33
C SER C 402 -14.54 -0.92 -26.93
N TYR C 403 -15.80 -1.35 -26.82
CA TYR C 403 -16.50 -1.35 -25.55
C TYR C 403 -17.26 -2.64 -25.26
N ILE C 404 -17.15 -3.09 -24.02
CA ILE C 404 -18.10 -4.02 -23.42
C ILE C 404 -18.98 -3.18 -22.50
N LEU C 405 -20.29 -3.23 -22.70
CA LEU C 405 -21.18 -2.27 -22.04
C LEU C 405 -22.55 -2.89 -21.78
N ASP C 406 -23.27 -2.25 -20.87
CA ASP C 406 -24.69 -2.50 -20.64
C ASP C 406 -25.47 -1.73 -21.69
N GLN C 407 -26.27 -2.44 -22.48
CA GLN C 407 -27.10 -1.81 -23.51
C GLN C 407 -28.57 -2.06 -23.14
N GLY C 408 -29.09 -1.24 -22.24
CA GLY C 408 -30.48 -1.42 -21.84
C GLY C 408 -30.80 -2.78 -21.25
N GLY C 409 -29.90 -3.31 -20.42
CA GLY C 409 -30.06 -4.61 -19.83
C GLY C 409 -29.49 -5.76 -20.64
N ARG C 410 -28.95 -5.48 -21.83
CA ARG C 410 -28.30 -6.47 -22.66
C ARG C 410 -26.79 -6.44 -22.48
N LEU C 411 -26.14 -7.60 -22.65
CA LEU C 411 -24.67 -7.61 -22.71
C LEU C 411 -24.27 -7.20 -24.12
N ALA C 412 -23.46 -6.14 -24.26
CA ALA C 412 -23.16 -5.58 -25.56
C ALA C 412 -21.67 -5.48 -25.79
N LEU C 413 -21.28 -5.77 -27.03
CA LEU C 413 -19.91 -5.69 -27.54
C LEU C 413 -19.96 -4.74 -28.73
N PHE C 414 -19.56 -3.49 -28.53
CA PHE C 414 -19.79 -2.43 -29.49
C PHE C 414 -18.45 -1.85 -29.97
N GLN C 415 -18.40 -1.49 -31.26
CA GLN C 415 -17.24 -0.81 -31.83
C GLN C 415 -17.68 0.55 -32.36
N ASN C 416 -17.13 1.61 -31.78
CA ASN C 416 -17.40 2.99 -32.21
C ASN C 416 -18.84 3.42 -31.94
N VAL C 417 -19.43 2.91 -30.85
CA VAL C 417 -20.74 3.37 -30.42
C VAL C 417 -20.96 2.91 -28.99
N TYR C 418 -21.66 3.74 -28.20
CA TYR C 418 -22.07 3.32 -26.88
C TYR C 418 -23.37 4.02 -26.51
N ARG C 419 -24.06 3.49 -25.50
CA ARG C 419 -25.31 4.07 -25.08
C ARG C 419 -25.05 5.04 -23.94
N SER C 420 -25.52 6.28 -24.09
CA SER C 420 -25.51 7.28 -23.03
C SER C 420 -26.93 7.80 -22.88
N GLY C 421 -27.53 7.57 -21.72
CA GLY C 421 -28.92 7.90 -21.55
C GLY C 421 -29.76 7.08 -22.51
N ALA C 422 -30.54 7.75 -23.33
CA ALA C 422 -31.35 7.06 -24.33
C ALA C 422 -30.67 7.03 -25.68
N ASN C 423 -29.52 7.66 -25.83
CA ASN C 423 -28.94 7.88 -27.13
C ASN C 423 -27.70 7.01 -27.32
N PHE C 424 -27.38 6.76 -28.58
CA PHE C 424 -26.19 6.00 -28.93
C PHE C 424 -25.17 6.97 -29.48
N ILE C 425 -24.02 7.07 -28.83
CA ILE C 425 -23.02 8.07 -29.15
C ILE C 425 -21.96 7.45 -30.02
N GLN C 426 -21.56 8.16 -31.08
CA GLN C 426 -20.51 7.69 -31.99
C GLN C 426 -19.23 8.49 -31.80
N PRO C 427 -18.23 7.99 -31.08
CA PRO C 427 -17.09 8.84 -30.74
C PRO C 427 -16.29 9.29 -31.96
N LYS C 428 -16.11 8.45 -32.98
CA LYS C 428 -15.41 8.86 -34.19
C LYS C 428 -16.42 8.98 -35.33
N GLY C 429 -16.77 10.23 -35.68
CA GLY C 429 -17.88 10.51 -36.58
C GLY C 429 -17.61 10.20 -38.06
N THR C 430 -16.35 10.06 -38.43
CA THR C 430 -15.97 9.66 -39.78
C THR C 430 -16.06 8.16 -40.01
N ASN C 431 -16.34 7.36 -38.98
CA ASN C 431 -16.38 5.89 -39.12
C ASN C 431 -17.76 5.37 -38.75
N ALA C 432 -18.08 4.21 -39.30
CA ALA C 432 -19.32 3.48 -39.02
C ALA C 432 -19.24 2.87 -37.63
N SER C 433 -20.34 2.24 -37.22
CA SER C 433 -20.48 1.65 -35.88
C SER C 433 -21.12 0.28 -36.01
N PHE C 434 -20.61 -0.70 -35.27
CA PHE C 434 -21.16 -2.05 -35.34
C PHE C 434 -21.11 -2.66 -33.95
N GLY C 435 -22.02 -3.61 -33.71
CA GLY C 435 -22.10 -4.24 -32.40
C GLY C 435 -22.94 -5.50 -32.38
N ILE C 436 -22.74 -6.26 -31.31
CA ILE C 436 -23.58 -7.38 -30.91
C ILE C 436 -24.16 -7.03 -29.55
N GLN C 437 -25.45 -7.36 -29.33
CA GLN C 437 -26.09 -7.21 -28.02
C GLN C 437 -26.93 -8.45 -27.71
N ILE C 438 -26.73 -8.99 -26.52
CA ILE C 438 -27.29 -10.28 -26.14
C ILE C 438 -28.33 -10.00 -25.05
N ALA C 439 -29.61 -10.20 -25.37
CA ALA C 439 -30.71 -9.92 -24.47
C ALA C 439 -31.15 -11.17 -23.72
N ASP C 440 -32.03 -10.98 -22.74
CA ASP C 440 -32.65 -12.10 -22.03
C ASP C 440 -34.16 -12.08 -22.23
N ASN C 441 -34.59 -11.74 -23.43
CA ASN C 441 -35.97 -11.92 -23.85
C ASN C 441 -35.96 -12.58 -25.23
N THR C 442 -37.02 -13.33 -25.53
CA THR C 442 -37.05 -14.19 -26.72
C THR C 442 -37.29 -13.42 -28.00
N VAL C 443 -37.80 -12.19 -27.91
CA VAL C 443 -37.99 -11.38 -29.11
C VAL C 443 -36.63 -10.92 -29.66
N ASP C 444 -35.75 -10.44 -28.79
CA ASP C 444 -34.44 -9.93 -29.22
C ASP C 444 -33.42 -11.04 -29.44
N GLY C 445 -33.31 -11.98 -28.50
CA GLY C 445 -32.26 -13.00 -28.58
C GLY C 445 -30.87 -12.40 -28.68
N VAL C 446 -30.06 -12.90 -29.60
CA VAL C 446 -28.76 -12.30 -29.94
C VAL C 446 -28.95 -11.43 -31.17
N ALA C 447 -28.64 -10.15 -31.06
CA ALA C 447 -28.88 -9.21 -32.14
C ALA C 447 -27.59 -8.55 -32.60
N PHE C 448 -27.56 -8.20 -33.87
CA PHE C 448 -26.46 -7.53 -34.53
C PHE C 448 -26.96 -6.18 -34.99
N VAL C 449 -26.17 -5.12 -34.76
CA VAL C 449 -26.59 -3.75 -35.02
C VAL C 449 -25.46 -3.01 -35.72
N GLY C 450 -25.83 -1.93 -36.40
CA GLY C 450 -24.85 -1.13 -37.13
C GLY C 450 -25.43 0.23 -37.45
N ALA C 451 -24.55 1.17 -37.77
CA ALA C 451 -24.96 2.51 -38.18
C ALA C 451 -23.85 3.08 -39.05
N ASN C 452 -24.22 3.94 -39.98
CA ASN C 452 -23.26 4.65 -40.82
C ASN C 452 -22.55 5.72 -40.01
N ALA C 453 -21.49 6.26 -40.60
CA ALA C 453 -20.77 7.40 -40.06
C ALA C 453 -21.68 8.61 -39.94
N SER C 454 -21.76 9.19 -38.73
CA SER C 454 -22.64 10.34 -38.55
C SER C 454 -22.09 11.61 -39.15
N GLY C 455 -20.76 11.69 -39.31
CA GLY C 455 -20.10 12.90 -39.77
C GLY C 455 -19.49 13.76 -38.66
N THR C 456 -19.83 13.51 -37.40
CA THR C 456 -19.37 14.39 -36.32
C THR C 456 -18.98 13.55 -35.10
N ASP C 457 -17.76 13.77 -34.60
CA ASP C 457 -17.34 13.09 -33.37
C ASP C 457 -18.33 13.35 -32.23
N ASN C 458 -18.64 12.30 -31.47
CA ASN C 458 -19.51 12.39 -30.30
C ASN C 458 -20.94 12.78 -30.62
N SER C 459 -21.34 12.79 -31.88
CA SER C 459 -22.76 12.94 -32.18
C SER C 459 -23.46 11.59 -31.98
N ASN C 460 -24.79 11.59 -32.16
CA ASN C 460 -25.55 10.38 -31.92
C ASN C 460 -25.91 9.66 -33.23
N VAL C 461 -26.26 8.39 -33.10
CA VAL C 461 -26.66 7.57 -34.24
C VAL C 461 -27.89 6.74 -33.86
N THR C 462 -28.65 6.36 -34.89
CA THR C 462 -29.72 5.38 -34.77
C THR C 462 -29.15 4.02 -35.14
N LEU C 463 -29.31 3.03 -34.27
CA LEU C 463 -28.79 1.69 -34.56
C LEU C 463 -29.81 0.93 -35.41
N THR C 464 -29.34 0.35 -36.51
CA THR C 464 -30.15 -0.55 -37.32
C THR C 464 -29.92 -1.99 -36.87
N THR C 465 -31.00 -2.72 -36.60
CA THR C 465 -30.87 -4.15 -36.33
C THR C 465 -30.73 -4.91 -37.64
N LEU C 466 -29.62 -5.64 -37.81
CA LEU C 466 -29.30 -6.37 -39.04
C LEU C 466 -29.69 -7.83 -38.99
N LEU C 467 -29.72 -8.42 -37.79
CA LEU C 467 -29.89 -9.85 -37.65
C LEU C 467 -30.23 -10.15 -36.20
N ASN C 468 -31.18 -11.07 -36.00
CA ASN C 468 -31.53 -11.59 -34.69
C ASN C 468 -31.43 -13.10 -34.72
N VAL C 469 -30.83 -13.67 -33.68
CA VAL C 469 -30.77 -15.12 -33.51
C VAL C 469 -31.59 -15.45 -32.28
N THR C 470 -32.71 -16.15 -32.46
CA THR C 470 -33.66 -16.43 -31.38
C THR C 470 -34.00 -17.92 -31.36
N LEU C 471 -34.80 -18.31 -30.36
CA LEU C 471 -35.19 -19.71 -30.20
C LEU C 471 -35.98 -20.26 -31.37
N ASP C 472 -36.70 -19.44 -32.14
CA ASP C 472 -37.50 -19.98 -33.22
C ASP C 472 -37.05 -19.54 -34.60
N GLY C 473 -35.89 -18.86 -34.72
CA GLY C 473 -35.42 -18.51 -36.03
C GLY C 473 -34.12 -17.73 -36.10
N ILE C 474 -33.40 -17.89 -37.21
CA ILE C 474 -32.35 -16.96 -37.63
C ILE C 474 -33.04 -15.93 -38.49
N LYS C 475 -32.99 -14.65 -38.08
CA LYS C 475 -33.89 -13.64 -38.64
C LYS C 475 -33.11 -12.50 -39.28
N PRO C 476 -32.67 -12.66 -40.54
CA PRO C 476 -32.00 -11.57 -41.25
C PRO C 476 -32.92 -10.41 -41.56
N LYS C 477 -32.46 -9.19 -41.27
CA LYS C 477 -33.18 -7.98 -41.66
C LYS C 477 -32.63 -7.38 -42.95
N VAL C 478 -31.52 -7.94 -43.44
CA VAL C 478 -30.93 -7.58 -44.72
C VAL C 478 -30.76 -8.90 -45.49
N PRO C 479 -30.51 -8.84 -46.80
CA PRO C 479 -30.43 -10.09 -47.58
C PRO C 479 -29.28 -10.98 -47.18
N ILE C 480 -29.39 -12.25 -47.58
CA ILE C 480 -28.28 -13.19 -47.46
C ILE C 480 -27.52 -13.14 -48.78
N THR C 481 -26.28 -12.67 -48.73
CA THR C 481 -25.47 -12.43 -49.91
C THR C 481 -24.29 -13.41 -49.92
N PHE C 482 -24.32 -14.37 -50.84
CA PHE C 482 -23.37 -15.48 -50.89
C PHE C 482 -22.07 -15.05 -51.58
N THR C 483 -20.94 -15.53 -51.05
CA THR C 483 -19.72 -15.49 -51.83
C THR C 483 -19.53 -16.84 -52.47
N PRO C 484 -19.30 -16.93 -53.79
CA PRO C 484 -19.19 -18.24 -54.43
C PRO C 484 -18.09 -19.11 -53.82
N VAL C 485 -18.38 -20.41 -53.74
CA VAL C 485 -17.47 -21.44 -53.25
C VAL C 485 -17.52 -22.62 -54.22
N THR C 486 -16.53 -23.53 -54.08
CA THR C 486 -16.54 -24.75 -54.90
C THR C 486 -17.56 -25.75 -54.36
N ALA C 487 -18.18 -26.50 -55.29
CA ALA C 487 -19.17 -27.49 -54.86
C ALA C 487 -18.56 -28.58 -53.98
N SER C 488 -17.35 -29.04 -54.31
CA SER C 488 -16.74 -30.10 -53.52
C SER C 488 -16.49 -29.70 -52.06
N SER C 489 -16.32 -28.42 -51.78
CA SER C 489 -16.12 -27.99 -50.39
C SER C 489 -17.40 -28.07 -49.54
N THR C 490 -18.58 -28.18 -50.16
CA THR C 490 -19.83 -28.05 -49.42
C THR C 490 -20.27 -29.34 -48.73
N LEU C 491 -20.95 -29.17 -47.59
CA LEU C 491 -21.52 -30.28 -46.83
C LEU C 491 -22.90 -30.66 -47.38
N ASN C 492 -23.39 -31.83 -46.97
CA ASN C 492 -24.76 -32.22 -47.28
C ASN C 492 -25.73 -31.18 -46.71
N ASN C 493 -26.82 -30.97 -47.45
CA ASN C 493 -27.87 -30.00 -47.09
C ASN C 493 -27.32 -28.56 -47.07
N SER C 494 -26.54 -28.18 -48.09
CA SER C 494 -25.91 -26.88 -48.16
C SER C 494 -26.44 -26.05 -49.31
N LEU C 495 -26.84 -24.82 -49.02
CA LEU C 495 -27.17 -23.82 -50.01
C LEU C 495 -25.94 -22.93 -50.21
N PHE C 496 -25.55 -22.70 -51.47
CA PHE C 496 -24.33 -21.97 -51.82
C PHE C 496 -24.42 -21.53 -53.28
N VAL C 497 -23.58 -20.57 -53.64
CA VAL C 497 -23.36 -20.20 -55.03
C VAL C 497 -22.07 -20.86 -55.48
N ASP C 498 -22.16 -21.61 -56.57
CA ASP C 498 -21.04 -22.40 -57.12
C ASP C 498 -20.09 -21.48 -57.86
N SER C 499 -18.81 -21.49 -57.46
CA SER C 499 -17.86 -20.61 -58.13
C SER C 499 -17.54 -21.06 -59.55
N ALA C 500 -17.84 -22.31 -59.90
CA ALA C 500 -17.60 -22.80 -61.27
C ALA C 500 -18.46 -22.07 -62.30
N ASP C 501 -19.73 -21.84 -61.98
CA ASP C 501 -20.65 -21.27 -62.95
C ASP C 501 -21.49 -20.15 -62.37
N ASN C 502 -21.26 -19.78 -61.11
CA ASN C 502 -21.95 -18.66 -60.47
C ASN C 502 -23.46 -18.88 -60.38
N LYS C 503 -23.88 -20.11 -60.19
CA LYS C 503 -25.29 -20.43 -60.06
C LYS C 503 -25.60 -20.81 -58.61
N LEU C 504 -26.78 -20.39 -58.14
CA LEU C 504 -27.28 -20.83 -56.84
C LEU C 504 -27.60 -22.33 -56.86
N LYS C 505 -27.02 -23.08 -55.93
CA LYS C 505 -27.17 -24.52 -55.96
C LYS C 505 -27.44 -25.02 -54.55
N PHE C 506 -27.97 -26.24 -54.47
CA PHE C 506 -28.24 -26.92 -53.20
C PHE C 506 -27.66 -28.33 -53.29
N LYS C 507 -26.78 -28.67 -52.34
CA LYS C 507 -26.31 -30.05 -52.21
C LYS C 507 -27.20 -30.75 -51.19
N ASP C 508 -27.99 -31.75 -51.62
CA ASP C 508 -29.04 -32.29 -50.75
C ASP C 508 -28.45 -33.28 -49.74
N ASN C 509 -29.32 -33.97 -49.02
CA ASN C 509 -28.88 -34.86 -47.95
C ASN C 509 -28.04 -36.02 -48.46
N THR C 510 -28.20 -36.41 -49.73
CA THR C 510 -27.43 -37.49 -50.32
C THR C 510 -26.08 -37.05 -50.85
N GLY C 511 -25.74 -35.77 -50.77
CA GLY C 511 -24.52 -35.30 -51.37
C GLY C 511 -24.61 -34.90 -52.83
N THR C 512 -25.79 -34.93 -53.45
CA THR C 512 -25.92 -34.55 -54.85
C THR C 512 -26.13 -33.05 -54.99
N VAL C 513 -25.31 -32.41 -55.80
CA VAL C 513 -25.45 -31.00 -56.11
C VAL C 513 -26.56 -30.80 -57.13
N LYS C 514 -27.56 -29.98 -56.77
CA LYS C 514 -28.66 -29.65 -57.66
C LYS C 514 -28.75 -28.13 -57.83
N ILE C 515 -29.28 -27.71 -58.97
CA ILE C 515 -29.43 -26.29 -59.28
C ILE C 515 -30.76 -25.80 -58.78
N VAL C 516 -30.78 -24.64 -58.12
CA VAL C 516 -32.05 -24.06 -57.69
C VAL C 516 -32.71 -23.43 -58.92
N THR C 517 -33.91 -23.91 -59.26
CA THR C 517 -34.64 -23.37 -60.40
C THR C 517 -35.06 -21.93 -60.17
N LEU C 518 -34.69 -21.05 -61.09
CA LEU C 518 -35.05 -19.64 -61.04
C LEU C 518 -35.90 -19.30 -62.24
N THR C 519 -36.93 -18.49 -62.02
CA THR C 519 -37.70 -17.94 -63.12
C THR C 519 -37.47 -16.43 -63.29
#